data_2RPH
# 
_entry.id   2RPH 
# 
_audit_conform.dict_name       mmcif_pdbx.dic 
_audit_conform.dict_version    5.392 
_audit_conform.dict_location   http://mmcif.pdb.org/dictionaries/ascii/mmcif_pdbx.dic 
# 
loop_
_database_2.database_id 
_database_2.database_code 
_database_2.pdbx_database_accession 
_database_2.pdbx_DOI 
PDB   2RPH         pdb_00002rph 10.2210/pdb2rph/pdb 
RCSB  RCSB150127   ?            ?                   
BMRB  11048        ?            10.13018/BMR11048   
WWPDB D_1000150127 ?            ?                   
# 
loop_
_pdbx_audit_revision_history.ordinal 
_pdbx_audit_revision_history.data_content_type 
_pdbx_audit_revision_history.major_revision 
_pdbx_audit_revision_history.minor_revision 
_pdbx_audit_revision_history.revision_date 
1 'Structure model' 1 0 2009-05-26 
2 'Structure model' 1 1 2011-07-13 
3 'Structure model' 1 2 2020-02-26 
4 'Structure model' 1 3 2023-06-14 
5 'Structure model' 1 4 2024-05-15 
# 
_pdbx_audit_revision_details.ordinal             1 
_pdbx_audit_revision_details.revision_ordinal    1 
_pdbx_audit_revision_details.data_content_type   'Structure model' 
_pdbx_audit_revision_details.provider            repository 
_pdbx_audit_revision_details.type                'Initial release' 
_pdbx_audit_revision_details.description         ? 
_pdbx_audit_revision_details.details             ? 
# 
loop_
_pdbx_audit_revision_group.ordinal 
_pdbx_audit_revision_group.revision_ordinal 
_pdbx_audit_revision_group.data_content_type 
_pdbx_audit_revision_group.group 
1 2 'Structure model' 'Version format compliance' 
2 3 'Structure model' 'Data collection'           
3 3 'Structure model' 'Derived calculations'      
4 3 'Structure model' Other                       
5 4 'Structure model' 'Database references'       
6 4 'Structure model' Other                       
7 5 'Structure model' 'Data collection'           
8 5 'Structure model' 'Database references'       
# 
loop_
_pdbx_audit_revision_category.ordinal 
_pdbx_audit_revision_category.revision_ordinal 
_pdbx_audit_revision_category.data_content_type 
_pdbx_audit_revision_category.category 
1  3 'Structure model' pdbx_database_status  
2  3 'Structure model' pdbx_nmr_software     
3  3 'Structure model' pdbx_nmr_spectrometer 
4  3 'Structure model' pdbx_struct_assembly  
5  3 'Structure model' pdbx_struct_oper_list 
6  4 'Structure model' database_2            
7  4 'Structure model' pdbx_database_status  
8  5 'Structure model' chem_comp_atom        
9  5 'Structure model' chem_comp_bond        
10 5 'Structure model' database_2            
# 
loop_
_pdbx_audit_revision_item.ordinal 
_pdbx_audit_revision_item.revision_ordinal 
_pdbx_audit_revision_item.data_content_type 
_pdbx_audit_revision_item.item 
1 3 'Structure model' '_pdbx_database_status.status_code_cs'       
2 3 'Structure model' '_pdbx_nmr_software.name'                    
3 3 'Structure model' '_pdbx_nmr_spectrometer.model'               
4 4 'Structure model' '_database_2.pdbx_DOI'                       
5 4 'Structure model' '_database_2.pdbx_database_accession'        
6 4 'Structure model' '_pdbx_database_status.status_code_nmr_data' 
7 5 'Structure model' '_database_2.pdbx_DOI'                       
# 
_pdbx_database_status.deposit_site                    BMRB 
_pdbx_database_status.entry_id                        2RPH 
_pdbx_database_status.process_site                    PDBJ 
_pdbx_database_status.recvd_initial_deposition_date   2008-05-15 
_pdbx_database_status.SG_entry                        ? 
_pdbx_database_status.status_code                     REL 
_pdbx_database_status.status_code_mr                  REL 
_pdbx_database_status.status_code_sf                  ? 
_pdbx_database_status.pdb_format_compatible           Y 
_pdbx_database_status.status_code_cs                  REL 
_pdbx_database_status.methods_development_category    ? 
_pdbx_database_status.status_code_nmr_data            REL 
# 
loop_
_pdbx_database_related.db_id 
_pdbx_database_related.db_name 
_pdbx_database_related.details 
_pdbx_database_related.content_type 
11048 BMRB . unspecified 
2RPD  PDB  . unspecified 
2RPE  PDB  . unspecified 
2RPF  PDB  . unspecified 
# 
loop_
_audit_author.name 
_audit_author.pdbx_ordinal 
'Masuda, T.'  1 
'Ito, Y.'     2 
'Shibata, T.' 3 
'Mikawa, T.'  4 
# 
_citation.id                        primary 
_citation.title                     'A non-canonical DNA structure enables homologous recombination in various genetic systems' 
_citation.journal_abbrev            J.Biol.Chem. 
_citation.journal_volume            284 
_citation.page_first                30230 
_citation.page_last                 30239 
_citation.year                      2009 
_citation.journal_id_ASTM           JBCHA3 
_citation.country                   US 
_citation.journal_id_ISSN           0021-9258 
_citation.journal_id_CSD            0071 
_citation.book_publisher            ? 
_citation.pdbx_database_id_PubMed   19729448 
_citation.pdbx_database_id_DOI      10.1074/jbc.M109.043810 
# 
loop_
_citation_author.citation_id 
_citation_author.name 
_citation_author.ordinal 
_citation_author.identifier_ORCID 
primary 'Masuda, T.'  1 ? 
primary 'Ito, Y.'     2 ? 
primary 'Terada, T.'  3 ? 
primary 'Shibata, T.' 4 ? 
primary 'Mikawa, T.'  5 ? 
# 
_entity.id                         1 
_entity.type                       polymer 
_entity.src_method                 syn 
_entity.pdbx_description           
;DNA (5'-D(*DTP*DAP*DCP*DG)-3')
;
_entity.formula_weight             1190.830 
_entity.pdbx_number_of_molecules   1 
_entity.pdbx_ec                    ? 
_entity.pdbx_mutation              ? 
_entity.pdbx_fragment              ? 
_entity.details                    ? 
# 
_entity_poly.entity_id                      1 
_entity_poly.type                           polydeoxyribonucleotide 
_entity_poly.nstd_linkage                   no 
_entity_poly.nstd_monomer                   no 
_entity_poly.pdbx_seq_one_letter_code       '(DT)(DA)(DC)(DG)' 
_entity_poly.pdbx_seq_one_letter_code_can   TACG 
_entity_poly.pdbx_strand_id                 A 
_entity_poly.pdbx_target_identifier         ? 
# 
loop_
_entity_poly_seq.entity_id 
_entity_poly_seq.num 
_entity_poly_seq.mon_id 
_entity_poly_seq.hetero 
1 1 DT n 
1 2 DA n 
1 3 DC n 
1 4 DG n 
# 
_pdbx_entity_src_syn.entity_id              1 
_pdbx_entity_src_syn.pdbx_src_id            1 
_pdbx_entity_src_syn.pdbx_alt_source_flag   sample 
_pdbx_entity_src_syn.pdbx_beg_seq_num       ? 
_pdbx_entity_src_syn.pdbx_end_seq_num       ? 
_pdbx_entity_src_syn.organism_scientific    ? 
_pdbx_entity_src_syn.organism_common_name   ? 
_pdbx_entity_src_syn.ncbi_taxonomy_id       ? 
_pdbx_entity_src_syn.details                'Nucleotide synthesis' 
# 
loop_
_chem_comp.id 
_chem_comp.type 
_chem_comp.mon_nstd_flag 
_chem_comp.name 
_chem_comp.pdbx_synonyms 
_chem_comp.formula 
_chem_comp.formula_weight 
DA 'DNA linking' y "2'-DEOXYADENOSINE-5'-MONOPHOSPHATE" ? 'C10 H14 N5 O6 P' 331.222 
DC 'DNA linking' y "2'-DEOXYCYTIDINE-5'-MONOPHOSPHATE"  ? 'C9 H14 N3 O7 P'  307.197 
DG 'DNA linking' y "2'-DEOXYGUANOSINE-5'-MONOPHOSPHATE" ? 'C10 H14 N5 O7 P' 347.221 
DT 'DNA linking' y "THYMIDINE-5'-MONOPHOSPHATE"         ? 'C10 H15 N2 O8 P' 322.208 
# 
loop_
_pdbx_poly_seq_scheme.asym_id 
_pdbx_poly_seq_scheme.entity_id 
_pdbx_poly_seq_scheme.seq_id 
_pdbx_poly_seq_scheme.mon_id 
_pdbx_poly_seq_scheme.ndb_seq_num 
_pdbx_poly_seq_scheme.pdb_seq_num 
_pdbx_poly_seq_scheme.auth_seq_num 
_pdbx_poly_seq_scheme.pdb_mon_id 
_pdbx_poly_seq_scheme.auth_mon_id 
_pdbx_poly_seq_scheme.pdb_strand_id 
_pdbx_poly_seq_scheme.pdb_ins_code 
_pdbx_poly_seq_scheme.hetero 
A 1 1 DT 1 1 1 DT DT A . n 
A 1 2 DA 2 2 2 DA DA A . n 
A 1 3 DC 3 3 3 DC DC A . n 
A 1 4 DG 4 4 4 DG DG A . n 
# 
_exptl.absorpt_coefficient_mu     ? 
_exptl.absorpt_correction_T_max   ? 
_exptl.absorpt_correction_T_min   ? 
_exptl.absorpt_correction_type    ? 
_exptl.absorpt_process_details    ? 
_exptl.crystals_number            ? 
_exptl.details                    ? 
_exptl.entry_id                   2RPH 
_exptl.method                     'SOLUTION NMR' 
_exptl.method_details             ? 
# 
_struct.entry_id                  2RPH 
_struct.title                     'RecT-bound ssDNA' 
_struct.pdbx_model_details        ? 
_struct.pdbx_CASP_flag            ? 
_struct.pdbx_model_type_details   ? 
# 
_struct_keywords.entry_id        2RPH 
_struct_keywords.pdbx_keywords   DNA 
_struct_keywords.text            'ssDNA, RecT, RecA, DNA' 
# 
_struct_asym.id                            A 
_struct_asym.pdbx_blank_PDB_chainid_flag   N 
_struct_asym.pdbx_modified                 N 
_struct_asym.entity_id                     1 
_struct_asym.details                       ? 
# 
_struct_ref.id                         1 
_struct_ref.db_code                    2RPH 
_struct_ref.db_name                    PDB 
_struct_ref.entity_id                  1 
_struct_ref.pdbx_db_accession          2RPH 
_struct_ref.pdbx_align_begin           1 
_struct_ref.pdbx_seq_one_letter_code   TACG 
_struct_ref.pdbx_db_isoform            ? 
# 
_struct_ref_seq.align_id                      1 
_struct_ref_seq.ref_id                        1 
_struct_ref_seq.pdbx_PDB_id_code              2RPH 
_struct_ref_seq.pdbx_strand_id                A 
_struct_ref_seq.seq_align_beg                 1 
_struct_ref_seq.pdbx_seq_align_beg_ins_code   ? 
_struct_ref_seq.seq_align_end                 4 
_struct_ref_seq.pdbx_seq_align_end_ins_code   ? 
_struct_ref_seq.pdbx_db_accession             2RPH 
_struct_ref_seq.db_align_beg                  1 
_struct_ref_seq.pdbx_db_align_beg_ins_code    ? 
_struct_ref_seq.db_align_end                  4 
_struct_ref_seq.pdbx_db_align_end_ins_code    ? 
_struct_ref_seq.pdbx_auth_seq_align_beg       1 
_struct_ref_seq.pdbx_auth_seq_align_end       4 
# 
_pdbx_struct_assembly.id                   1 
_pdbx_struct_assembly.details              author_defined_assembly 
_pdbx_struct_assembly.method_details       ? 
_pdbx_struct_assembly.oligomeric_details   monomeric 
_pdbx_struct_assembly.oligomeric_count     1 
# 
_pdbx_struct_assembly_gen.assembly_id       1 
_pdbx_struct_assembly_gen.oper_expression   1 
_pdbx_struct_assembly_gen.asym_id_list      A 
# 
_pdbx_struct_oper_list.id                   1 
_pdbx_struct_oper_list.type                 'identity operation' 
_pdbx_struct_oper_list.name                 1_555 
_pdbx_struct_oper_list.symmetry_operation   ? 
_pdbx_struct_oper_list.matrix[1][1]         1.0000000000 
_pdbx_struct_oper_list.matrix[1][2]         0.0000000000 
_pdbx_struct_oper_list.matrix[1][3]         0.0000000000 
_pdbx_struct_oper_list.vector[1]            0.0000000000 
_pdbx_struct_oper_list.matrix[2][1]         0.0000000000 
_pdbx_struct_oper_list.matrix[2][2]         1.0000000000 
_pdbx_struct_oper_list.matrix[2][3]         0.0000000000 
_pdbx_struct_oper_list.vector[2]            0.0000000000 
_pdbx_struct_oper_list.matrix[3][1]         0.0000000000 
_pdbx_struct_oper_list.matrix[3][2]         0.0000000000 
_pdbx_struct_oper_list.matrix[3][3]         1.0000000000 
_pdbx_struct_oper_list.vector[3]            0.0000000000 
# 
loop_
_pdbx_validate_rmsd_bond.id 
_pdbx_validate_rmsd_bond.PDB_model_num 
_pdbx_validate_rmsd_bond.auth_atom_id_1 
_pdbx_validate_rmsd_bond.auth_asym_id_1 
_pdbx_validate_rmsd_bond.auth_comp_id_1 
_pdbx_validate_rmsd_bond.auth_seq_id_1 
_pdbx_validate_rmsd_bond.PDB_ins_code_1 
_pdbx_validate_rmsd_bond.label_alt_id_1 
_pdbx_validate_rmsd_bond.auth_atom_id_2 
_pdbx_validate_rmsd_bond.auth_asym_id_2 
_pdbx_validate_rmsd_bond.auth_comp_id_2 
_pdbx_validate_rmsd_bond.auth_seq_id_2 
_pdbx_validate_rmsd_bond.PDB_ins_code_2 
_pdbx_validate_rmsd_bond.label_alt_id_2 
_pdbx_validate_rmsd_bond.bond_value 
_pdbx_validate_rmsd_bond.bond_target_value 
_pdbx_validate_rmsd_bond.bond_deviation 
_pdbx_validate_rmsd_bond.bond_standard_deviation 
_pdbx_validate_rmsd_bond.linker_flag 
1  1  C6 A DT 1 ? ? N1 A DT 1 ? ? 1.326 1.378 -0.052 0.007 N 
2  1  C8 A DA 2 ? ? N9 A DA 2 ? ? 1.324 1.373 -0.049 0.008 N 
3  1  N1 A DC 3 ? ? C6 A DC 3 ? ? 1.328 1.367 -0.039 0.006 N 
4  1  C8 A DG 4 ? ? N9 A DG 4 ? ? 1.291 1.374 -0.083 0.007 N 
5  2  C6 A DT 1 ? ? N1 A DT 1 ? ? 1.326 1.378 -0.052 0.007 N 
6  2  C8 A DA 2 ? ? N9 A DA 2 ? ? 1.325 1.373 -0.048 0.008 N 
7  2  N1 A DC 3 ? ? C6 A DC 3 ? ? 1.328 1.367 -0.039 0.006 N 
8  2  C8 A DG 4 ? ? N9 A DG 4 ? ? 1.291 1.374 -0.083 0.007 N 
9  3  C6 A DT 1 ? ? N1 A DT 1 ? ? 1.324 1.378 -0.054 0.007 N 
10 3  C8 A DA 2 ? ? N9 A DA 2 ? ? 1.325 1.373 -0.048 0.008 N 
11 3  N1 A DC 3 ? ? C6 A DC 3 ? ? 1.328 1.367 -0.039 0.006 N 
12 3  C8 A DG 4 ? ? N9 A DG 4 ? ? 1.292 1.374 -0.082 0.007 N 
13 4  C6 A DT 1 ? ? N1 A DT 1 ? ? 1.326 1.378 -0.052 0.007 N 
14 4  C8 A DA 2 ? ? N9 A DA 2 ? ? 1.324 1.373 -0.049 0.008 N 
15 4  N1 A DC 3 ? ? C6 A DC 3 ? ? 1.327 1.367 -0.040 0.006 N 
16 4  C8 A DG 4 ? ? N9 A DG 4 ? ? 1.291 1.374 -0.083 0.007 N 
17 5  C6 A DT 1 ? ? N1 A DT 1 ? ? 1.325 1.378 -0.053 0.007 N 
18 5  C8 A DA 2 ? ? N9 A DA 2 ? ? 1.324 1.373 -0.049 0.008 N 
19 5  N1 A DC 3 ? ? C6 A DC 3 ? ? 1.326 1.367 -0.041 0.006 N 
20 5  C8 A DG 4 ? ? N9 A DG 4 ? ? 1.291 1.374 -0.083 0.007 N 
21 6  C6 A DT 1 ? ? N1 A DT 1 ? ? 1.325 1.378 -0.053 0.007 N 
22 6  N1 A DC 3 ? ? C6 A DC 3 ? ? 1.327 1.367 -0.040 0.006 N 
23 6  C8 A DG 4 ? ? N9 A DG 4 ? ? 1.290 1.374 -0.084 0.007 N 
24 7  C6 A DT 1 ? ? N1 A DT 1 ? ? 1.325 1.378 -0.053 0.007 N 
25 7  N1 A DC 3 ? ? C6 A DC 3 ? ? 1.327 1.367 -0.040 0.006 N 
26 7  C8 A DG 4 ? ? N9 A DG 4 ? ? 1.292 1.374 -0.082 0.007 N 
27 8  C6 A DT 1 ? ? N1 A DT 1 ? ? 1.326 1.378 -0.052 0.007 N 
28 8  C8 A DA 2 ? ? N9 A DA 2 ? ? 1.325 1.373 -0.048 0.008 N 
29 8  N1 A DC 3 ? ? C6 A DC 3 ? ? 1.328 1.367 -0.039 0.006 N 
30 8  C8 A DG 4 ? ? N9 A DG 4 ? ? 1.292 1.374 -0.082 0.007 N 
31 9  C6 A DT 1 ? ? N1 A DT 1 ? ? 1.326 1.378 -0.052 0.007 N 
32 9  C8 A DA 2 ? ? N9 A DA 2 ? ? 1.325 1.373 -0.048 0.008 N 
33 9  N1 A DC 3 ? ? C6 A DC 3 ? ? 1.328 1.367 -0.039 0.006 N 
34 9  C8 A DG 4 ? ? N9 A DG 4 ? ? 1.292 1.374 -0.082 0.007 N 
35 10 C6 A DT 1 ? ? N1 A DT 1 ? ? 1.326 1.378 -0.052 0.007 N 
36 10 C8 A DA 2 ? ? N9 A DA 2 ? ? 1.325 1.373 -0.048 0.008 N 
37 10 N1 A DC 3 ? ? C6 A DC 3 ? ? 1.329 1.367 -0.038 0.006 N 
38 10 C8 A DG 4 ? ? N9 A DG 4 ? ? 1.292 1.374 -0.082 0.007 N 
# 
_pdbx_nmr_ensemble.average_constraint_violations_per_residue     ? 
_pdbx_nmr_ensemble.average_constraints_per_residue               ? 
_pdbx_nmr_ensemble.average_distance_constraint_violation         ? 
_pdbx_nmr_ensemble.average_torsion_angle_constraint_violation    ? 
_pdbx_nmr_ensemble.conformer_selection_criteria                  'structures with the lowest energy' 
_pdbx_nmr_ensemble.conformers_calculated_total_number            100 
_pdbx_nmr_ensemble.conformers_submitted_total_number             10 
_pdbx_nmr_ensemble.distance_constraint_violation_method          ? 
_pdbx_nmr_ensemble.entry_id                                      2RPH 
_pdbx_nmr_ensemble.maximum_distance_constraint_violation         ? 
_pdbx_nmr_ensemble.maximum_lower_distance_constraint_violation   ? 
_pdbx_nmr_ensemble.maximum_torsion_angle_constraint_violation    ? 
_pdbx_nmr_ensemble.maximum_upper_distance_constraint_violation   ? 
_pdbx_nmr_ensemble.representative_conformer                      1 
_pdbx_nmr_ensemble.torsion_angle_constraint_violation_method     ? 
# 
_pdbx_nmr_representative.conformer_id         1 
_pdbx_nmr_representative.entry_id             2RPH 
_pdbx_nmr_representative.selection_criteria   'lowest energy' 
# 
_pdbx_nmr_sample_details.contents         '1mM DNA, 100% D2O' 
_pdbx_nmr_sample_details.solution_id      1 
_pdbx_nmr_sample_details.solvent_system   '100% D2O' 
# 
_pdbx_nmr_exptl_sample.component             DNA 
_pdbx_nmr_exptl_sample.concentration         1 
_pdbx_nmr_exptl_sample.concentration_units   mM 
_pdbx_nmr_exptl_sample.isotopic_labeling     ? 
_pdbx_nmr_exptl_sample.solution_id           1 
# 
_pdbx_nmr_exptl_sample_conditions.conditions_id       1 
_pdbx_nmr_exptl_sample_conditions.ionic_strength      100 
_pdbx_nmr_exptl_sample_conditions.pH                  7.1 
_pdbx_nmr_exptl_sample_conditions.pressure            ambient 
_pdbx_nmr_exptl_sample_conditions.pressure_units      ? 
_pdbx_nmr_exptl_sample_conditions.temperature         298 
_pdbx_nmr_exptl_sample_conditions.temperature_units   K 
# 
_pdbx_nmr_exptl.conditions_id   1 
_pdbx_nmr_exptl.experiment_id   1 
_pdbx_nmr_exptl.solution_id     1 
_pdbx_nmr_exptl.type            '2D 1H-1H NOESY' 
# 
_pdbx_nmr_refine.entry_id           2RPH 
_pdbx_nmr_refine.method             'simulated annealing' 
_pdbx_nmr_refine.details            ? 
_pdbx_nmr_refine.software_ordinal   1 
# 
loop_
_pdbx_nmr_software.authors 
_pdbx_nmr_software.classification 
_pdbx_nmr_software.name 
_pdbx_nmr_software.version 
_pdbx_nmr_software.ordinal 
'Schwieters, Kuszewski, Tjandra, Clore' processing 'X-PLOR NIH' ? 1 
?                                       refinement 'X-PLOR NIH' ? 2 
# 
loop_
_chem_comp_atom.comp_id 
_chem_comp_atom.atom_id 
_chem_comp_atom.type_symbol 
_chem_comp_atom.pdbx_aromatic_flag 
_chem_comp_atom.pdbx_stereo_config 
_chem_comp_atom.pdbx_ordinal 
DA OP3    O N N 1   
DA P      P N N 2   
DA OP1    O N N 3   
DA OP2    O N N 4   
DA "O5'"  O N N 5   
DA "C5'"  C N N 6   
DA "C4'"  C N R 7   
DA "O4'"  O N N 8   
DA "C3'"  C N S 9   
DA "O3'"  O N N 10  
DA "C2'"  C N N 11  
DA "C1'"  C N R 12  
DA N9     N Y N 13  
DA C8     C Y N 14  
DA N7     N Y N 15  
DA C5     C Y N 16  
DA C6     C Y N 17  
DA N6     N N N 18  
DA N1     N Y N 19  
DA C2     C Y N 20  
DA N3     N Y N 21  
DA C4     C Y N 22  
DA HOP3   H N N 23  
DA HOP2   H N N 24  
DA "H5'"  H N N 25  
DA "H5''" H N N 26  
DA "H4'"  H N N 27  
DA "H3'"  H N N 28  
DA "HO3'" H N N 29  
DA "H2'"  H N N 30  
DA "H2''" H N N 31  
DA "H1'"  H N N 32  
DA H8     H N N 33  
DA H61    H N N 34  
DA H62    H N N 35  
DA H2     H N N 36  
DC OP3    O N N 37  
DC P      P N N 38  
DC OP1    O N N 39  
DC OP2    O N N 40  
DC "O5'"  O N N 41  
DC "C5'"  C N N 42  
DC "C4'"  C N R 43  
DC "O4'"  O N N 44  
DC "C3'"  C N S 45  
DC "O3'"  O N N 46  
DC "C2'"  C N N 47  
DC "C1'"  C N R 48  
DC N1     N N N 49  
DC C2     C N N 50  
DC O2     O N N 51  
DC N3     N N N 52  
DC C4     C N N 53  
DC N4     N N N 54  
DC C5     C N N 55  
DC C6     C N N 56  
DC HOP3   H N N 57  
DC HOP2   H N N 58  
DC "H5'"  H N N 59  
DC "H5''" H N N 60  
DC "H4'"  H N N 61  
DC "H3'"  H N N 62  
DC "HO3'" H N N 63  
DC "H2'"  H N N 64  
DC "H2''" H N N 65  
DC "H1'"  H N N 66  
DC H41    H N N 67  
DC H42    H N N 68  
DC H5     H N N 69  
DC H6     H N N 70  
DG OP3    O N N 71  
DG P      P N N 72  
DG OP1    O N N 73  
DG OP2    O N N 74  
DG "O5'"  O N N 75  
DG "C5'"  C N N 76  
DG "C4'"  C N R 77  
DG "O4'"  O N N 78  
DG "C3'"  C N S 79  
DG "O3'"  O N N 80  
DG "C2'"  C N N 81  
DG "C1'"  C N R 82  
DG N9     N Y N 83  
DG C8     C Y N 84  
DG N7     N Y N 85  
DG C5     C Y N 86  
DG C6     C N N 87  
DG O6     O N N 88  
DG N1     N N N 89  
DG C2     C N N 90  
DG N2     N N N 91  
DG N3     N N N 92  
DG C4     C Y N 93  
DG HOP3   H N N 94  
DG HOP2   H N N 95  
DG "H5'"  H N N 96  
DG "H5''" H N N 97  
DG "H4'"  H N N 98  
DG "H3'"  H N N 99  
DG "HO3'" H N N 100 
DG "H2'"  H N N 101 
DG "H2''" H N N 102 
DG "H1'"  H N N 103 
DG H8     H N N 104 
DG H1     H N N 105 
DG H21    H N N 106 
DG H22    H N N 107 
DT OP3    O N N 108 
DT P      P N N 109 
DT OP1    O N N 110 
DT OP2    O N N 111 
DT "O5'"  O N N 112 
DT "C5'"  C N N 113 
DT "C4'"  C N R 114 
DT "O4'"  O N N 115 
DT "C3'"  C N S 116 
DT "O3'"  O N N 117 
DT "C2'"  C N N 118 
DT "C1'"  C N R 119 
DT N1     N N N 120 
DT C2     C N N 121 
DT O2     O N N 122 
DT N3     N N N 123 
DT C4     C N N 124 
DT O4     O N N 125 
DT C5     C N N 126 
DT C7     C N N 127 
DT C6     C N N 128 
DT HOP3   H N N 129 
DT HOP2   H N N 130 
DT "H5'"  H N N 131 
DT "H5''" H N N 132 
DT "H4'"  H N N 133 
DT "H3'"  H N N 134 
DT "HO3'" H N N 135 
DT "H2'"  H N N 136 
DT "H2''" H N N 137 
DT "H1'"  H N N 138 
DT H3     H N N 139 
DT H71    H N N 140 
DT H72    H N N 141 
DT H73    H N N 142 
DT H6     H N N 143 
# 
loop_
_chem_comp_bond.comp_id 
_chem_comp_bond.atom_id_1 
_chem_comp_bond.atom_id_2 
_chem_comp_bond.value_order 
_chem_comp_bond.pdbx_aromatic_flag 
_chem_comp_bond.pdbx_stereo_config 
_chem_comp_bond.pdbx_ordinal 
DA OP3   P      sing N N 1   
DA OP3   HOP3   sing N N 2   
DA P     OP1    doub N N 3   
DA P     OP2    sing N N 4   
DA P     "O5'"  sing N N 5   
DA OP2   HOP2   sing N N 6   
DA "O5'" "C5'"  sing N N 7   
DA "C5'" "C4'"  sing N N 8   
DA "C5'" "H5'"  sing N N 9   
DA "C5'" "H5''" sing N N 10  
DA "C4'" "O4'"  sing N N 11  
DA "C4'" "C3'"  sing N N 12  
DA "C4'" "H4'"  sing N N 13  
DA "O4'" "C1'"  sing N N 14  
DA "C3'" "O3'"  sing N N 15  
DA "C3'" "C2'"  sing N N 16  
DA "C3'" "H3'"  sing N N 17  
DA "O3'" "HO3'" sing N N 18  
DA "C2'" "C1'"  sing N N 19  
DA "C2'" "H2'"  sing N N 20  
DA "C2'" "H2''" sing N N 21  
DA "C1'" N9     sing N N 22  
DA "C1'" "H1'"  sing N N 23  
DA N9    C8     sing Y N 24  
DA N9    C4     sing Y N 25  
DA C8    N7     doub Y N 26  
DA C8    H8     sing N N 27  
DA N7    C5     sing Y N 28  
DA C5    C6     sing Y N 29  
DA C5    C4     doub Y N 30  
DA C6    N6     sing N N 31  
DA C6    N1     doub Y N 32  
DA N6    H61    sing N N 33  
DA N6    H62    sing N N 34  
DA N1    C2     sing Y N 35  
DA C2    N3     doub Y N 36  
DA C2    H2     sing N N 37  
DA N3    C4     sing Y N 38  
DC OP3   P      sing N N 39  
DC OP3   HOP3   sing N N 40  
DC P     OP1    doub N N 41  
DC P     OP2    sing N N 42  
DC P     "O5'"  sing N N 43  
DC OP2   HOP2   sing N N 44  
DC "O5'" "C5'"  sing N N 45  
DC "C5'" "C4'"  sing N N 46  
DC "C5'" "H5'"  sing N N 47  
DC "C5'" "H5''" sing N N 48  
DC "C4'" "O4'"  sing N N 49  
DC "C4'" "C3'"  sing N N 50  
DC "C4'" "H4'"  sing N N 51  
DC "O4'" "C1'"  sing N N 52  
DC "C3'" "O3'"  sing N N 53  
DC "C3'" "C2'"  sing N N 54  
DC "C3'" "H3'"  sing N N 55  
DC "O3'" "HO3'" sing N N 56  
DC "C2'" "C1'"  sing N N 57  
DC "C2'" "H2'"  sing N N 58  
DC "C2'" "H2''" sing N N 59  
DC "C1'" N1     sing N N 60  
DC "C1'" "H1'"  sing N N 61  
DC N1    C2     sing N N 62  
DC N1    C6     sing N N 63  
DC C2    O2     doub N N 64  
DC C2    N3     sing N N 65  
DC N3    C4     doub N N 66  
DC C4    N4     sing N N 67  
DC C4    C5     sing N N 68  
DC N4    H41    sing N N 69  
DC N4    H42    sing N N 70  
DC C5    C6     doub N N 71  
DC C5    H5     sing N N 72  
DC C6    H6     sing N N 73  
DG OP3   P      sing N N 74  
DG OP3   HOP3   sing N N 75  
DG P     OP1    doub N N 76  
DG P     OP2    sing N N 77  
DG P     "O5'"  sing N N 78  
DG OP2   HOP2   sing N N 79  
DG "O5'" "C5'"  sing N N 80  
DG "C5'" "C4'"  sing N N 81  
DG "C5'" "H5'"  sing N N 82  
DG "C5'" "H5''" sing N N 83  
DG "C4'" "O4'"  sing N N 84  
DG "C4'" "C3'"  sing N N 85  
DG "C4'" "H4'"  sing N N 86  
DG "O4'" "C1'"  sing N N 87  
DG "C3'" "O3'"  sing N N 88  
DG "C3'" "C2'"  sing N N 89  
DG "C3'" "H3'"  sing N N 90  
DG "O3'" "HO3'" sing N N 91  
DG "C2'" "C1'"  sing N N 92  
DG "C2'" "H2'"  sing N N 93  
DG "C2'" "H2''" sing N N 94  
DG "C1'" N9     sing N N 95  
DG "C1'" "H1'"  sing N N 96  
DG N9    C8     sing Y N 97  
DG N9    C4     sing Y N 98  
DG C8    N7     doub Y N 99  
DG C8    H8     sing N N 100 
DG N7    C5     sing Y N 101 
DG C5    C6     sing N N 102 
DG C5    C4     doub Y N 103 
DG C6    O6     doub N N 104 
DG C6    N1     sing N N 105 
DG N1    C2     sing N N 106 
DG N1    H1     sing N N 107 
DG C2    N2     sing N N 108 
DG C2    N3     doub N N 109 
DG N2    H21    sing N N 110 
DG N2    H22    sing N N 111 
DG N3    C4     sing N N 112 
DT OP3   P      sing N N 113 
DT OP3   HOP3   sing N N 114 
DT P     OP1    doub N N 115 
DT P     OP2    sing N N 116 
DT P     "O5'"  sing N N 117 
DT OP2   HOP2   sing N N 118 
DT "O5'" "C5'"  sing N N 119 
DT "C5'" "C4'"  sing N N 120 
DT "C5'" "H5'"  sing N N 121 
DT "C5'" "H5''" sing N N 122 
DT "C4'" "O4'"  sing N N 123 
DT "C4'" "C3'"  sing N N 124 
DT "C4'" "H4'"  sing N N 125 
DT "O4'" "C1'"  sing N N 126 
DT "C3'" "O3'"  sing N N 127 
DT "C3'" "C2'"  sing N N 128 
DT "C3'" "H3'"  sing N N 129 
DT "O3'" "HO3'" sing N N 130 
DT "C2'" "C1'"  sing N N 131 
DT "C2'" "H2'"  sing N N 132 
DT "C2'" "H2''" sing N N 133 
DT "C1'" N1     sing N N 134 
DT "C1'" "H1'"  sing N N 135 
DT N1    C2     sing N N 136 
DT N1    C6     sing N N 137 
DT C2    O2     doub N N 138 
DT C2    N3     sing N N 139 
DT N3    C4     sing N N 140 
DT N3    H3     sing N N 141 
DT C4    O4     doub N N 142 
DT C4    C5     sing N N 143 
DT C5    C7     sing N N 144 
DT C5    C6     doub N N 145 
DT C7    H71    sing N N 146 
DT C7    H72    sing N N 147 
DT C7    H73    sing N N 148 
DT C6    H6     sing N N 149 
# 
_pdbx_nmr_spectrometer.field_strength    600 
_pdbx_nmr_spectrometer.manufacturer      Bruker 
_pdbx_nmr_spectrometer.model             AVANCE 
_pdbx_nmr_spectrometer.spectrometer_id   1 
_pdbx_nmr_spectrometer.type              'Bruker Avance' 
# 
_atom_sites.entry_id                    2RPH 
_atom_sites.fract_transf_matrix[1][1]   1.000000 
_atom_sites.fract_transf_matrix[1][2]   0.000000 
_atom_sites.fract_transf_matrix[1][3]   0.000000 
_atom_sites.fract_transf_matrix[2][1]   0.000000 
_atom_sites.fract_transf_matrix[2][2]   1.000000 
_atom_sites.fract_transf_matrix[2][3]   0.000000 
_atom_sites.fract_transf_matrix[3][1]   0.000000 
_atom_sites.fract_transf_matrix[3][2]   0.000000 
_atom_sites.fract_transf_matrix[3][3]   1.000000 
_atom_sites.fract_transf_vector[1]      0.00000 
_atom_sites.fract_transf_vector[2]      0.00000 
_atom_sites.fract_transf_vector[3]      0.00000 
# 
loop_
_atom_type.symbol 
C 
H 
N 
O 
P 
# 
loop_
_atom_site.group_PDB 
_atom_site.id 
_atom_site.type_symbol 
_atom_site.label_atom_id 
_atom_site.label_alt_id 
_atom_site.label_comp_id 
_atom_site.label_asym_id 
_atom_site.label_entity_id 
_atom_site.label_seq_id 
_atom_site.pdbx_PDB_ins_code 
_atom_site.Cartn_x 
_atom_site.Cartn_y 
_atom_site.Cartn_z 
_atom_site.occupancy 
_atom_site.B_iso_or_equiv 
_atom_site.pdbx_formal_charge 
_atom_site.auth_seq_id 
_atom_site.auth_comp_id 
_atom_site.auth_asym_id 
_atom_site.auth_atom_id 
_atom_site.pdbx_PDB_model_num 
ATOM 1    O "O5'"  . DT A 1 1 ? 1.639  -8.000 3.350  1.00 0.00 ? 1 DT A "O5'"  1  
ATOM 2    C "C5'"  . DT A 1 1 ? 1.170  -8.672 2.178  1.00 0.00 ? 1 DT A "C5'"  1  
ATOM 3    C "C4'"  . DT A 1 1 ? 0.448  -7.713 1.234  1.00 0.00 ? 1 DT A "C4'"  1  
ATOM 4    O "O4'"  . DT A 1 1 ? -0.845 -7.413 1.763  1.00 0.00 ? 1 DT A "O4'"  1  
ATOM 5    C "C3'"  . DT A 1 1 ? 1.251  -6.420 1.155  1.00 0.00 ? 1 DT A "C3'"  1  
ATOM 6    O "O3'"  . DT A 1 1 ? 1.554  -6.156 -0.218 1.00 0.00 ? 1 DT A "O3'"  1  
ATOM 7    C "C2'"  . DT A 1 1 ? 0.315  -5.310 1.675  1.00 0.00 ? 1 DT A "C2'"  1  
ATOM 8    C "C1'"  . DT A 1 1 ? -1.079 -6.004 1.788  1.00 0.00 ? 1 DT A "C1'"  1  
ATOM 9    N N1     . DT A 1 1 ? -1.704 -5.642 3.044  1.00 0.00 ? 1 DT A N1     1  
ATOM 10   C C2     . DT A 1 1 ? -2.817 -4.829 3.053  1.00 0.00 ? 1 DT A C2     1  
ATOM 11   O O2     . DT A 1 1 ? -3.319 -4.384 2.022  1.00 0.00 ? 1 DT A O2     1  
ATOM 12   N N3     . DT A 1 1 ? -3.335 -4.548 4.304  1.00 0.00 ? 1 DT A N3     1  
ATOM 13   C C4     . DT A 1 1 ? -2.831 -5.009 5.513  1.00 0.00 ? 1 DT A C4     1  
ATOM 14   O O4     . DT A 1 1 ? -3.365 -4.700 6.576  1.00 0.00 ? 1 DT A O4     1  
ATOM 15   C C5     . DT A 1 1 ? -1.662 -5.851 5.373  1.00 0.00 ? 1 DT A C5     1  
ATOM 16   C C7     . DT A 1 1 ? -0.997 -6.432 6.619  1.00 0.00 ? 1 DT A C7     1  
ATOM 17   C C6     . DT A 1 1 ? -1.159 -6.125 4.151  1.00 0.00 ? 1 DT A C6     1  
ATOM 18   H "H5'"  . DT A 1 1 ? 0.482  -9.464 2.473  1.00 0.00 ? 1 DT A "H5'"  1  
ATOM 19   H "H5''" . DT A 1 1 ? 2.019  -9.112 1.655  1.00 0.00 ? 1 DT A "H5''" 1  
ATOM 20   H "H4'"  . DT A 1 1 ? 0.355  -8.149 0.248  1.00 0.00 ? 1 DT A "H4'"  1  
ATOM 21   H "H3'"  . DT A 1 1 ? 2.177  -6.508 1.739  1.00 0.00 ? 1 DT A "H3'"  1  
ATOM 22   H "H2'"  . DT A 1 1 ? 0.651  -4.923 2.706  1.00 0.00 ? 1 DT A "H2'"  1  
ATOM 23   H "H2''" . DT A 1 1 ? 0.289  -4.485 0.928  1.00 0.00 ? 1 DT A "H2''" 1  
ATOM 24   H "H1'"  . DT A 1 1 ? -1.751 -5.757 0.968  1.00 0.00 ? 1 DT A "H1'"  1  
ATOM 25   H H3     . DT A 1 1 ? -4.151 -3.954 4.343  1.00 0.00 ? 1 DT A H3     1  
ATOM 26   H H71    . DT A 1 1 ? -1.566 -6.141 7.503  1.00 0.00 ? 1 DT A H71    1  
ATOM 27   H H72    . DT A 1 1 ? 0.020  -6.048 6.701  1.00 0.00 ? 1 DT A H72    1  
ATOM 28   H H73    . DT A 1 1 ? -0.970 -7.519 6.546  1.00 0.00 ? 1 DT A H73    1  
ATOM 29   H H6     . DT A 1 1 ? -0.287 -6.753 4.024  1.00 0.00 ? 1 DT A H6     1  
ATOM 30   H "HO5'" . DT A 1 1 ? 0.951  -8.069 4.014  1.00 0.00 ? 1 DT A "HO5'" 1  
ATOM 31   P P      . DA A 1 2 ? 3.058  -5.790 -0.666 1.00 0.00 ? 2 DA A P      1  
ATOM 32   O OP1    . DA A 1 2 ? 3.407  -6.621 -1.840 1.00 0.00 ? 2 DA A OP1    1  
ATOM 33   O OP2    . DA A 1 2 ? 3.919  -5.813 0.537  1.00 0.00 ? 2 DA A OP2    1  
ATOM 34   O "O5'"  . DA A 1 2 ? 2.915  -4.263 -1.155 1.00 0.00 ? 2 DA A "O5'"  1  
ATOM 35   C "C5'"  . DA A 1 2 ? 1.693  -3.797 -1.733 1.00 0.00 ? 2 DA A "C5'"  1  
ATOM 36   C "C4'"  . DA A 1 2 ? 1.090  -2.647 -0.924 1.00 0.00 ? 2 DA A "C4'"  1  
ATOM 37   O "O4'"  . DA A 1 2 ? 1.015  -3.022 0.439  1.00 0.00 ? 2 DA A "O4'"  1  
ATOM 38   C "C3'"  . DA A 1 2 ? 1.989  -1.444 -1.045 1.00 0.00 ? 2 DA A "C3'"  1  
ATOM 39   O "O3'"  . DA A 1 2 ? 1.272  -0.376 -1.678 1.00 0.00 ? 2 DA A "O3'"  1  
ATOM 40   C "C2'"  . DA A 1 2 ? 2.350  -1.024 0.389  1.00 0.00 ? 2 DA A "C2'"  1  
ATOM 41   C "C1'"  . DA A 1 2 ? 1.639  -2.048 1.273  1.00 0.00 ? 2 DA A "C1'"  1  
ATOM 42   N N9     . DA A 1 2 ? 2.602  -2.681 2.137  1.00 0.00 ? 2 DA A N9     1  
ATOM 43   C C8     . DA A 1 2 ? 3.760  -3.180 1.734  1.00 0.00 ? 2 DA A C8     1  
ATOM 44   N N7     . DA A 1 2 ? 4.489  -3.710 2.676  1.00 0.00 ? 2 DA A N7     1  
ATOM 45   C C5     . DA A 1 2 ? 3.704  -3.528 3.817  1.00 0.00 ? 2 DA A C5     1  
ATOM 46   C C6     . DA A 1 2 ? 3.887  -3.864 5.167  1.00 0.00 ? 2 DA A C6     1  
ATOM 47   N N6     . DA A 1 2 ? 4.976  -4.482 5.625  1.00 0.00 ? 2 DA A N6     1  
ATOM 48   N N1     . DA A 1 2 ? 2.904  -3.533 6.023  1.00 0.00 ? 2 DA A N1     1  
ATOM 49   C C2     . DA A 1 2 ? 1.821  -2.915 5.559  1.00 0.00 ? 2 DA A C2     1  
ATOM 50   N N3     . DA A 1 2 ? 1.534  -2.549 4.318  1.00 0.00 ? 2 DA A N3     1  
ATOM 51   C C4     . DA A 1 2 ? 2.538  -2.894 3.488  1.00 0.00 ? 2 DA A C4     1  
ATOM 52   H "H5'"  . DA A 1 2 ? 0.980  -4.621 -1.768 1.00 0.00 ? 2 DA A "H5'"  1  
ATOM 53   H "H5''" . DA A 1 2 ? 1.889  -3.453 -2.749 1.00 0.00 ? 2 DA A "H5''" 1  
ATOM 54   H "H4'"  . DA A 1 2 ? 0.125  -2.398 -1.297 1.00 0.00 ? 2 DA A "H4'"  1  
ATOM 55   H "H3'"  . DA A 1 2 ? 2.854  -1.717 -1.609 1.00 0.00 ? 2 DA A "H3'"  1  
ATOM 56   H "H2'"  . DA A 1 2 ? 3.434  -1.022 0.558  1.00 0.00 ? 2 DA A "H2'"  1  
ATOM 57   H "H2''" . DA A 1 2 ? 1.986  -0.040 0.614  1.00 0.00 ? 2 DA A "H2''" 1  
ATOM 58   H "H1'"  . DA A 1 2 ? 0.894  -1.568 1.838  1.00 0.00 ? 2 DA A "H1'"  1  
ATOM 59   H H8     . DA A 1 2 ? 4.044  -3.128 0.691  1.00 0.00 ? 2 DA A H8     1  
ATOM 60   H H61    . DA A 1 2 ? 5.720  -4.734 4.988  1.00 0.00 ? 2 DA A H61    1  
ATOM 61   H H62    . DA A 1 2 ? 5.058  -4.700 6.607  1.00 0.00 ? 2 DA A H62    1  
ATOM 62   H H2     . DA A 1 2 ? 1.064  -2.676 6.306  1.00 0.00 ? 2 DA A H2     1  
ATOM 63   P P      . DC A 1 3 ? 0.334  -0.601 -2.974 1.00 0.00 ? 3 DC A P      1  
ATOM 64   O OP1    . DC A 1 3 ? -0.160 -1.995 -2.975 1.00 0.00 ? 3 DC A OP1    1  
ATOM 65   O OP2    . DC A 1 3 ? 1.046  -0.071 -4.158 1.00 0.00 ? 3 DC A OP2    1  
ATOM 66   O "O5'"  . DC A 1 3 ? -0.911 0.374  -2.657 1.00 0.00 ? 3 DC A "O5'"  1  
ATOM 67   C "C5'"  . DC A 1 3 ? -1.649 0.242  -1.435 1.00 0.00 ? 3 DC A "C5'"  1  
ATOM 68   C "C4'"  . DC A 1 3 ? -1.477 1.462  -0.526 1.00 0.00 ? 3 DC A "C4'"  1  
ATOM 69   O "O4'"  . DC A 1 3 ? -0.191 1.441  0.063  1.00 0.00 ? 3 DC A "O4'"  1  
ATOM 70   C "C3'"  . DC A 1 3 ? -1.591 2.718  -1.367 1.00 0.00 ? 3 DC A "C3'"  1  
ATOM 71   O "O3'"  . DC A 1 3 ? -2.780 3.424  -0.998 1.00 0.00 ? 3 DC A "O3'"  1  
ATOM 72   C "C2'"  . DC A 1 3 ? -0.372 3.572  -1.012 1.00 0.00 ? 3 DC A "C2'"  1  
ATOM 73   C "C1'"  . DC A 1 3 ? 0.404  2.736  0.017  1.00 0.00 ? 3 DC A "C1'"  1  
ATOM 74   N N1     . DC A 1 3 ? 1.784  2.599  -0.397 1.00 0.00 ? 3 DC A N1     1  
ATOM 75   C C2     . DC A 1 3 ? 2.801  3.104  0.393  1.00 0.00 ? 3 DC A C2     1  
ATOM 76   O O2     . DC A 1 3 ? 2.542  3.736  1.414  1.00 0.00 ? 3 DC A O2     1  
ATOM 77   N N3     . DC A 1 3 ? 4.085  2.876  -0.010 1.00 0.00 ? 3 DC A N3     1  
ATOM 78   C C4     . DC A 1 3 ? 4.333  2.178  -1.132 1.00 0.00 ? 3 DC A C4     1  
ATOM 79   N N4     . DC A 1 3 ? 5.594  1.962  -1.506 1.00 0.00 ? 3 DC A N4     1  
ATOM 80   C C5     . DC A 1 3 ? 3.256  1.668  -1.928 1.00 0.00 ? 3 DC A C5     1  
ATOM 81   C C6     . DC A 1 3 ? 2.017  1.918  -1.513 1.00 0.00 ? 3 DC A C6     1  
ATOM 82   H "H5'"  . DC A 1 3 ? -1.301 -0.645 -0.906 1.00 0.00 ? 3 DC A "H5'"  1  
ATOM 83   H "H5''" . DC A 1 3 ? -2.707 0.121  -1.670 1.00 0.00 ? 3 DC A "H5''" 1  
ATOM 84   H "H4'"  . DC A 1 3 ? -2.226 1.473  0.244  1.00 0.00 ? 3 DC A "H4'"  1  
ATOM 85   H "H3'"  . DC A 1 3 ? -1.608 2.465  -2.413 1.00 0.00 ? 3 DC A "H3'"  1  
ATOM 86   H "H2'"  . DC A 1 3 ? 0.279  3.765  -1.909 1.00 0.00 ? 3 DC A "H2'"  1  
ATOM 87   H "H2''" . DC A 1 3 ? -0.716 4.520  -0.566 1.00 0.00 ? 3 DC A "H2''" 1  
ATOM 88   H "H1'"  . DC A 1 3 ? 0.349  3.172  0.989  1.00 0.00 ? 3 DC A "H1'"  1  
ATOM 89   H H41    . DC A 1 3 ? 6.355  2.319  -0.946 1.00 0.00 ? 3 DC A H41    1  
ATOM 90   H H42    . DC A 1 3 ? 5.788  1.439  -2.347 1.00 0.00 ? 3 DC A H42    1  
ATOM 91   H H5     . DC A 1 3 ? 3.430  1.055  -2.807 1.00 0.00 ? 3 DC A H5     1  
ATOM 92   H H6     . DC A 1 3 ? 1.161  1.572  -2.084 1.00 0.00 ? 3 DC A H6     1  
ATOM 93   P P      . DG A 1 4 ? -3.505 4.405  -2.047 1.00 0.00 ? 4 DG A P      1  
ATOM 94   O OP1    . DG A 1 4 ? -3.115 5.796  -1.728 1.00 0.00 ? 4 DG A OP1    1  
ATOM 95   O OP2    . DG A 1 4 ? -4.937 4.037  -2.112 1.00 0.00 ? 4 DG A OP2    1  
ATOM 96   O "O5'"  . DG A 1 4 ? -2.816 3.996  -3.445 1.00 0.00 ? 4 DG A "O5'"  1  
ATOM 97   C "C5'"  . DG A 1 4 ? -3.589 3.393  -4.485 1.00 0.00 ? 4 DG A "C5'"  1  
ATOM 98   C "C4'"  . DG A 1 4 ? -3.370 4.094  -5.825 1.00 0.00 ? 4 DG A "C4'"  1  
ATOM 99   O "O4'"  . DG A 1 4 ? -3.885 5.414  -5.764 1.00 0.00 ? 4 DG A "O4'"  1  
ATOM 100  C "C3'"  . DG A 1 4 ? -1.888 4.163  -6.104 1.00 0.00 ? 4 DG A "C3'"  1  
ATOM 101  O "O3'"  . DG A 1 4 ? -1.515 3.205  -7.101 1.00 0.00 ? 4 DG A "O3'"  1  
ATOM 102  C "C2'"  . DG A 1 4 ? -1.654 5.585  -6.606 1.00 0.00 ? 4 DG A "C2'"  1  
ATOM 103  C "C1'"  . DG A 1 4 ? -2.956 6.335  -6.320 1.00 0.00 ? 4 DG A "C1'"  1  
ATOM 104  N N9     . DG A 1 4 ? -2.705 7.374  -5.378 1.00 0.00 ? 4 DG A N9     1  
ATOM 105  C C8     . DG A 1 4 ? -2.267 7.139  -4.186 1.00 0.00 ? 4 DG A C8     1  
ATOM 106  N N7     . DG A 1 4 ? -2.081 8.187  -3.433 1.00 0.00 ? 4 DG A N7     1  
ATOM 107  C C5     . DG A 1 4 ? -2.459 9.236  -4.276 1.00 0.00 ? 4 DG A C5     1  
ATOM 108  C C6     . DG A 1 4 ? -2.486 10.639 -4.054 1.00 0.00 ? 4 DG A C6     1  
ATOM 109  O O6     . DG A 1 4 ? -2.174 11.253 -3.037 1.00 0.00 ? 4 DG A O6     1  
ATOM 110  N N1     . DG A 1 4 ? -2.934 11.321 -5.179 1.00 0.00 ? 4 DG A N1     1  
ATOM 111  C C2     . DG A 1 4 ? -3.307 10.727 -6.367 1.00 0.00 ? 4 DG A C2     1  
ATOM 112  N N2     . DG A 1 4 ? -3.708 11.555 -7.332 1.00 0.00 ? 4 DG A N2     1  
ATOM 113  N N3     . DG A 1 4 ? -3.283 9.410  -6.584 1.00 0.00 ? 4 DG A N3     1  
ATOM 114  C C4     . DG A 1 4 ? -2.848 8.731  -5.496 1.00 0.00 ? 4 DG A C4     1  
ATOM 115  H "H5'"  . DG A 1 4 ? -4.645 3.448  -4.223 1.00 0.00 ? 4 DG A "H5'"  1  
ATOM 116  H "H5''" . DG A 1 4 ? -3.300 2.345  -4.581 1.00 0.00 ? 4 DG A "H5''" 1  
ATOM 117  H "H4'"  . DG A 1 4 ? -3.844 3.563  -6.610 1.00 0.00 ? 4 DG A "H4'"  1  
ATOM 118  H "H3'"  . DG A 1 4 ? -1.342 3.977  -5.188 1.00 0.00 ? 4 DG A "H3'"  1  
ATOM 119  H "HO3'" . DG A 1 4 ? -1.678 2.333  -6.734 1.00 0.00 ? 4 DG A "HO3'" 1  
ATOM 120  H "H2'"  . DG A 1 4 ? -0.810 6.078  -6.059 1.00 0.00 ? 4 DG A "H2'"  1  
ATOM 121  H "H2''" . DG A 1 4 ? -1.462 5.551  -7.686 1.00 0.00 ? 4 DG A "H2''" 1  
ATOM 122  H "H1'"  . DG A 1 4 ? -3.348 6.738  -7.186 1.00 0.00 ? 4 DG A "H1'"  1  
ATOM 123  H H8     . DG A 1 4 ? -2.093 6.126  -3.903 1.00 0.00 ? 4 DG A H8     1  
ATOM 124  H H1     . DG A 1 4 ? -2.984 12.327 -5.107 1.00 0.00 ? 4 DG A H1     1  
ATOM 125  H H21    . DG A 1 4 ? -3.727 12.551 -7.167 1.00 0.00 ? 4 DG A H21    1  
ATOM 126  H H22    . DG A 1 4 ? -3.995 11.185 -8.226 1.00 0.00 ? 4 DG A H22    1  
ATOM 127  O "O5'"  . DT A 1 1 ? 2.517  -8.230 2.473  1.00 0.00 ? 1 DT A "O5'"  2  
ATOM 128  C "C5'"  . DT A 1 1 ? 1.169  -8.667 2.294  1.00 0.00 ? 1 DT A "C5'"  2  
ATOM 129  C "C4'"  . DT A 1 1 ? 0.417  -7.779 1.304  1.00 0.00 ? 1 DT A "C4'"  2  
ATOM 130  O "O4'"  . DT A 1 1 ? -0.847 -7.417 1.861  1.00 0.00 ? 1 DT A "O4'"  2  
ATOM 131  C "C3'"  . DT A 1 1 ? 1.233  -6.512 1.085  1.00 0.00 ? 1 DT A "C3'"  2  
ATOM 132  O "O3'"  . DT A 1 1 ? 1.483  -6.365 -0.316 1.00 0.00 ? 1 DT A "O3'"  2  
ATOM 133  C "C2'"  . DT A 1 1 ? 0.333  -5.346 1.547  1.00 0.00 ? 1 DT A "C2'"  2  
ATOM 134  C "C1'"  . DT A 1 1 ? -1.064 -6.007 1.778  1.00 0.00 ? 1 DT A "C1'"  2  
ATOM 135  N N1     . DT A 1 1 ? -1.629 -5.532 3.023  1.00 0.00 ? 1 DT A N1     2  
ATOM 136  C C2     . DT A 1 1 ? -2.732 -4.705 3.010  1.00 0.00 ? 1 DT A C2     2  
ATOM 137  O O2     . DT A 1 1 ? -3.274 -4.343 1.967  1.00 0.00 ? 1 DT A O2     2  
ATOM 138  N N3     . DT A 1 1 ? -3.191 -4.311 4.255  1.00 0.00 ? 1 DT A N3     2  
ATOM 139  C C4     . DT A 1 1 ? -2.640 -4.674 5.475  1.00 0.00 ? 1 DT A C4     2  
ATOM 140  O O4     . DT A 1 1 ? -3.124 -4.269 6.530  1.00 0.00 ? 1 DT A O4     2  
ATOM 141  C C5     . DT A 1 1 ? -1.486 -5.542 5.358  1.00 0.00 ? 1 DT A C5     2  
ATOM 142  C C7     . DT A 1 1 ? -0.774 -6.024 6.620  1.00 0.00 ? 1 DT A C7     2  
ATOM 143  C C6     . DT A 1 1 ? -1.041 -5.926 4.144  1.00 0.00 ? 1 DT A C6     2  
ATOM 144  H "H5'"  . DT A 1 1 ? 0.655  -8.641 3.256  1.00 0.00 ? 1 DT A "H5'"  2  
ATOM 145  H "H5''" . DT A 1 1 ? 1.173  -9.691 1.922  1.00 0.00 ? 1 DT A "H5''" 2  
ATOM 146  H "H4'"  . DT A 1 1 ? 0.276  -8.295 0.364  1.00 0.00 ? 1 DT A "H4'"  2  
ATOM 147  H "H3'"  . DT A 1 1 ? 2.180  -6.564 1.636  1.00 0.00 ? 1 DT A "H3'"  2  
ATOM 148  H "H2'"  . DT A 1 1 ? 0.717  -4.878 2.525  1.00 0.00 ? 1 DT A "H2'"  2  
ATOM 149  H "H2''" . DT A 1 1 ? 0.283  -4.586 0.734  1.00 0.00 ? 1 DT A "H2''" 2  
ATOM 150  H "H1'"  . DT A 1 1 ? -1.767 -5.820 0.969  1.00 0.00 ? 1 DT A "H1'"  2  
ATOM 151  H H3     . DT A 1 1 ? -3.999 -3.703 4.276  1.00 0.00 ? 1 DT A H3     2  
ATOM 152  H H71    . DT A 1 1 ? -0.349 -7.012 6.444  1.00 0.00 ? 1 DT A H71    2  
ATOM 153  H H72    . DT A 1 1 ? -1.488 -6.077 7.442  1.00 0.00 ? 1 DT A H72    2  
ATOM 154  H H73    . DT A 1 1 ? 0.023  -5.326 6.877  1.00 0.00 ? 1 DT A H73    2  
ATOM 155  H H6     . DT A 1 1 ? -0.183 -6.575 4.033  1.00 0.00 ? 1 DT A H6     2  
ATOM 156  H "HO5'" . DT A 1 1 ? 3.038  -9.000 2.712  1.00 0.00 ? 1 DT A "HO5'" 2  
ATOM 157  P P      . DA A 1 2 ? 2.948  -5.962 -0.848 1.00 0.00 ? 2 DA A P      2  
ATOM 158  O OP1    . DA A 1 2 ? 3.127  -6.541 -2.199 1.00 0.00 ? 2 DA A OP1    2  
ATOM 159  O OP2    . DA A 1 2 ? 3.927  -6.265 0.219  1.00 0.00 ? 2 DA A OP2    2  
ATOM 160  O "O5'"  . DA A 1 2 ? 2.842  -4.362 -0.995 1.00 0.00 ? 2 DA A "O5'"  2  
ATOM 161  C "C5'"  . DA A 1 2 ? 1.753  -3.770 -1.708 1.00 0.00 ? 2 DA A "C5'"  2  
ATOM 162  C "C4'"  . DA A 1 2 ? 1.083  -2.661 -0.894 1.00 0.00 ? 2 DA A "C4'"  2  
ATOM 163  O "O4'"  . DA A 1 2 ? 0.957  -3.080 0.453  1.00 0.00 ? 2 DA A "O4'"  2  
ATOM 164  C "C3'"  . DA A 1 2 ? 1.952  -1.430 -0.936 1.00 0.00 ? 2 DA A "C3'"  2  
ATOM 165  O "O3'"  . DA A 1 2 ? 1.236  -0.368 -1.578 1.00 0.00 ? 2 DA A "O3'"  2  
ATOM 166  C "C2'"  . DA A 1 2 ? 2.225  -1.038 0.525  1.00 0.00 ? 2 DA A "C2'"  2  
ATOM 167  C "C1'"  . DA A 1 2 ? 1.507  -2.112 1.345  1.00 0.00 ? 2 DA A "C1'"  2  
ATOM 168  N N9     . DA A 1 2 ? 2.446  -2.741 2.237  1.00 0.00 ? 2 DA A N9     2  
ATOM 169  C C8     . DA A 1 2 ? 3.643  -3.184 1.881  1.00 0.00 ? 2 DA A C8     2  
ATOM 170  N N7     . DA A 1 2 ? 4.337  -3.728 2.843  1.00 0.00 ? 2 DA A N7     2  
ATOM 171  C C5     . DA A 1 2 ? 3.484  -3.618 3.942  1.00 0.00 ? 2 DA A C5     2  
ATOM 172  C C6     . DA A 1 2 ? 3.602  -4.001 5.288  1.00 0.00 ? 2 DA A C6     2  
ATOM 173  N N6     . DA A 1 2 ? 4.684  -4.602 5.783  1.00 0.00 ? 2 DA A N6     2  
ATOM 174  N N1     . DA A 1 2 ? 2.562  -3.738 6.098  1.00 0.00 ? 2 DA A N1     2  
ATOM 175  C C2     . DA A 1 2 ? 1.487  -3.137 5.597  1.00 0.00 ? 2 DA A C2     2  
ATOM 176  N N3     . DA A 1 2 ? 1.255  -2.731 4.358  1.00 0.00 ? 2 DA A N3     2  
ATOM 177  C C4     . DA A 1 2 ? 2.316  -3.010 3.574  1.00 0.00 ? 2 DA A C4     2  
ATOM 178  H "H5'"  . DA A 1 2 ? 1.016  -4.541 -1.932 1.00 0.00 ? 2 DA A "H5'"  2  
ATOM 179  H "H5''" . DA A 1 2 ? 2.125  -3.352 -2.643 1.00 0.00 ? 2 DA A "H5''" 2  
ATOM 180  H "H4'"  . DA A 1 2 ? 0.132  -2.426 -1.303 1.00 0.00 ? 2 DA A "H4'"  2  
ATOM 181  H "H3'"  . DA A 1 2 ? 2.853  -1.661 -1.460 1.00 0.00 ? 2 DA A "H3'"  2  
ATOM 182  H "H2'"  . DA A 1 2 ? 3.298  -1.003 0.751  1.00 0.00 ? 2 DA A "H2'"  2  
ATOM 183  H "H2''" . DA A 1 2 ? 1.814  -0.075 0.758  1.00 0.00 ? 2 DA A "H2''" 2  
ATOM 184  H "H1'"  . DA A 1 2 ? 0.721  -1.673 1.885  1.00 0.00 ? 2 DA A "H1'"  2  
ATOM 185  H H8     . DA A 1 2 ? 3.982  -3.082 0.860  1.00 0.00 ? 2 DA A H8     2  
ATOM 186  H H61    . DA A 1 2 ? 5.470  -4.805 5.181  1.00 0.00 ? 2 DA A H61    2  
ATOM 187  H H62    . DA A 1 2 ? 4.718  -4.857 6.760  1.00 0.00 ? 2 DA A H62    2  
ATOM 188  H H2     . DA A 1 2 ? 0.681  -2.954 6.308  1.00 0.00 ? 2 DA A H2     2  
ATOM 189  P P      . DC A 1 3 ? 0.377  -0.585 -2.929 1.00 0.00 ? 3 DC A P      2  
ATOM 190  O OP1    . DC A 1 3 ? -0.077 -1.992 -2.992 1.00 0.00 ? 3 DC A OP1    2  
ATOM 191  O OP2    . DC A 1 3 ? 1.137  -0.005 -4.059 1.00 0.00 ? 3 DC A OP2    2  
ATOM 192  O "O5'"  . DC A 1 3 ? -0.911 0.348  -2.657 1.00 0.00 ? 3 DC A "O5'"  2  
ATOM 193  C "C5'"  . DC A 1 3 ? -1.722 0.151  -1.492 1.00 0.00 ? 3 DC A "C5'"  2  
ATOM 194  C "C4'"  . DC A 1 3 ? -1.638 1.337  -0.528 1.00 0.00 ? 3 DC A "C4'"  2  
ATOM 195  O "O4'"  . DC A 1 3 ? -0.382 1.330  0.125  1.00 0.00 ? 3 DC A "O4'"  2  
ATOM 196  C "C3'"  . DC A 1 3 ? -1.746 2.624  -1.323 1.00 0.00 ? 3 DC A "C3'"  2  
ATOM 197  O "O3'"  . DC A 1 3 ? -2.977 3.276  -0.992 1.00 0.00 ? 3 DC A "O3'"  2  
ATOM 198  C "C2'"  . DC A 1 3 ? -0.578 3.498  -0.870 1.00 0.00 ? 3 DC A "C2'"  2  
ATOM 199  C "C1'"  . DC A 1 3 ? 0.171  2.645  0.164  1.00 0.00 ? 3 DC A "C1'"  2  
ATOM 200  N N1     . DC A 1 3 ? 1.574  2.567  -0.179 1.00 0.00 ? 3 DC A N1     2  
ATOM 201  C C2     . DC A 1 3 ? 2.531  3.072  0.683  1.00 0.00 ? 3 DC A C2     2  
ATOM 202  O O2     . DC A 1 3 ? 2.198  3.654  1.712  1.00 0.00 ? 3 DC A O2     2  
ATOM 203  N N3     . DC A 1 3 ? 3.841  2.896  0.344  1.00 0.00 ? 3 DC A N3     2  
ATOM 204  C C4     . DC A 1 3 ? 4.171  2.251  -0.789 1.00 0.00 ? 3 DC A C4     2  
ATOM 205  N N4     . DC A 1 3 ? 5.456  2.086  -1.101 1.00 0.00 ? 3 DC A N4     2  
ATOM 206  C C5     . DC A 1 3 ? 3.154  1.741  -1.661 1.00 0.00 ? 3 DC A C5     2  
ATOM 207  C C6     . DC A 1 3 ? 1.887  1.938  -1.305 1.00 0.00 ? 3 DC A C6     2  
ATOM 208  H "H5'"  . DC A 1 3 ? -1.389 -0.749 -0.977 1.00 0.00 ? 3 DC A "H5'"  2  
ATOM 209  H "H5''" . DC A 1 3 ? -2.759 0.019  -1.801 1.00 0.00 ? 3 DC A "H5''" 2  
ATOM 210  H "H4'"  . DC A 1 3 ? -2.424 1.292  0.201  1.00 0.00 ? 3 DC A "H4'"  2  
ATOM 211  H "H3'"  . DC A 1 3 ? -1.702 2.414  -2.378 1.00 0.00 ? 3 DC A "H3'"  2  
ATOM 212  H "H2'"  . DC A 1 3 ? 0.113  3.749  -1.724 1.00 0.00 ? 3 DC A "H2'"  2  
ATOM 213  H "H2''" . DC A 1 3 ? -0.975 4.415  -0.406 1.00 0.00 ? 3 DC A "H2''" 2  
ATOM 214  H "H1'"  . DC A 1 3 ? 0.050  3.038  1.149  1.00 0.00 ? 3 DC A "H1'"  2  
ATOM 215  H H41    . DC A 1 3 ? 6.174  2.443  -0.488 1.00 0.00 ? 3 DC A H41    2  
ATOM 216  H H42    . DC A 1 3 ? 5.712  1.600  -1.950 1.00 0.00 ? 3 DC A H42    2  
ATOM 217  H H5     . DC A 1 3 ? 3.393  1.168  -2.551 1.00 0.00 ? 3 DC A H5     2  
ATOM 218  H H6     . DC A 1 3 ? 1.075  1.590  -1.935 1.00 0.00 ? 3 DC A H6     2  
ATOM 219  P P      . DG A 1 4 ? -3.264 3.765  0.516  1.00 0.00 ? 4 DG A P      2  
ATOM 220  O OP1    . DG A 1 4 ? -2.610 2.815  1.443  1.00 0.00 ? 4 DG A OP1    2  
ATOM 221  O OP2    . DG A 1 4 ? -4.711 4.043  0.644  1.00 0.00 ? 4 DG A OP2    2  
ATOM 222  O "O5'"  . DG A 1 4 ? -2.473 5.166  0.587  1.00 0.00 ? 4 DG A "O5'"  2  
ATOM 223  C "C5'"  . DG A 1 4 ? -2.724 6.192  -0.377 1.00 0.00 ? 4 DG A "C5'"  2  
ATOM 224  C "C4'"  . DG A 1 4 ? -1.427 6.811  -0.889 1.00 0.00 ? 4 DG A "C4'"  2  
ATOM 225  O "O4'"  . DG A 1 4 ? -0.765 5.895  -1.747 1.00 0.00 ? 4 DG A "O4'"  2  
ATOM 226  C "C3'"  . DG A 1 4 ? -1.754 8.060  -1.672 1.00 0.00 ? 4 DG A "C3'"  2  
ATOM 227  O "O3'"  . DG A 1 4 ? -1.437 9.231  -0.911 1.00 0.00 ? 4 DG A "O3'"  2  
ATOM 228  C "C2'"  . DG A 1 4 ? -0.885 7.975  -2.922 1.00 0.00 ? 4 DG A "C2'"  2  
ATOM 229  C "C1'"  . DG A 1 4 ? -0.318 6.554  -2.926 1.00 0.00 ? 4 DG A "C1'"  2  
ATOM 230  N N9     . DG A 1 4 ? -0.807 5.852  -4.067 1.00 0.00 ? 4 DG A N9     2  
ATOM 231  C C8     . DG A 1 4 ? -2.065 5.641  -4.268 1.00 0.00 ? 4 DG A C8     2  
ATOM 232  N N7     . DG A 1 4 ? -2.364 4.983  -5.353 1.00 0.00 ? 4 DG A N7     2  
ATOM 233  C C5     . DG A 1 4 ? -1.107 4.746  -5.918 1.00 0.00 ? 4 DG A C5     2  
ATOM 234  C C6     . DG A 1 4 ? -0.740 4.073  -7.116 1.00 0.00 ? 4 DG A C6     2  
ATOM 235  O O6     . DG A 1 4 ? -1.479 3.536  -7.939 1.00 0.00 ? 4 DG A O6     2  
ATOM 236  N N1     . DG A 1 4 ? 0.636  4.071  -7.294 1.00 0.00 ? 4 DG A N1     2  
ATOM 237  C C2     . DG A 1 4 ? 1.547  4.644  -6.432 1.00 0.00 ? 4 DG A C2     2  
ATOM 238  N N2     . DG A 1 4 ? 2.829  4.536  -6.778 1.00 0.00 ? 4 DG A N2     2  
ATOM 239  N N3     . DG A 1 4 ? 1.211  5.279  -5.305 1.00 0.00 ? 4 DG A N3     2  
ATOM 240  C C4     . DG A 1 4 ? -0.130 5.289  -5.116 1.00 0.00 ? 4 DG A C4     2  
ATOM 241  H "H5'"  . DG A 1 4 ? -3.334 6.970  0.084  1.00 0.00 ? 4 DG A "H5'"  2  
ATOM 242  H "H5''" . DG A 1 4 ? -3.271 5.764  -1.218 1.00 0.00 ? 4 DG A "H5''" 2  
ATOM 243  H "H4'"  . DG A 1 4 ? -0.787 7.067  -0.084 1.00 0.00 ? 4 DG A "H4'"  2  
ATOM 244  H "H3'"  . DG A 1 4 ? -2.806 8.057  -1.926 1.00 0.00 ? 4 DG A "H3'"  2  
ATOM 245  H "HO3'" . DG A 1 4 ? -0.546 9.495  -1.154 1.00 0.00 ? 4 DG A "HO3'" 2  
ATOM 246  H "H2'"  . DG A 1 4 ? -1.487 8.142  -3.852 1.00 0.00 ? 4 DG A "H2'"  2  
ATOM 247  H "H2''" . DG A 1 4 ? -0.072 8.710  -2.839 1.00 0.00 ? 4 DG A "H2''" 2  
ATOM 248  H "H1'"  . DG A 1 4 ? 0.712  6.566  -2.942 1.00 0.00 ? 4 DG A "H1'"  2  
ATOM 249  H H8     . DG A 1 4 ? -2.760 6.008  -3.547 1.00 0.00 ? 4 DG A H8     2  
ATOM 250  H H1     . DG A 1 4 ? 0.983  3.612  -8.124 1.00 0.00 ? 4 DG A H1     2  
ATOM 251  H H21    . DG A 1 4 ? 3.082  4.056  -7.630 1.00 0.00 ? 4 DG A H21    2  
ATOM 252  H H22    . DG A 1 4 ? 3.546  4.933  -6.190 1.00 0.00 ? 4 DG A H22    2  
ATOM 253  O "O5'"  . DT A 1 1 ? 2.259  -7.974 2.848  1.00 0.00 ? 1 DT A "O5'"  3  
ATOM 254  C "C5'"  . DT A 1 1 ? 1.159  -8.592 2.173  1.00 0.00 ? 1 DT A "C5'"  3  
ATOM 255  C "C4'"  . DT A 1 1 ? 0.434  -7.605 1.262  1.00 0.00 ? 1 DT A "C4'"  3  
ATOM 256  O "O4'"  . DT A 1 1 ? -0.846 -7.305 1.819  1.00 0.00 ? 1 DT A "O4'"  3  
ATOM 257  C "C3'"  . DT A 1 1 ? 1.250  -6.320 1.199  1.00 0.00 ? 1 DT A "C3'"  3  
ATOM 258  O "O3'"  . DT A 1 1 ? 1.535  -6.029 -0.172 1.00 0.00 ? 1 DT A "O3'"  3  
ATOM 259  C "C2'"  . DT A 1 1 ? 0.334  -5.211 1.759  1.00 0.00 ? 1 DT A "C2'"  3  
ATOM 260  C "C1'"  . DT A 1 1 ? -1.065 -5.893 1.881  1.00 0.00 ? 1 DT A "C1'"  3  
ATOM 261  N N1     . DT A 1 1 ? -1.662 -5.554 3.157  1.00 0.00 ? 1 DT A N1     3  
ATOM 262  C C2     . DT A 1 1 ? -2.768 -4.730 3.203  1.00 0.00 ? 1 DT A C2     3  
ATOM 263  O O2     . DT A 1 1 ? -3.283 -4.259 2.193  1.00 0.00 ? 1 DT A O2     3  
ATOM 264  N N3     . DT A 1 1 ? -3.258 -4.470 4.472  1.00 0.00 ? 1 DT A N3     3  
ATOM 265  C C4     . DT A 1 1 ? -2.735 -4.961 5.661  1.00 0.00 ? 1 DT A C4     3  
ATOM 266  O O4     . DT A 1 1 ? -3.245 -4.670 6.739  1.00 0.00 ? 1 DT A O4     3  
ATOM 267  C C5     . DT A 1 1 ? -1.578 -5.813 5.480  1.00 0.00 ? 1 DT A C5     3  
ATOM 268  C C7     . DT A 1 1 ? -0.897 -6.428 6.700  1.00 0.00 ? 1 DT A C7     3  
ATOM 269  C C6     . DT A 1 1 ? -1.103 -6.066 4.242  1.00 0.00 ? 1 DT A C6     3  
ATOM 270  H "H5'"  . DT A 1 1 ? 0.459  -8.974 2.915  1.00 0.00 ? 1 DT A "H5'"  3  
ATOM 271  H "H5''" . DT A 1 1 ? 1.531  -9.423 1.574  1.00 0.00 ? 1 DT A "H5''" 3  
ATOM 272  H "H4'"  . DT A 1 1 ? 0.319  -8.019 0.269  1.00 0.00 ? 1 DT A "H4'"  3  
ATOM 273  H "H3'"  . DT A 1 1 ? 2.184  -6.431 1.765  1.00 0.00 ? 1 DT A "H3'"  3  
ATOM 274  H "H2'"  . DT A 1 1 ? 0.692  -4.850 2.791  1.00 0.00 ? 1 DT A "H2'"  3  
ATOM 275  H "H2''" . DT A 1 1 ? 0.305  -4.371 1.030  1.00 0.00 ? 1 DT A "H2''" 3  
ATOM 276  H "H1'"  . DT A 1 1 ? -1.748 -5.620 1.080  1.00 0.00 ? 1 DT A "H1'"  3  
ATOM 277  H H3     . DT A 1 1 ? -4.067 -3.869 4.538  1.00 0.00 ? 1 DT A H3     3  
ATOM 278  H H71    . DT A 1 1 ? -1.259 -5.936 7.604  1.00 0.00 ? 1 DT A H71    3  
ATOM 279  H H72    . DT A 1 1 ? 0.182  -6.292 6.621  1.00 0.00 ? 1 DT A H72    3  
ATOM 280  H H73    . DT A 1 1 ? -1.128 -7.491 6.749  1.00 0.00 ? 1 DT A H73    3  
ATOM 281  H H6     . DT A 1 1 ? -0.240 -6.700 4.086  1.00 0.00 ? 1 DT A H6     3  
ATOM 282  H "HO5'" . DT A 1 1 ? 1.930  -7.640 3.684  1.00 0.00 ? 1 DT A "HO5'" 3  
ATOM 283  P P      . DA A 1 2 ? 3.054  -5.832 -0.666 1.00 0.00 ? 2 DA A P      3  
ATOM 284  O OP1    . DA A 1 2 ? 3.280  -6.708 -1.838 1.00 0.00 ? 2 DA A OP1    3  
ATOM 285  O OP2    . DA A 1 2 ? 3.942  -5.932 0.514  1.00 0.00 ? 2 DA A OP2    3  
ATOM 286  O "O5'"  . DA A 1 2 ? 3.061  -4.303 -1.172 1.00 0.00 ? 2 DA A "O5'"  3  
ATOM 287  C "C5'"  . DA A 1 2 ? 1.946  -3.774 -1.893 1.00 0.00 ? 2 DA A "C5'"  3  
ATOM 288  C "C4'"  . DA A 1 2 ? 1.207  -2.706 -1.083 1.00 0.00 ? 2 DA A "C4'"  3  
ATOM 289  O "O4'"  . DA A 1 2 ? 1.064  -3.148 0.254  1.00 0.00 ? 2 DA A "O4'"  3  
ATOM 290  C "C3'"  . DA A 1 2 ? 2.026  -1.439 -1.087 1.00 0.00 ? 2 DA A "C3'"  3  
ATOM 291  O "O3'"  . DA A 1 2 ? 1.285  -0.398 -1.732 1.00 0.00 ? 2 DA A "O3'"  3  
ATOM 292  C "C2'"  . DA A 1 2 ? 2.248  -1.060 0.386  1.00 0.00 ? 2 DA A "C2'"  3  
ATOM 293  C "C1'"  . DA A 1 2 ? 1.552  -2.171 1.172  1.00 0.00 ? 2 DA A "C1'"  3  
ATOM 294  N N9     . DA A 1 2 ? 2.492  -2.774 2.080  1.00 0.00 ? 2 DA A N9     3  
ATOM 295  C C8     . DA A 1 2 ? 3.711  -3.172 1.749  1.00 0.00 ? 2 DA A C8     3  
ATOM 296  N N7     . DA A 1 2 ? 4.404  -3.695 2.721  1.00 0.00 ? 2 DA A N7     3  
ATOM 297  C C5     . DA A 1 2 ? 3.525  -3.622 3.804  1.00 0.00 ? 2 DA A C5     3  
ATOM 298  C C6     . DA A 1 2 ? 3.632  -4.009 5.149  1.00 0.00 ? 2 DA A C6     3  
ATOM 299  N N6     . DA A 1 2 ? 4.726  -4.572 5.663  1.00 0.00 ? 2 DA A N6     3  
ATOM 300  N N1     . DA A 1 2 ? 2.566  -3.788 5.939  1.00 0.00 ? 2 DA A N1     3  
ATOM 301  C C2     . DA A 1 2 ? 1.478  -3.226 5.420  1.00 0.00 ? 2 DA A C2     3  
ATOM 302  N N3     . DA A 1 2 ? 1.258  -2.821 4.177  1.00 0.00 ? 2 DA A N3     3  
ATOM 303  C C4     . DA A 1 2 ? 2.344  -3.056 3.413  1.00 0.00 ? 2 DA A C4     3  
ATOM 304  H "H5'"  . DA A 1 2 ? 1.255  -4.584 -2.125 1.00 0.00 ? 2 DA A "H5'"  3  
ATOM 305  H "H5''" . DA A 1 2 ? 2.301  -3.332 -2.823 1.00 0.00 ? 2 DA A "H5''" 3  
ATOM 306  H "H4'"  . DA A 1 2 ? 0.258  -2.504 -1.516 1.00 0.00 ? 2 DA A "H4'"  3  
ATOM 307  H "H3'"  . DA A 1 2 ? 2.948  -1.628 -1.592 1.00 0.00 ? 2 DA A "H3'"  3  
ATOM 308  H "H2'"  . DA A 1 2 ? 3.313  -0.989 0.640  1.00 0.00 ? 2 DA A "H2'"  3  
ATOM 309  H "H2''" . DA A 1 2 ? 1.796  -0.116 0.620  1.00 0.00 ? 2 DA A "H2''" 3  
ATOM 310  H "H1'"  . DA A 1 2 ? 0.735  -1.771 1.697  1.00 0.00 ? 2 DA A "H1'"  3  
ATOM 311  H H8     . DA A 1 2 ? 4.066  -3.052 0.734  1.00 0.00 ? 2 DA A H8     3  
ATOM 312  H H61    . DA A 1 2 ? 5.529  -4.742 5.076  1.00 0.00 ? 2 DA A H61    3  
ATOM 313  H H62    . DA A 1 2 ? 4.749  -4.830 6.639  1.00 0.00 ? 2 DA A H62    3  
ATOM 314  H H2     . DA A 1 2 ? 0.653  -3.076 6.114  1.00 0.00 ? 2 DA A H2     3  
ATOM 315  P P      . DC A 1 3 ? 0.466  -0.628 -3.106 1.00 0.00 ? 3 DC A P      3  
ATOM 316  O OP1    . DC A 1 3 ? 0.091  -2.055 -3.210 1.00 0.00 ? 3 DC A OP1    3  
ATOM 317  O OP2    . DC A 1 3 ? 1.216  0.017  -4.206 1.00 0.00 ? 3 DC A OP2    3  
ATOM 318  O "O5'"  . DC A 1 3 ? -0.876 0.227  -2.842 1.00 0.00 ? 3 DC A "O5'"  3  
ATOM 319  C "C5'"  . DC A 1 3 ? -1.676 -0.014 -1.677 1.00 0.00 ? 3 DC A "C5'"  3  
ATOM 320  C "C4'"  . DC A 1 3 ? -1.673 1.182  -0.720 1.00 0.00 ? 3 DC A "C4'"  3  
ATOM 321  O "O4'"  . DC A 1 3 ? -0.436 1.241  -0.038 1.00 0.00 ? 3 DC A "O4'"  3  
ATOM 322  C "C3'"  . DC A 1 3 ? -1.826 2.457  -1.530 1.00 0.00 ? 3 DC A "C3'"  3  
ATOM 323  O "O3'"  . DC A 1 3 ? -3.091 3.054  -1.227 1.00 0.00 ? 3 DC A "O3'"  3  
ATOM 324  C "C2'"  . DC A 1 3 ? -0.708 3.388  -1.062 1.00 0.00 ? 3 DC A "C2'"  3  
ATOM 325  C "C1'"  . DC A 1 3 ? 0.055  2.581  -0.002 1.00 0.00 ? 3 DC A "C1'"  3  
ATOM 326  N N1     . DC A 1 3 ? 1.469  2.567  -0.313 1.00 0.00 ? 3 DC A N1     3  
ATOM 327  C C2     . DC A 1 3 ? 2.380  3.126  0.564  1.00 0.00 ? 3 DC A C2     3  
ATOM 328  O O2     . DC A 1 3 ? 1.995  3.702  1.579  1.00 0.00 ? 3 DC A O2     3  
ATOM 329  N N3     . DC A 1 3 ? 3.704  3.010  0.255  1.00 0.00 ? 3 DC A N3     3  
ATOM 330  C C4     . DC A 1 3 ? 4.089  2.372  -0.864 1.00 0.00 ? 3 DC A C4     3  
ATOM 331  N N4     . DC A 1 3 ? 5.388  2.268  -1.146 1.00 0.00 ? 3 DC A N4     3  
ATOM 332  C C5     . DC A 1 3 ? 3.119  1.803  -1.752 1.00 0.00 ? 3 DC A C5     3  
ATOM 333  C C6     . DC A 1 3 ? 1.836  1.942  -1.425 1.00 0.00 ? 3 DC A C6     3  
ATOM 334  H "H5'"  . DC A 1 3 ? -1.287 -0.886 -1.153 1.00 0.00 ? 3 DC A "H5'"  3  
ATOM 335  H "H5''" . DC A 1 3 ? -2.702 -0.216 -1.988 1.00 0.00 ? 3 DC A "H5''" 3  
ATOM 336  H "H4'"  . DC A 1 3 ? -2.474 1.105  -0.012 1.00 0.00 ? 3 DC A "H4'"  3  
ATOM 337  H "H3'"  . DC A 1 3 ? -1.751 2.240  -2.581 1.00 0.00 ? 3 DC A "H3'"  3  
ATOM 338  H "H2'"  . DC A 1 3 ? -0.011 3.658  -1.902 1.00 0.00 ? 3 DC A "H2'"  3  
ATOM 339  H "H2''" . DC A 1 3 ? -1.157 4.292  -0.619 1.00 0.00 ? 3 DC A "H2''" 3  
ATOM 340  H "H1'"  . DC A 1 3 ? -0.108 2.978  0.975  1.00 0.00 ? 3 DC A "H1'"  3  
ATOM 341  H H41    . DC A 1 3 ? 6.074  2.668  -0.522 1.00 0.00 ? 3 DC A H41    3  
ATOM 342  H H42    . DC A 1 3 ? 5.686  1.788  -1.983 1.00 0.00 ? 3 DC A H42    3  
ATOM 343  H H5     . DC A 1 3 ? 3.405  1.233  -2.630 1.00 0.00 ? 3 DC A H5     3  
ATOM 344  H H6     . DC A 1 3 ? 1.055  1.550  -2.069 1.00 0.00 ? 3 DC A H6     3  
ATOM 345  P P      . DG A 1 4 ? -4.191 3.271  -2.382 1.00 0.00 ? 4 DG A P      3  
ATOM 346  O OP1    . DG A 1 4 ? -4.960 2.016  -2.531 1.00 0.00 ? 4 DG A OP1    3  
ATOM 347  O OP2    . DG A 1 4 ? -3.516 3.868  -3.556 1.00 0.00 ? 4 DG A OP2    3  
ATOM 348  O "O5'"  . DG A 1 4 ? -5.161 4.384  -1.738 1.00 0.00 ? 4 DG A "O5'"  3  
ATOM 349  C "C5'"  . DG A 1 4 ? -4.627 5.422  -0.912 1.00 0.00 ? 4 DG A "C5'"  3  
ATOM 350  C "C4'"  . DG A 1 4 ? -5.039 6.805  -1.414 1.00 0.00 ? 4 DG A "C4'"  3  
ATOM 351  O "O4'"  . DG A 1 4 ? -3.883 7.588  -1.665 1.00 0.00 ? 4 DG A "O4'"  3  
ATOM 352  C "C3'"  . DG A 1 4 ? -5.808 6.648  -2.704 1.00 0.00 ? 4 DG A "C3'"  3  
ATOM 353  O "O3'"  . DG A 1 4 ? -7.209 6.847  -2.487 1.00 0.00 ? 4 DG A "O3'"  3  
ATOM 354  C "C2'"  . DG A 1 4 ? -5.245 7.727  -3.625 1.00 0.00 ? 4 DG A "C2'"  3  
ATOM 355  C "C1'"  . DG A 1 4 ? -3.997 8.256  -2.916 1.00 0.00 ? 4 DG A "C1'"  3  
ATOM 356  N N9     . DG A 1 4 ? -2.848 7.969  -3.707 1.00 0.00 ? 4 DG A N9     3  
ATOM 357  C C8     . DG A 1 4 ? -2.492 6.763  -4.003 1.00 0.00 ? 4 DG A C8     3  
ATOM 358  N N7     . DG A 1 4 ? -1.419 6.652  -4.736 1.00 0.00 ? 4 DG A N7     3  
ATOM 359  C C5     . DG A 1 4 ? -1.047 7.986  -4.931 1.00 0.00 ? 4 DG A C5     3  
ATOM 360  C C6     . DG A 1 4 ? 0.044  8.549  -5.646 1.00 0.00 ? 4 DG A C6     3  
ATOM 361  O O6     . DG A 1 4 ? 0.925  7.960  -6.270 1.00 0.00 ? 4 DG A O6     3  
ATOM 362  N N1     . DG A 1 4 ? 0.033  9.936  -5.578 1.00 0.00 ? 4 DG A N1     3  
ATOM 363  C C2     . DG A 1 4 ? -0.908 10.686 -4.905 1.00 0.00 ? 4 DG A C2     3  
ATOM 364  N N2     . DG A 1 4 ? -0.746 12.009 -4.956 1.00 0.00 ? 4 DG A N2     3  
ATOM 365  N N3     . DG A 1 4 ? -1.936 10.165 -4.229 1.00 0.00 ? 4 DG A N3     3  
ATOM 366  C C4     . DG A 1 4 ? -1.939 8.813  -4.288 1.00 0.00 ? 4 DG A C4     3  
ATOM 367  H "H5'"  . DG A 1 4 ? -3.539 5.353  -0.912 1.00 0.00 ? 4 DG A "H5'"  3  
ATOM 368  H "H5''" . DG A 1 4 ? -4.992 5.290  0.106  1.00 0.00 ? 4 DG A "H5''" 3  
ATOM 369  H "H4'"  . DG A 1 4 ? -5.653 7.296  -0.704 1.00 0.00 ? 4 DG A "H4'"  3  
ATOM 370  H "H3'"  . DG A 1 4 ? -5.631 5.660  -3.107 1.00 0.00 ? 4 DG A "H3'"  3  
ATOM 371  H "HO3'" . DG A 1 4 ? -7.677 6.287  -3.110 1.00 0.00 ? 4 DG A "HO3'" 3  
ATOM 372  H "H2'"  . DG A 1 4 ? -4.958 7.306  -4.623 1.00 0.00 ? 4 DG A "H2'"  3  
ATOM 373  H "H2''" . DG A 1 4 ? -5.991 8.527  -3.732 1.00 0.00 ? 4 DG A "H2''" 3  
ATOM 374  H "H1'"  . DG A 1 4 ? -4.064 9.273  -2.756 1.00 0.00 ? 4 DG A "H1'"  3  
ATOM 375  H H8     . DG A 1 4 ? -3.086 5.957  -3.635 1.00 0.00 ? 4 DG A H8     3  
ATOM 376  H H1     . DG A 1 4 ? 0.777  10.418 -6.062 1.00 0.00 ? 4 DG A H1     3  
ATOM 377  H H21    . DG A 1 4 ? 0.031  12.403 -5.467 1.00 0.00 ? 4 DG A H21    3  
ATOM 378  H H22    . DG A 1 4 ? -1.400 12.617 -4.485 1.00 0.00 ? 4 DG A H22    3  
ATOM 379  O "O5'"  . DT A 1 1 ? 1.285  -8.145 3.487  1.00 0.00 ? 1 DT A "O5'"  4  
ATOM 380  C "C5'"  . DT A 1 1 ? 1.186  -8.668 2.161  1.00 0.00 ? 1 DT A "C5'"  4  
ATOM 381  C "C4'"  . DT A 1 1 ? 0.432  -7.714 1.235  1.00 0.00 ? 1 DT A "C4'"  4  
ATOM 382  O "O4'"  . DT A 1 1 ? -0.831 -7.393 1.816  1.00 0.00 ? 1 DT A "O4'"  4  
ATOM 383  C "C3'"  . DT A 1 1 ? 1.246  -6.434 1.102  1.00 0.00 ? 1 DT A "C3'"  4  
ATOM 384  O "O3'"  . DT A 1 1 ? 1.504  -6.198 -0.285 1.00 0.00 ? 1 DT A "O3'"  4  
ATOM 385  C "C2'"  . DT A 1 1 ? 0.340  -5.302 1.634  1.00 0.00 ? 1 DT A "C2'"  4  
ATOM 386  C "C1'"  . DT A 1 1 ? -1.054 -5.981 1.818  1.00 0.00 ? 1 DT A "C1'"  4  
ATOM 387  N N1     . DT A 1 1 ? -1.625 -5.585 3.088  1.00 0.00 ? 1 DT A N1     4  
ATOM 388  C C2     . DT A 1 1 ? -2.731 -4.761 3.123  1.00 0.00 ? 1 DT A C2     4  
ATOM 389  O O2     . DT A 1 1 ? -3.268 -4.337 2.102  1.00 0.00 ? 1 DT A O2     4  
ATOM 390  N N3     . DT A 1 1 ? -3.195 -4.445 4.387  1.00 0.00 ? 1 DT A N3     4  
ATOM 391  C C4     . DT A 1 1 ? -2.646 -4.882 5.585  1.00 0.00 ? 1 DT A C4     4  
ATOM 392  O O4     . DT A 1 1 ? -3.134 -4.542 6.661  1.00 0.00 ? 1 DT A O4     4  
ATOM 393  C C5     . DT A 1 1 ? -1.491 -5.739 5.420  1.00 0.00 ? 1 DT A C5     4  
ATOM 394  C C7     . DT A 1 1 ? -0.782 -6.294 6.652  1.00 0.00 ? 1 DT A C7     4  
ATOM 395  C C6     . DT A 1 1 ? -1.041 -6.047 4.185  1.00 0.00 ? 1 DT A C6     4  
ATOM 396  H "H5'"  . DT A 1 1 ? 0.659  -9.622 2.194  1.00 0.00 ? 1 DT A "H5'"  4  
ATOM 397  H "H5''" . DT A 1 1 ? 2.188  -8.830 1.764  1.00 0.00 ? 1 DT A "H5''" 4  
ATOM 398  H "H4'"  . DT A 1 1 ? 0.290  -8.166 0.262  1.00 0.00 ? 1 DT A "H4'"  4  
ATOM 399  H "H3'"  . DT A 1 1 ? 2.192  -6.520 1.654  1.00 0.00 ? 1 DT A "H3'"  4  
ATOM 400  H "H2'"  . DT A 1 1 ? 0.720  -4.896 2.642  1.00 0.00 ? 1 DT A "H2'"  4  
ATOM 401  H "H2''" . DT A 1 1 ? 0.291  -4.494 0.871  1.00 0.00 ? 1 DT A "H2''" 4  
ATOM 402  H "H1'"  . DT A 1 1 ? -1.756 -5.748 1.020  1.00 0.00 ? 1 DT A "H1'"  4  
ATOM 403  H H3     . DT A 1 1 ? -4.004 -3.843 4.443  1.00 0.00 ? 1 DT A H3     4  
ATOM 404  H H71    . DT A 1 1 ? 0.190  -5.814 6.759  1.00 0.00 ? 1 DT A H71    4  
ATOM 405  H H72    . DT A 1 1 ? -0.646 -7.370 6.540  1.00 0.00 ? 1 DT A H72    4  
ATOM 406  H H73    . DT A 1 1 ? -1.385 -6.095 7.539  1.00 0.00 ? 1 DT A H73    4  
ATOM 407  H H6     . DT A 1 1 ? -0.180 -6.687 4.039  1.00 0.00 ? 1 DT A H6     4  
ATOM 408  H "HO5'" . DT A 1 1 ? 1.706  -8.818 4.028  1.00 0.00 ? 1 DT A "HO5'" 4  
ATOM 409  P P      . DA A 1 2 ? 2.996  -5.880 -0.796 1.00 0.00 ? 2 DA A P      4  
ATOM 410  O OP1    . DA A 1 2 ? 3.211  -6.594 -2.075 1.00 0.00 ? 2 DA A OP1    4  
ATOM 411  O OP2    . DA A 1 2 ? 3.928  -6.092 0.333  1.00 0.00 ? 2 DA A OP2    4  
ATOM 412  O "O5'"  . DA A 1 2 ? 2.932  -4.301 -1.106 1.00 0.00 ? 2 DA A "O5'"  4  
ATOM 413  C "C5'"  . DA A 1 2 ? 1.814  -3.743 -1.803 1.00 0.00 ? 2 DA A "C5'"  4  
ATOM 414  C "C4'"  . DA A 1 2 ? 1.148  -2.627 -0.997 1.00 0.00 ? 2 DA A "C4'"  4  
ATOM 415  O "O4'"  . DA A 1 2 ? 1.009  -3.040 0.350  1.00 0.00 ? 2 DA A "O4'"  4  
ATOM 416  C "C3'"  . DA A 1 2 ? 2.029  -1.405 -1.040 1.00 0.00 ? 2 DA A "C3'"  4  
ATOM 417  O "O3'"  . DA A 1 2 ? 1.332  -0.339 -1.694 1.00 0.00 ? 2 DA A "O3'"  4  
ATOM 418  C "C2'"  . DA A 1 2 ? 2.295  -1.008 0.421  1.00 0.00 ? 2 DA A "C2'"  4  
ATOM 419  C "C1'"  . DA A 1 2 ? 1.560  -2.069 1.241  1.00 0.00 ? 2 DA A "C1'"  4  
ATOM 420  N N9     . DA A 1 2 ? 2.486  -2.699 2.145  1.00 0.00 ? 2 DA A N9     4  
ATOM 421  C C8     . DA A 1 2 ? 3.680  -3.158 1.803  1.00 0.00 ? 2 DA A C8     4  
ATOM 422  N N7     . DA A 1 2 ? 4.365  -3.696 2.774  1.00 0.00 ? 2 DA A N7     4  
ATOM 423  C C5     . DA A 1 2 ? 3.506  -3.564 3.868  1.00 0.00 ? 2 DA A C5     4  
ATOM 424  C C6     . DA A 1 2 ? 3.616  -3.930 5.219  1.00 0.00 ? 2 DA A C6     4  
ATOM 425  N N6     . DA A 1 2 ? 4.691  -4.533 5.728  1.00 0.00 ? 2 DA A N6     4  
ATOM 426  N N1     . DA A 1 2 ? 2.574  -3.647 6.020  1.00 0.00 ? 2 DA A N1     4  
ATOM 427  C C2     . DA A 1 2 ? 1.506  -3.044 5.507  1.00 0.00 ? 2 DA A C2     4  
ATOM 428  N N3     . DA A 1 2 ? 1.283  -2.652 4.261  1.00 0.00 ? 2 DA A N3     4  
ATOM 429  C C4     . DA A 1 2 ? 2.346  -2.950 3.485  1.00 0.00 ? 2 DA A C4     4  
ATOM 430  H "H5'"  . DA A 1 2 ? 1.084  -4.531 -1.990 1.00 0.00 ? 2 DA A "H5'"  4  
ATOM 431  H "H5''" . DA A 1 2 ? 2.156  -3.339 -2.755 1.00 0.00 ? 2 DA A "H5''" 4  
ATOM 432  H "H4'"  . DA A 1 2 ? 0.202  -2.384 -1.414 1.00 0.00 ? 2 DA A "H4'"  4  
ATOM 433  H "H3'"  . DA A 1 2 ? 2.932  -1.649 -1.556 1.00 0.00 ? 2 DA A "H3'"  4  
ATOM 434  H "H2'"  . DA A 1 2 ? 3.367  -0.982 0.654  1.00 0.00 ? 2 DA A "H2'"  4  
ATOM 435  H "H2''" . DA A 1 2 ? 1.894  -0.039 0.644  1.00 0.00 ? 2 DA A "H2''" 4  
ATOM 436  H "H1'"  . DA A 1 2 ? 0.773  -1.620 1.772  1.00 0.00 ? 2 DA A "H1'"  4  
ATOM 437  H H8     . DA A 1 2 ? 4.026  -3.073 0.781  1.00 0.00 ? 2 DA A H8     4  
ATOM 438  H H61    . DA A 1 2 ? 5.479  -4.748 5.133  1.00 0.00 ? 2 DA A H61    4  
ATOM 439  H H62    . DA A 1 2 ? 4.718  -4.775 6.707  1.00 0.00 ? 2 DA A H62    4  
ATOM 440  H H2     . DA A 1 2 ? 0.696  -2.845 6.211  1.00 0.00 ? 2 DA A H2     4  
ATOM 441  P P      . DC A 1 3 ? 0.477  -0.555 -3.050 1.00 0.00 ? 3 DC A P      4  
ATOM 442  O OP1    . DC A 1 3 ? 0.012  -1.958 -3.107 1.00 0.00 ? 3 DC A OP1    4  
ATOM 443  O OP2    . DC A 1 3 ? 1.248  0.014  -4.177 1.00 0.00 ? 3 DC A OP2    4  
ATOM 444  O "O5'"  . DC A 1 3 ? -0.804 0.390  -2.788 1.00 0.00 ? 3 DC A "O5'"  4  
ATOM 445  C "C5'"  . DC A 1 3 ? -1.616 0.211  -1.619 1.00 0.00 ? 3 DC A "C5'"  4  
ATOM 446  C "C4'"  . DC A 1 3 ? -1.527 1.411  -0.671 1.00 0.00 ? 3 DC A "C4'"  4  
ATOM 447  O "O4'"  . DC A 1 3 ? -0.276 1.404  -0.010 1.00 0.00 ? 3 DC A "O4'"  4  
ATOM 448  C "C3'"  . DC A 1 3 ? -1.620 2.686  -1.487 1.00 0.00 ? 3 DC A "C3'"  4  
ATOM 449  O "O3'"  . DC A 1 3 ? -2.845 3.355  -1.170 1.00 0.00 ? 3 DC A "O3'"  4  
ATOM 450  C "C2'"  . DC A 1 3 ? -0.445 3.557  -1.041 1.00 0.00 ? 3 DC A "C2'"  4  
ATOM 451  C "C1'"  . DC A 1 3 ? 0.289  2.713  0.012  1.00 0.00 ? 3 DC A "C1'"  4  
ATOM 452  N N1     . DC A 1 3 ? 1.694  2.617  -0.323 1.00 0.00 ? 3 DC A N1     4  
ATOM 453  C C2     . DC A 1 3 ? 2.651  3.129  0.535  1.00 0.00 ? 3 DC A C2     4  
ATOM 454  O O2     . DC A 1 3 ? 2.317  3.732  1.552  1.00 0.00 ? 3 DC A O2     4  
ATOM 455  N N3     . DC A 1 3 ? 3.961  2.936  0.204  1.00 0.00 ? 3 DC A N3     4  
ATOM 456  C C4     . DC A 1 3 ? 4.290  2.270  -0.916 1.00 0.00 ? 3 DC A C4     4  
ATOM 457  N N4     . DC A 1 3 ? 5.576  2.087  -1.219 1.00 0.00 ? 3 DC A N4     4  
ATOM 458  C C5     . DC A 1 3 ? 3.274  1.753  -1.784 1.00 0.00 ? 3 DC A C5     4  
ATOM 459  C C6     . DC A 1 3 ? 2.008  1.967  -1.437 1.00 0.00 ? 3 DC A C6     4  
ATOM 460  H "H5'"  . DC A 1 3 ? -1.283 -0.682 -1.090 1.00 0.00 ? 3 DC A "H5'"  4  
ATOM 461  H "H5''" . DC A 1 3 ? -2.653 0.078  -1.925 1.00 0.00 ? 3 DC A "H5''" 4  
ATOM 462  H "H4'"  . DC A 1 3 ? -2.319 1.384  0.052  1.00 0.00 ? 3 DC A "H4'"  4  
ATOM 463  H "H3'"  . DC A 1 3 ? -1.572 2.460  -2.538 1.00 0.00 ? 3 DC A "H3'"  4  
ATOM 464  H "H2'"  . DC A 1 3 ? 0.252  3.786  -1.894 1.00 0.00 ? 3 DC A "H2'"  4  
ATOM 465  H "H2''" . DC A 1 3 ? -0.837 4.485  -0.594 1.00 0.00 ? 3 DC A "H2''" 4  
ATOM 466  H "H1'"  . DC A 1 3 ? 0.167  3.123  0.989  1.00 0.00 ? 3 DC A "H1'"  4  
ATOM 467  H H41    . DC A 1 3 ? 6.294  2.450  -0.609 1.00 0.00 ? 3 DC A H41    4  
ATOM 468  H H42    . DC A 1 3 ? 5.831  1.588  -2.058 1.00 0.00 ? 3 DC A H42    4  
ATOM 469  H H5     . DC A 1 3 ? 3.511  1.163  -2.663 1.00 0.00 ? 3 DC A H5     4  
ATOM 470  H H6     . DC A 1 3 ? 1.195  1.615  -2.065 1.00 0.00 ? 3 DC A H6     4  
ATOM 471  P P      . DG A 1 4 ? -3.146 3.841  0.335  1.00 0.00 ? 4 DG A P      4  
ATOM 472  O OP1    . DG A 1 4 ? -1.864 4.235  0.960  1.00 0.00 ? 4 DG A OP1    4  
ATOM 473  O OP2    . DG A 1 4 ? -4.003 2.825  0.987  1.00 0.00 ? 4 DG A OP2    4  
ATOM 474  O "O5'"  . DG A 1 4 ? -4.026 5.169  0.107  1.00 0.00 ? 4 DG A "O5'"  4  
ATOM 475  C "C5'"  . DG A 1 4 ? -3.561 6.208  -0.761 1.00 0.00 ? 4 DG A "C5'"  4  
ATOM 476  C "C4'"  . DG A 1 4 ? -4.669 6.699  -1.691 1.00 0.00 ? 4 DG A "C4'"  4  
ATOM 477  O "O4'"  . DG A 1 4 ? -4.218 7.829  -2.419 1.00 0.00 ? 4 DG A "O4'"  4  
ATOM 478  C "C3'"  . DG A 1 4 ? -5.011 5.598  -2.667 1.00 0.00 ? 4 DG A "C3'"  4  
ATOM 479  O "O3'"  . DG A 1 4 ? -6.252 4.976  -2.314 1.00 0.00 ? 4 DG A "O3'"  4  
ATOM 480  C "C2'"  . DG A 1 4 ? -5.125 6.299  -4.018 1.00 0.00 ? 4 DG A "C2'"  4  
ATOM 481  C "C1'"  . DG A 1 4 ? -4.566 7.707  -3.793 1.00 0.00 ? 4 DG A "C1'"  4  
ATOM 482  N N9     . DG A 1 4 ? -3.399 7.883  -4.590 1.00 0.00 ? 4 DG A N9     4  
ATOM 483  C C8     . DG A 1 4 ? -2.343 7.154  -4.446 1.00 0.00 ? 4 DG A C8     4  
ATOM 484  N N7     . DG A 1 4 ? -1.351 7.429  -5.245 1.00 0.00 ? 4 DG A N7     4  
ATOM 485  C C5     . DG A 1 4 ? -1.858 8.489  -6.002 1.00 0.00 ? 4 DG A C5     4  
ATOM 486  C C6     . DG A 1 4 ? -1.268 9.245  -7.052 1.00 0.00 ? 4 DG A C6     4  
ATOM 487  O O6     . DG A 1 4 ? -0.144 9.123  -7.534 1.00 0.00 ? 4 DG A O6     4  
ATOM 488  N N1     . DG A 1 4 ? -2.140 10.215 -7.527 1.00 0.00 ? 4 DG A N1     4  
ATOM 489  C C2     . DG A 1 4 ? -3.417 10.432 -7.055 1.00 0.00 ? 4 DG A C2     4  
ATOM 490  N N2     . DG A 1 4 ? -4.099 11.414 -7.644 1.00 0.00 ? 4 DG A N2     4  
ATOM 491  N N3     . DG A 1 4 ? -3.979 9.726  -6.069 1.00 0.00 ? 4 DG A N3     4  
ATOM 492  C C4     . DG A 1 4 ? -3.141 8.776  -5.595 1.00 0.00 ? 4 DG A C4     4  
ATOM 493  H "H5'"  . DG A 1 4 ? -2.735 5.828  -1.361 1.00 0.00 ? 4 DG A "H5'"  4  
ATOM 494  H "H5''" . DG A 1 4 ? -3.207 7.044  -0.157 1.00 0.00 ? 4 DG A "H5''" 4  
ATOM 495  H "H4'"  . DG A 1 4 ? -5.537 6.954  -1.139 1.00 0.00 ? 4 DG A "H4'"  4  
ATOM 496  H "H3'"  . DG A 1 4 ? -4.216 4.865  -2.673 1.00 0.00 ? 4 DG A "H3'"  4  
ATOM 497  H "HO3'" . DG A 1 4 ? -6.263 4.885  -1.357 1.00 0.00 ? 4 DG A "HO3'" 4  
ATOM 498  H "H2'"  . DG A 1 4 ? -4.520 5.777  -4.802 1.00 0.00 ? 4 DG A "H2'"  4  
ATOM 499  H "H2''" . DG A 1 4 ? -6.185 6.351  -4.302 1.00 0.00 ? 4 DG A "H2''" 4  
ATOM 500  H "H1'"  . DG A 1 4 ? -5.264 8.425  -4.035 1.00 0.00 ? 4 DG A "H1'"  4  
ATOM 501  H H8     . DG A 1 4 ? -2.354 6.392  -3.700 1.00 0.00 ? 4 DG A H8     4  
ATOM 502  H H1     . DG A 1 4 ? -1.798 10.801 -8.277 1.00 0.00 ? 4 DG A H1     4  
ATOM 503  H H21    . DG A 1 4 ? -3.675 11.948 -8.389 1.00 0.00 ? 4 DG A H21    4  
ATOM 504  H H22    . DG A 1 4 ? -5.041 11.624 -7.345 1.00 0.00 ? 4 DG A H22    4  
ATOM 505  O "O5'"  . DT A 1 1 ? 2.721  -8.056 2.956  1.00 0.00 ? 1 DT A "O5'"  5  
ATOM 506  C "C5'"  . DT A 1 1 ? 1.507  -8.655 2.498  1.00 0.00 ? 1 DT A "C5'"  5  
ATOM 507  C "C4'"  . DT A 1 1 ? 0.861  -7.832 1.385  1.00 0.00 ? 1 DT A "C4'"  5  
ATOM 508  O "O4'"  . DT A 1 1 ? -0.517 -7.618 1.696  1.00 0.00 ? 1 DT A "O4'"  5  
ATOM 509  C "C3'"  . DT A 1 1 ? 1.560  -6.481 1.320  1.00 0.00 ? 1 DT A "C3'"  5  
ATOM 510  O "O3'"  . DT A 1 1 ? 2.042  -6.279 -0.012 1.00 0.00 ? 1 DT A "O3'"  5  
ATOM 511  C "C2'"  . DT A 1 1 ? 0.470  -5.428 1.614  1.00 0.00 ? 1 DT A "C2'"  5  
ATOM 512  C "C1'"  . DT A 1 1 ? -0.865 -6.236 1.583  1.00 0.00 ? 1 DT A "C1'"  5  
ATOM 513  N N1     . DT A 1 1 ? -1.694 -5.854 2.708  1.00 0.00 ? 1 DT A N1     5  
ATOM 514  C C2     . DT A 1 1 ? -2.859 -5.148 2.499  1.00 0.00 ? 1 DT A C2     5  
ATOM 515  O O2     . DT A 1 1 ? -3.239 -4.819 1.378  1.00 0.00 ? 1 DT A O2     5  
ATOM 516  N N3     . DT A 1 1 ? -3.574 -4.834 3.641  1.00 0.00 ? 1 DT A N3     5  
ATOM 517  C C4     . DT A 1 1 ? -3.216 -5.167 4.940  1.00 0.00 ? 1 DT A C4     5  
ATOM 518  O O4     . DT A 1 1 ? -3.922 -4.840 5.891  1.00 0.00 ? 1 DT A O4     5  
ATOM 519  C C5     . DT A 1 1 ? -1.974 -5.907 5.030  1.00 0.00 ? 1 DT A C5     5  
ATOM 520  C C7     . DT A 1 1 ? -1.452 -6.342 6.398  1.00 0.00 ? 1 DT A C7     5  
ATOM 521  C C6     . DT A 1 1 ? -1.279 -6.212 3.915  1.00 0.00 ? 1 DT A C6     5  
ATOM 522  H "H5'"  . DT A 1 1 ? 0.811  -8.732 3.333  1.00 0.00 ? 1 DT A "H5'"  5  
ATOM 523  H "H5''" . DT A 1 1 ? 1.723  -9.655 2.121  1.00 0.00 ? 1 DT A "H5''" 5  
ATOM 524  H "H4'"  . DT A 1 1 ? 0.952  -8.341 0.434  1.00 0.00 ? 1 DT A "H4'"  5  
ATOM 525  H "H3'"  . DT A 1 1 ? 2.393  -6.445 2.035  1.00 0.00 ? 1 DT A "H3'"  5  
ATOM 526  H "H2'"  . DT A 1 1 ? 0.618  -4.943 2.648  1.00 0.00 ? 1 DT A "H2'"  5  
ATOM 527  H "H2''" . DT A 1 1 ? 0.488  -4.660 0.807  1.00 0.00 ? 1 DT A "H2''" 5  
ATOM 528  H "H1'"  . DT A 1 1 ? -1.428 -6.104 0.661  1.00 0.00 ? 1 DT A "H1'"  5  
ATOM 529  H H3     . DT A 1 1 ? -4.433 -4.317 3.520  1.00 0.00 ? 1 DT A H3     5  
ATOM 530  H H71    . DT A 1 1 ? -0.373 -6.479 6.349  1.00 0.00 ? 1 DT A H71    5  
ATOM 531  H H72    . DT A 1 1 ? -1.927 -7.281 6.686  1.00 0.00 ? 1 DT A H72    5  
ATOM 532  H H73    . DT A 1 1 ? -1.688 -5.575 7.136  1.00 0.00 ? 1 DT A H73    5  
ATOM 533  H H6     . DT A 1 1 ? -0.348 -6.764 3.960  1.00 0.00 ? 1 DT A H6     5  
ATOM 534  H "HO5'" . DT A 1 1 ? 2.599  -7.835 3.882  1.00 0.00 ? 1 DT A "HO5'" 5  
ATOM 535  P P      . DA A 1 2 ? 1.029  -6.313 -1.263 1.00 0.00 ? 2 DA A P      5  
ATOM 536  O OP1    . DA A 1 2 ? -0.170 -7.085 -0.869 1.00 0.00 ? 2 DA A OP1    5  
ATOM 537  O OP2    . DA A 1 2 ? 1.795  -6.702 -2.469 1.00 0.00 ? 2 DA A OP2    5  
ATOM 538  O "O5'"  . DA A 1 2 ? 0.606  -4.766 -1.414 1.00 0.00 ? 2 DA A "O5'"  5  
ATOM 539  C "C5'"  . DA A 1 2 ? 1.593  -3.733 -1.357 1.00 0.00 ? 2 DA A "C5'"  5  
ATOM 540  C "C4'"  . DA A 1 2 ? 1.097  -2.526 -0.560 1.00 0.00 ? 2 DA A "C4'"  5  
ATOM 541  O "O4'"  . DA A 1 2 ? 1.112  -2.838 0.819  1.00 0.00 ? 2 DA A "O4'"  5  
ATOM 542  C "C3'"  . DA A 1 2 ? 2.028  -1.365 -0.805 1.00 0.00 ? 2 DA A "C3'"  5  
ATOM 543  O "O3'"  . DA A 1 2 ? 1.304  -0.298 -1.426 1.00 0.00 ? 2 DA A "O3'"  5  
ATOM 544  C "C2'"  . DA A 1 2 ? 2.517  -0.901 0.577  1.00 0.00 ? 2 DA A "C2'"  5  
ATOM 545  C "C1'"  . DA A 1 2 ? 1.839  -1.856 1.558  1.00 0.00 ? 2 DA A "C1'"  5  
ATOM 546  N N9     . DA A 1 2 ? 2.841  -2.494 2.372  1.00 0.00 ? 2 DA A N9     5  
ATOM 547  C C8     . DA A 1 2 ? 3.944  -3.058 1.905  1.00 0.00 ? 2 DA A C8     5  
ATOM 548  N N7     . DA A 1 2 ? 4.719  -3.588 2.810  1.00 0.00 ? 2 DA A N7     5  
ATOM 549  C C5     . DA A 1 2 ? 4.029  -3.332 3.997  1.00 0.00 ? 2 DA A C5     5  
ATOM 550  C C6     . DA A 1 2 ? 4.300  -3.628 5.343  1.00 0.00 ? 2 DA A C6     5  
ATOM 551  N N6     . DA A 1 2 ? 5.391  -4.281 5.743  1.00 0.00 ? 2 DA A N6     5  
ATOM 552  N N1     . DA A 1 2 ? 3.398  -3.224 6.255  1.00 0.00 ? 2 DA A N1     5  
ATOM 553  C C2     . DA A 1 2 ? 2.310  -2.575 5.850  1.00 0.00 ? 2 DA A C2     5  
ATOM 554  N N3     . DA A 1 2 ? 1.946  -2.238 4.621  1.00 0.00 ? 2 DA A N3     5  
ATOM 555  C C4     . DA A 1 2 ? 2.869  -2.657 3.732  1.00 0.00 ? 2 DA A C4     5  
ATOM 556  H "H5'"  . DA A 1 2 ? 1.836  -3.416 -2.372 1.00 0.00 ? 2 DA A "H5'"  5  
ATOM 557  H "H5''" . DA A 1 2 ? 2.493  -4.127 -0.884 1.00 0.00 ? 2 DA A "H5''" 5  
ATOM 558  H "H4'"  . DA A 1 2 ? 0.117  -2.252 -0.871 1.00 0.00 ? 2 DA A "H4'"  5  
ATOM 559  H "H3'"  . DA A 1 2 ? 2.835  -1.696 -1.421 1.00 0.00 ? 2 DA A "H3'"  5  
ATOM 560  H "H2'"  . DA A 1 2 ? 3.610  -0.937 0.661  1.00 0.00 ? 2 DA A "H2'"  5  
ATOM 561  H "H2''" . DA A 1 2 ? 2.210  0.107  0.783  1.00 0.00 ? 2 DA A "H2''" 5  
ATOM 562  H "H1'"  . DA A 1 2 ? 1.161  -1.322 2.157  1.00 0.00 ? 2 DA A "H1'"  5  
ATOM 563  H H8     . DA A 1 2 ? 4.150  -3.056 0.843  1.00 0.00 ? 2 DA A H8     5  
ATOM 564  H H61    . DA A 1 2 ? 6.073  -4.588 5.063  1.00 0.00 ? 2 DA A H61    5  
ATOM 565  H H62    . DA A 1 2 ? 5.536  -4.468 6.724  1.00 0.00 ? 2 DA A H62    5  
ATOM 566  H H2     . DA A 1 2 ? 1.623  -2.275 6.640  1.00 0.00 ? 2 DA A H2     5  
ATOM 567  P P      . DC A 1 3 ? 0.265  -0.539 -2.641 1.00 0.00 ? 3 DC A P      5  
ATOM 568  O OP1    . DC A 1 3 ? -0.286 -1.908 -2.538 1.00 0.00 ? 3 DC A OP1    5  
ATOM 569  O OP2    . DC A 1 3 ? 0.911  -0.097 -3.897 1.00 0.00 ? 3 DC A OP2    5  
ATOM 570  O "O5'"  . DC A 1 3 ? -0.912 0.506  -2.284 1.00 0.00 ? 3 DC A "O5'"  5  
ATOM 571  C "C5'"  . DC A 1 3 ? -1.577 0.450  -1.015 1.00 0.00 ? 3 DC A "C5'"  5  
ATOM 572  C "C4'"  . DC A 1 3 ? -1.289 1.688  -0.161 1.00 0.00 ? 3 DC A "C4'"  5  
ATOM 573  O "O4'"  . DC A 1 3 ? 0.038  1.633  0.327  1.00 0.00 ? 3 DC A "O4'"  5  
ATOM 574  C "C3'"  . DC A 1 3 ? -1.419 2.923  -1.031 1.00 0.00 ? 3 DC A "C3'"  5  
ATOM 575  O "O3'"  . DC A 1 3 ? -2.547 3.688  -0.593 1.00 0.00 ? 3 DC A "O3'"  5  
ATOM 576  C "C2'"  . DC A 1 3 ? -0.145 3.737  -0.801 1.00 0.00 ? 3 DC A "C2'"  5  
ATOM 577  C "C1'"  . DC A 1 3 ? 0.676  2.903  0.194  1.00 0.00 ? 3 DC A "C1'"  5  
ATOM 578  N N1     . DC A 1 3 ? 2.013  2.698  -0.318 1.00 0.00 ? 3 DC A N1     5  
ATOM 579  C C2     . DC A 1 3 ? 3.107  3.193  0.371  1.00 0.00 ? 3 DC A C2     5  
ATOM 580  O O2     . DC A 1 3 ? 2.948  3.871  1.385  1.00 0.00 ? 3 DC A O2     5  
ATOM 581  N N3     . DC A 1 3 ? 4.344  2.900  -0.117 1.00 0.00 ? 3 DC A N3     5  
ATOM 582  C C4     . DC A 1 3 ? 4.480  2.153  -1.228 1.00 0.00 ? 3 DC A C4     5  
ATOM 583  N N4     . DC A 1 3 ? 5.701  1.874  -1.688 1.00 0.00 ? 3 DC A N4     5  
ATOM 584  C C5     . DC A 1 3 ? 3.327  1.657  -1.919 1.00 0.00 ? 3 DC A C5     5  
ATOM 585  C C6     . DC A 1 3 ? 2.134  1.970  -1.419 1.00 0.00 ? 3 DC A C6     5  
ATOM 586  H "H5'"  . DC A 1 3 ? -1.239 -0.437 -0.478 1.00 0.00 ? 3 DC A "H5'"  5  
ATOM 587  H "H5''" . DC A 1 3 ? -2.652 0.376  -1.181 1.00 0.00 ? 3 DC A "H5''" 5  
ATOM 588  H "H4'"  . DC A 1 3 ? -1.973 1.751  0.663  1.00 0.00 ? 3 DC A "H4'"  5  
ATOM 589  H "H3'"  . DC A 1 3 ? -1.531 2.642  -2.063 1.00 0.00 ? 3 DC A "H3'"  5  
ATOM 590  H "H2'"  . DC A 1 3 ? 0.441  3.872  -1.753 1.00 0.00 ? 3 DC A "H2'"  5  
ATOM 591  H "H2''" . DC A 1 3 ? -0.416 4.712  -0.365 1.00 0.00 ? 3 DC A "H2''" 5  
ATOM 592  H "H1'"  . DC A 1 3 ? 0.711  3.370  1.152  1.00 0.00 ? 3 DC A "H1'"  5  
ATOM 593  H H41    . DC A 1 3 ? 6.514  2.223  -1.203 1.00 0.00 ? 3 DC A H41    5  
ATOM 594  H H42    . DC A 1 3 ? 5.809  1.315  -2.521 1.00 0.00 ? 3 DC A H42    5  
ATOM 595  H H5     . DC A 1 3 ? 3.409  1.005  -2.783 1.00 0.00 ? 3 DC A H5     5  
ATOM 596  H H6     . DC A 1 3 ? 1.226  1.637  -1.911 1.00 0.00 ? 3 DC A H6     5  
ATOM 597  P P      . DG A 1 4 ? -2.665 4.162  0.942  1.00 0.00 ? 4 DG A P      5  
ATOM 598  O OP1    . DG A 1 4 ? -1.538 5.076  1.232  1.00 0.00 ? 4 DG A OP1    5  
ATOM 599  O OP2    . DG A 1 4 ? -2.876 2.964  1.783  1.00 0.00 ? 4 DG A OP2    5  
ATOM 600  O "O5'"  . DG A 1 4 ? -4.025 5.025  0.941  1.00 0.00 ? 4 DG A "O5'"  5  
ATOM 601  C "C5'"  . DG A 1 4 ? -4.204 6.093  0.007  1.00 0.00 ? 4 DG A "C5'"  5  
ATOM 602  C "C4'"  . DG A 1 4 ? -5.369 5.818  -0.942 1.00 0.00 ? 4 DG A "C4'"  5  
ATOM 603  O "O4'"  . DG A 1 4 ? -5.426 6.830  -1.934 1.00 0.00 ? 4 DG A "O4'"  5  
ATOM 604  C "C3'"  . DG A 1 4 ? -5.143 4.488  -1.621 1.00 0.00 ? 4 DG A "C3'"  5  
ATOM 605  O "O3'"  . DG A 1 4 ? -6.001 3.484  -1.064 1.00 0.00 ? 4 DG A "O3'"  5  
ATOM 606  C "C2'"  . DG A 1 4 ? -5.486 4.736  -3.086 1.00 0.00 ? 4 DG A "C2'"  5  
ATOM 607  C "C1'"  . DG A 1 4 ? -5.611 6.256  -3.220 1.00 0.00 ? 4 DG A "C1'"  5  
ATOM 608  N N9     . DG A 1 4 ? -4.599 6.738  -4.098 1.00 0.00 ? 4 DG A N9     5  
ATOM 609  C C8     . DG A 1 4 ? -3.339 6.593  -3.855 1.00 0.00 ? 4 DG A C8     5  
ATOM 610  N N7     . DG A 1 4 ? -2.527 7.090  -4.747 1.00 0.00 ? 4 DG A N7     5  
ATOM 611  C C5     . DG A 1 4 ? -3.407 7.626  -5.691 1.00 0.00 ? 4 DG A C5     5  
ATOM 612  C C6     . DG A 1 4 ? -3.153 8.310  -6.910 1.00 0.00 ? 4 DG A C6     5  
ATOM 613  O O6     . DG A 1 4 ? -2.066 8.585  -7.413 1.00 0.00 ? 4 DG A O6     5  
ATOM 614  N N1     . DG A 1 4 ? -4.335 8.673  -7.542 1.00 0.00 ? 4 DG A N1     5  
ATOM 615  C C2     . DG A 1 4 ? -5.601 8.412  -7.061 1.00 0.00 ? 4 DG A C2     5  
ATOM 616  N N2     . DG A 1 4 ? -6.613 8.843  -7.815 1.00 0.00 ? 4 DG A N2     5  
ATOM 617  N N3     . DG A 1 4 ? -5.847 7.769  -5.915 1.00 0.00 ? 4 DG A N3     5  
ATOM 618  C C4     . DG A 1 4 ? -4.705 7.408  -5.288 1.00 0.00 ? 4 DG A C4     5  
ATOM 619  H "H5'"  . DG A 1 4 ? -3.291 6.214  -0.574 1.00 0.00 ? 4 DG A "H5'"  5  
ATOM 620  H "H5''" . DG A 1 4 ? -4.403 7.013  0.557  1.00 0.00 ? 4 DG A "H5''" 5  
ATOM 621  H "H4'"  . DG A 1 4 ? -6.286 5.784  -0.413 1.00 0.00 ? 4 DG A "H4'"  5  
ATOM 622  H "H3'"  . DG A 1 4 ? -4.108 4.196  -1.504 1.00 0.00 ? 4 DG A "H3'"  5  
ATOM 623  H "HO3'" . DG A 1 4 ? -6.092 2.791  -1.721 1.00 0.00 ? 4 DG A "HO3'" 5  
ATOM 624  H "H2'"  . DG A 1 4 ? -4.676 4.366  -3.765 1.00 0.00 ? 4 DG A "H2'"  5  
ATOM 625  H "H2''" . DG A 1 4 ? -6.446 4.253  -3.315 1.00 0.00 ? 4 DG A "H2''" 5  
ATOM 626  H "H1'"  . DG A 1 4 ? -6.540 6.519  -3.583 1.00 0.00 ? 4 DG A "H1'"  5  
ATOM 627  H H8     . DG A 1 4 ? -3.053 6.090  -2.958 1.00 0.00 ? 4 DG A H8     5  
ATOM 628  H H1     . DG A 1 4 ? -4.247 9.167  -8.418 1.00 0.00 ? 4 DG A H1     5  
ATOM 629  H H21    . DG A 1 4 ? -6.427 9.330  -8.681 1.00 0.00 ? 4 DG A H21    5  
ATOM 630  H H22    . DG A 1 4 ? -7.566 8.685  -7.520 1.00 0.00 ? 4 DG A H22    5  
ATOM 631  O "O5'"  . DT A 1 1 ? 1.446  -8.029 3.740  1.00 0.00 ? 1 DT A "O5'"  6  
ATOM 632  C "C5'"  . DT A 1 1 ? 1.494  -8.727 2.492  1.00 0.00 ? 1 DT A "C5'"  6  
ATOM 633  C "C4'"  . DT A 1 1 ? 0.836  -7.922 1.374  1.00 0.00 ? 1 DT A "C4'"  6  
ATOM 634  O "O4'"  . DT A 1 1 ? -0.532 -7.686 1.704  1.00 0.00 ? 1 DT A "O4'"  6  
ATOM 635  C "C3'"  . DT A 1 1 ? 1.548  -6.580 1.268  1.00 0.00 ? 1 DT A "C3'"  6  
ATOM 636  O "O3'"  . DT A 1 1 ? 2.007  -6.411 -0.078 1.00 0.00 ? 1 DT A "O3'"  6  
ATOM 637  C "C2'"  . DT A 1 1 ? 0.475  -5.508 1.558  1.00 0.00 ? 1 DT A "C2'"  6  
ATOM 638  C "C1'"  . DT A 1 1 ? -0.868 -6.303 1.567  1.00 0.00 ? 1 DT A "C1'"  6  
ATOM 639  N N1     . DT A 1 1 ? -1.673 -5.888 2.697  1.00 0.00 ? 1 DT A N1     6  
ATOM 640  C C2     . DT A 1 1 ? -2.835 -5.174 2.492  1.00 0.00 ? 1 DT A C2     6  
ATOM 641  O O2     . DT A 1 1 ? -3.230 -4.864 1.370  1.00 0.00 ? 1 DT A O2     6  
ATOM 642  N N3     . DT A 1 1 ? -3.527 -4.829 3.640  1.00 0.00 ? 1 DT A N3     6  
ATOM 643  C C4     . DT A 1 1 ? -3.151 -5.140 4.939  1.00 0.00 ? 1 DT A C4     6  
ATOM 644  O O4     . DT A 1 1 ? -3.837 -4.786 5.894  1.00 0.00 ? 1 DT A O4     6  
ATOM 645  C C5     . DT A 1 1 ? -1.916 -5.891 5.023  1.00 0.00 ? 1 DT A C5     6  
ATOM 646  C C7     . DT A 1 1 ? -1.377 -6.304 6.391  1.00 0.00 ? 1 DT A C7     6  
ATOM 647  C C6     . DT A 1 1 ? -1.242 -6.226 3.904  1.00 0.00 ? 1 DT A C6     6  
ATOM 648  H "H5'"  . DT A 1 1 ? 0.976  -9.680 2.597  1.00 0.00 ? 1 DT A "H5'"  6  
ATOM 649  H "H5''" . DT A 1 1 ? 2.535  -8.915 2.230  1.00 0.00 ? 1 DT A "H5''" 6  
ATOM 650  H "H4'"  . DT A 1 1 ? 0.907  -8.451 0.433  1.00 0.00 ? 1 DT A "H4'"  6  
ATOM 651  H "H3'"  . DT A 1 1 ? 2.394  -6.538 1.965  1.00 0.00 ? 1 DT A "H3'"  6  
ATOM 652  H "H2'"  . DT A 1 1 ? 0.646  -5.004 2.578  1.00 0.00 ? 1 DT A "H2'"  6  
ATOM 653  H "H2''" . DT A 1 1 ? 0.487  -4.758 0.735  1.00 0.00 ? 1 DT A "H2''" 6  
ATOM 654  H "H1'"  . DT A 1 1 ? -1.445 -6.184 0.651  1.00 0.00 ? 1 DT A "H1'"  6  
ATOM 655  H H3     . DT A 1 1 ? -4.384 -4.306 3.520  1.00 0.00 ? 1 DT A H3     6  
ATOM 656  H H71    . DT A 1 1 ? -1.061 -5.418 6.941  1.00 0.00 ? 1 DT A H71    6  
ATOM 657  H H72    . DT A 1 1 ? -0.527 -6.974 6.261  1.00 0.00 ? 1 DT A H72    6  
ATOM 658  H H73    . DT A 1 1 ? -2.160 -6.816 6.951  1.00 0.00 ? 1 DT A H73    6  
ATOM 659  H H6     . DT A 1 1 ? -0.317 -6.785 3.944  1.00 0.00 ? 1 DT A H6     6  
ATOM 660  H "HO5'" . DT A 1 1 ? 2.207  -8.311 4.253  1.00 0.00 ? 1 DT A "HO5'" 6  
ATOM 661  P P      . DA A 1 2 ? 0.957  -6.280 -1.289 1.00 0.00 ? 2 DA A P      6  
ATOM 662  O OP1    . DA A 1 2 ? -0.225 -7.112 -0.972 1.00 0.00 ? 2 DA A OP1    6  
ATOM 663  O OP2    . DA A 1 2 ? 1.687  -6.489 -2.561 1.00 0.00 ? 2 DA A OP2    6  
ATOM 664  O "O5'"  . DA A 1 2 ? 0.520  -4.731 -1.209 1.00 0.00 ? 2 DA A "O5'"  6  
ATOM 665  C "C5'"  . DA A 1 2 ? 1.497  -3.694 -1.325 1.00 0.00 ? 2 DA A "C5'"  6  
ATOM 666  C "C4'"  . DA A 1 2 ? 1.086  -2.445 -0.542 1.00 0.00 ? 2 DA A "C4'"  6  
ATOM 667  O "O4'"  . DA A 1 2 ? 1.104  -2.735 0.844  1.00 0.00 ? 2 DA A "O4'"  6  
ATOM 668  C "C3'"  . DA A 1 2 ? 2.081  -1.347 -0.819 1.00 0.00 ? 2 DA A "C3'"  6  
ATOM 669  O "O3'"  . DA A 1 2 ? 1.412  -0.255 -1.461 1.00 0.00 ? 2 DA A "O3'"  6  
ATOM 670  C "C2'"  . DA A 1 2 ? 2.605  -0.881 0.548  1.00 0.00 ? 2 DA A "C2'"  6  
ATOM 671  C "C1'"  . DA A 1 2 ? 1.888  -1.778 1.557  1.00 0.00 ? 2 DA A "C1'"  6  
ATOM 672  N N9     . DA A 1 2 ? 2.864  -2.451 2.375  1.00 0.00 ? 2 DA A N9     6  
ATOM 673  C C8     . DA A 1 2 ? 3.934  -3.079 1.908  1.00 0.00 ? 2 DA A C8     6  
ATOM 674  N N7     . DA A 1 2 ? 4.692  -3.624 2.819  1.00 0.00 ? 2 DA A N7     6  
ATOM 675  C C5     . DA A 1 2 ? 4.029  -3.306 4.007  1.00 0.00 ? 2 DA A C5     6  
ATOM 676  C C6     . DA A 1 2 ? 4.301  -3.583 5.356  1.00 0.00 ? 2 DA A C6     6  
ATOM 677  N N6     . DA A 1 2 ? 5.365  -4.276 5.760  1.00 0.00 ? 2 DA A N6     6  
ATOM 678  N N1     . DA A 1 2 ? 3.430  -3.114 6.267  1.00 0.00 ? 2 DA A N1     6  
ATOM 679  C C2     . DA A 1 2 ? 2.371  -2.423 5.858  1.00 0.00 ? 2 DA A C2     6  
ATOM 680  N N3     . DA A 1 2 ? 2.009  -2.100 4.625  1.00 0.00 ? 2 DA A N3     6  
ATOM 681  C C4     . DA A 1 2 ? 2.901  -2.583 3.737  1.00 0.00 ? 2 DA A C4     6  
ATOM 682  H "H5'"  . DA A 1 2 ? 1.613  -3.431 -2.377 1.00 0.00 ? 2 DA A "H5'"  6  
ATOM 683  H "H5''" . DA A 1 2 ? 2.449  -4.057 -0.942 1.00 0.00 ? 2 DA A "H5''" 6  
ATOM 684  H "H4'"  . DA A 1 2 ? 0.120  -2.120 -0.843 1.00 0.00 ? 2 DA A "H4'"  6  
ATOM 685  H "H3'"  . DA A 1 2 ? 2.861  -1.737 -1.434 1.00 0.00 ? 2 DA A "H3'"  6  
ATOM 686  H "H2'"  . DA A 1 2 ? 3.696  -0.970 0.625  1.00 0.00 ? 2 DA A "H2'"  6  
ATOM 687  H "H2''" . DA A 1 2 ? 2.352  0.145  0.737  1.00 0.00 ? 2 DA A "H2''" 6  
ATOM 688  H "H1'"  . DA A 1 2 ? 1.245  -1.197 2.150  1.00 0.00 ? 2 DA A "H1'"  6  
ATOM 689  H H8     . DA A 1 2 ? 4.128  -3.112 0.846  1.00 0.00 ? 2 DA A H8     6  
ATOM 690  H H61    . DA A 1 2 ? 6.025  -4.632 5.082  1.00 0.00 ? 2 DA A H61    6  
ATOM 691  H H62    . DA A 1 2 ? 5.513  -4.447 6.745  1.00 0.00 ? 2 DA A H62    6  
ATOM 692  H H2     . DA A 1 2 ? 1.707  -2.073 6.648  1.00 0.00 ? 2 DA A H2     6  
ATOM 693  P P      . DC A 1 3 ? 0.354  -0.464 -2.665 1.00 0.00 ? 3 DC A P      6  
ATOM 694  O OP1    . DC A 1 3 ? -0.272 -1.798 -2.528 1.00 0.00 ? 3 DC A OP1    6  
ATOM 695  O OP2    . DC A 1 3 ? 1.017  -0.087 -3.933 1.00 0.00 ? 3 DC A OP2    6  
ATOM 696  O "O5'"  . DC A 1 3 ? -0.760 0.652  -2.326 1.00 0.00 ? 3 DC A "O5'"  6  
ATOM 697  C "C5'"  . DC A 1 3 ? -1.421 0.660  -1.054 1.00 0.00 ? 3 DC A "C5'"  6  
ATOM 698  C "C4'"  . DC A 1 3 ? -1.056 1.896  -0.225 1.00 0.00 ? 3 DC A "C4'"  6  
ATOM 699  O "O4'"  . DC A 1 3 ? 0.269  1.770  0.257  1.00 0.00 ? 3 DC A "O4'"  6  
ATOM 700  C "C3'"  . DC A 1 3 ? -1.122 3.120  -1.117 1.00 0.00 ? 3 DC A "C3'"  6  
ATOM 701  O "O3'"  . DC A 1 3 ? -2.201 3.953  -0.687 1.00 0.00 ? 3 DC A "O3'"  6  
ATOM 702  C "C2'"  . DC A 1 3 ? 0.199  3.864  -0.906 1.00 0.00 ? 3 DC A "C2'"  6  
ATOM 703  C "C1'"  . DC A 1 3 ? 0.976  3.001  0.099  1.00 0.00 ? 3 DC A "C1'"  6  
ATOM 704  N N1     . DC A 1 3 ? 2.298  2.713  -0.414 1.00 0.00 ? 3 DC A N1     6  
ATOM 705  C C2     . DC A 1 3 ? 3.420  3.155  0.263  1.00 0.00 ? 3 DC A C2     6  
ATOM 706  O O2     . DC A 1 3 ? 3.307  3.859  1.263  1.00 0.00 ? 3 DC A O2     6  
ATOM 707  N N3     . DC A 1 3 ? 4.637  2.780  -0.225 1.00 0.00 ? 3 DC A N3     6  
ATOM 708  C C4     . DC A 1 3 ? 4.725  2.008  -1.322 1.00 0.00 ? 3 DC A C4     6  
ATOM 709  N N4     . DC A 1 3 ? 5.925  1.650  -1.780 1.00 0.00 ? 3 DC A N4     6  
ATOM 710  C C5     . DC A 1 3 ? 3.541  1.568  -2.001 1.00 0.00 ? 3 DC A C5     6  
ATOM 711  C C6     . DC A 1 3 ? 2.371  1.959  -1.504 1.00 0.00 ? 3 DC A C6     6  
ATOM 712  H "H5'"  . DC A 1 3 ? -1.135 -0.234 -0.501 1.00 0.00 ? 3 DC A "H5'"  6  
ATOM 713  H "H5''" . DC A 1 3 ? -2.499 0.647  -1.215 1.00 0.00 ? 3 DC A "H5''" 6  
ATOM 714  H "H4'"  . DC A 1 3 ? -1.730 2.011  0.602  1.00 0.00 ? 3 DC A "H4'"  6  
ATOM 715  H "H3'"  . DC A 1 3 ? -1.253 2.827  -2.143 1.00 0.00 ? 3 DC A "H3'"  6  
ATOM 716  H "H2'"  . DC A 1 3 ? 0.787  3.949  -1.862 1.00 0.00 ? 3 DC A "H2'"  6  
ATOM 717  H "H2''" . DC A 1 3 ? -0.014 4.858  -0.485 1.00 0.00 ? 3 DC A "H2''" 6  
ATOM 718  H "H1'"  . DC A 1 3 ? 1.043  3.481  1.050  1.00 0.00 ? 3 DC A "H1'"  6  
ATOM 719  H H41    . DC A 1 3 ? 6.760  1.959  -1.304 1.00 0.00 ? 3 DC A H41    6  
ATOM 720  H H42    . DC A 1 3 ? 5.998  1.069  -2.604 1.00 0.00 ? 3 DC A H42    6  
ATOM 721  H H5     . DC A 1 3 ? 3.582  0.898  -2.854 1.00 0.00 ? 3 DC A H5     6  
ATOM 722  H H6     . DC A 1 3 ? 1.442  1.671  -1.987 1.00 0.00 ? 3 DC A H6     6  
ATOM 723  P P      . DG A 1 4 ? -3.727 3.489  -0.909 1.00 0.00 ? 4 DG A P      6  
ATOM 724  O OP1    . DG A 1 4 ? -4.028 2.408  0.058  1.00 0.00 ? 4 DG A OP1    6  
ATOM 725  O OP2    . DG A 1 4 ? -3.937 3.265  -2.356 1.00 0.00 ? 4 DG A OP2    6  
ATOM 726  O "O5'"  . DG A 1 4 ? -4.560 4.797  -0.476 1.00 0.00 ? 4 DG A "O5'"  6  
ATOM 727  C "C5'"  . DG A 1 4 ? -4.352 6.044  -1.145 1.00 0.00 ? 4 DG A "C5'"  6  
ATOM 728  C "C4'"  . DG A 1 4 ? -3.327 6.908  -0.412 1.00 0.00 ? 4 DG A "C4'"  6  
ATOM 729  O "O4'"  . DG A 1 4 ? -2.030 6.361  -0.581 1.00 0.00 ? 4 DG A "O4'"  6  
ATOM 730  C "C3'"  . DG A 1 4 ? -3.349 8.297  -1.004 1.00 0.00 ? 4 DG A "C3'"  6  
ATOM 731  O "O3'"  . DG A 1 4 ? -4.019 9.212  -0.128 1.00 0.00 ? 4 DG A "O3'"  6  
ATOM 732  C "C2'"  . DG A 1 4 ? -1.879 8.677  -1.157 1.00 0.00 ? 4 DG A "C2'"  6  
ATOM 733  C "C1'"  . DG A 1 4 ? -1.099 7.384  -0.911 1.00 0.00 ? 4 DG A "C1'"  6  
ATOM 734  N N9     . DG A 1 4 ? -0.404 7.018  -2.100 1.00 0.00 ? 4 DG A N9     6  
ATOM 735  C C8     . DG A 1 4 ? -1.013 6.752  -3.206 1.00 0.00 ? 4 DG A C8     6  
ATOM 736  N N7     . DG A 1 4 ? -0.248 6.431  -4.212 1.00 0.00 ? 4 DG A N7     6  
ATOM 737  C C5     . DG A 1 4 ? 1.030  6.509  -3.656 1.00 0.00 ? 4 DG A C5     6  
ATOM 738  C C6     . DG A 1 4 ? 2.309  6.275  -4.233 1.00 0.00 ? 4 DG A C6     6  
ATOM 739  O O6     . DG A 1 4 ? 2.570  5.944  -5.387 1.00 0.00 ? 4 DG A O6     6  
ATOM 740  N N1     . DG A 1 4 ? 3.325  6.467  -3.306 1.00 0.00 ? 4 DG A N1     6  
ATOM 741  C C2     . DG A 1 4 ? 3.137  6.838  -1.990 1.00 0.00 ? 4 DG A C2     6  
ATOM 742  N N2     . DG A 1 4 ? 4.242  6.972  -1.258 1.00 0.00 ? 4 DG A N2     6  
ATOM 743  N N3     . DG A 1 4 ? 1.940  7.060  -1.441 1.00 0.00 ? 4 DG A N3     6  
ATOM 744  C C4     . DG A 1 4 ? 0.938  6.875  -2.333 1.00 0.00 ? 4 DG A C4     6  
ATOM 745  H "H5'"  . DG A 1 4 ? -5.298 6.582  -1.198 1.00 0.00 ? 4 DG A "H5'"  6  
ATOM 746  H "H5''" . DG A 1 4 ? -3.995 5.850  -2.156 1.00 0.00 ? 4 DG A "H5''" 6  
ATOM 747  H "H4'"  . DG A 1 4 ? -3.556 6.971  0.621  1.00 0.00 ? 4 DG A "H4'"  6  
ATOM 748  H "H3'"  . DG A 1 4 ? -3.847 8.272  -1.963 1.00 0.00 ? 4 DG A "H3'"  6  
ATOM 749  H "HO3'" . DG A 1 4 ? -3.631 10.077 -0.269 1.00 0.00 ? 4 DG A "HO3'" 6  
ATOM 750  H "H2'"  . DG A 1 4 ? -1.659 9.055  -2.188 1.00 0.00 ? 4 DG A "H2'"  6  
ATOM 751  H "H2''" . DG A 1 4 ? -1.625 9.426  -0.395 1.00 0.00 ? 4 DG A "H2''" 6  
ATOM 752  H "H1'"  . DG A 1 4 ? -0.426 7.498  -0.137 1.00 0.00 ? 4 DG A "H1'"  6  
ATOM 753  H H8     . DG A 1 4 ? -2.079 6.809  -3.223 1.00 0.00 ? 4 DG A H8     6  
ATOM 754  H H1     . DG A 1 4 ? 4.270  6.323  -3.633 1.00 0.00 ? 4 DG A H1     6  
ATOM 755  H H21    . DG A 1 4 ? 5.147  6.806  -1.674 1.00 0.00 ? 4 DG A H21    6  
ATOM 756  H H22    . DG A 1 4 ? 4.174  7.242  -0.287 1.00 0.00 ? 4 DG A H22    6  
ATOM 757  O "O5'"  . DT A 1 1 ? 1.920  -7.806 3.617  1.00 0.00 ? 1 DT A "O5'"  7  
ATOM 758  C "C5'"  . DT A 1 1 ? 1.547  -8.614 2.498  1.00 0.00 ? 1 DT A "C5'"  7  
ATOM 759  C "C4'"  . DT A 1 1 ? 0.892  -7.781 1.397  1.00 0.00 ? 1 DT A "C4'"  7  
ATOM 760  O "O4'"  . DT A 1 1 ? -0.480 -7.566 1.724  1.00 0.00 ? 1 DT A "O4'"  7  
ATOM 761  C "C3'"  . DT A 1 1 ? 1.595  -6.431 1.337  1.00 0.00 ? 1 DT A "C3'"  7  
ATOM 762  O "O3'"  . DT A 1 1 ? 2.075  -6.224 0.003  1.00 0.00 ? 1 DT A "O3'"  7  
ATOM 763  C "C2'"  . DT A 1 1 ? 0.509  -5.377 1.637  1.00 0.00 ? 1 DT A "C2'"  7  
ATOM 764  C "C1'"  . DT A 1 1 ? -0.829 -6.183 1.610  1.00 0.00 ? 1 DT A "C1'"  7  
ATOM 765  N N1     . DT A 1 1 ? -1.651 -5.799 2.739  1.00 0.00 ? 1 DT A N1     7  
ATOM 766  C C2     . DT A 1 1 ? -2.813 -5.086 2.534  1.00 0.00 ? 1 DT A C2     7  
ATOM 767  O O2     . DT A 1 1 ? -3.196 -4.754 1.415  1.00 0.00 ? 1 DT A O2     7  
ATOM 768  N N3     . DT A 1 1 ? -3.523 -4.770 3.680  1.00 0.00 ? 1 DT A N3     7  
ATOM 769  C C4     . DT A 1 1 ? -3.161 -5.106 4.977  1.00 0.00 ? 1 DT A C4     7  
ATOM 770  O O4     . DT A 1 1 ? -3.862 -4.776 5.931  1.00 0.00 ? 1 DT A O4     7  
ATOM 771  C C5     . DT A 1 1 ? -1.923 -5.853 5.061  1.00 0.00 ? 1 DT A C5     7  
ATOM 772  C C7     . DT A 1 1 ? -1.399 -6.292 6.426  1.00 0.00 ? 1 DT A C7     7  
ATOM 773  C C6     . DT A 1 1 ? -1.233 -6.160 3.943  1.00 0.00 ? 1 DT A C6     7  
ATOM 774  H "H5'"  . DT A 1 1 ? 0.846  -9.380 2.829  1.00 0.00 ? 1 DT A "H5'"  7  
ATOM 775  H "H5''" . DT A 1 1 ? 2.437  -9.098 2.096  1.00 0.00 ? 1 DT A "H5''" 7  
ATOM 776  H "H4'"  . DT A 1 1 ? 0.974  -8.283 0.443  1.00 0.00 ? 1 DT A "H4'"  7  
ATOM 777  H "H3'"  . DT A 1 1 ? 2.429  -6.400 2.048  1.00 0.00 ? 1 DT A "H3'"  7  
ATOM 778  H "H2'"  . DT A 1 1 ? 0.661  -4.896 2.672  1.00 0.00 ? 1 DT A "H2'"  7  
ATOM 779  H "H2''" . DT A 1 1 ? 0.524  -4.606 0.833  1.00 0.00 ? 1 DT A "H2''" 7  
ATOM 780  H "H1'"  . DT A 1 1 ? -1.393 -6.050 0.690  1.00 0.00 ? 1 DT A "H1'"  7  
ATOM 781  H H3     . DT A 1 1 ? -4.380 -4.248 3.561  1.00 0.00 ? 1 DT A H3     7  
ATOM 782  H H71    . DT A 1 1 ? -1.763 -5.607 7.193  1.00 0.00 ? 1 DT A H71    7  
ATOM 783  H H72    . DT A 1 1 ? -0.310 -6.283 6.418  1.00 0.00 ? 1 DT A H72    7  
ATOM 784  H H73    . DT A 1 1 ? -1.752 -7.300 6.644  1.00 0.00 ? 1 DT A H73    7  
ATOM 785  H H6     . DT A 1 1 ? -0.307 -6.716 3.983  1.00 0.00 ? 1 DT A H6     7  
ATOM 786  H "HO5'" . DT A 1 1 ? 1.436  -6.980 3.548  1.00 0.00 ? 1 DT A "HO5'" 7  
ATOM 787  P P      . DA A 1 2 ? 1.079  -6.354 -1.255 1.00 0.00 ? 2 DA A P      7  
ATOM 788  O OP1    . DA A 1 2 ? -0.132 -7.082 -0.814 1.00 0.00 ? 2 DA A OP1    7  
ATOM 789  O OP2    . DA A 1 2 ? 1.856  -6.849 -2.412 1.00 0.00 ? 2 DA A OP2    7  
ATOM 790  O "O5'"  . DA A 1 2 ? 0.670  -4.823 -1.539 1.00 0.00 ? 2 DA A "O5'"  7  
ATOM 791  C "C5'"  . DA A 1 2 ? 1.638  -3.777 -1.419 1.00 0.00 ? 2 DA A "C5'"  7  
ATOM 792  C "C4'"  . DA A 1 2 ? 1.103  -2.611 -0.587 1.00 0.00 ? 2 DA A "C4'"  7  
ATOM 793  O "O4'"  . DA A 1 2 ? 1.132  -2.962 0.785  1.00 0.00 ? 2 DA A "O4'"  7  
ATOM 794  C "C3'"  . DA A 1 2 ? 1.990  -1.411 -0.797 1.00 0.00 ? 2 DA A "C3'"  7  
ATOM 795  O "O3'"  . DA A 1 2 ? 1.231  -0.361 -1.407 1.00 0.00 ? 2 DA A "O3'"  7  
ATOM 796  C "C2'"  . DA A 1 2 ? 2.443  -0.953 0.599  1.00 0.00 ? 2 DA A "C2'"  7  
ATOM 797  C "C1'"  . DA A 1 2 ? 1.808  -1.967 1.553  1.00 0.00 ? 2 DA A "C1'"  7  
ATOM 798  N N9     . DA A 1 2 ? 2.835  -2.576 2.357  1.00 0.00 ? 2 DA A N9     7  
ATOM 799  C C8     . DA A 1 2 ? 3.972  -3.067 1.887  1.00 0.00 ? 2 DA A C8     7  
ATOM 800  N N7     . DA A 1 2 ? 4.766  -3.580 2.786  1.00 0.00 ? 2 DA A N7     7  
ATOM 801  C C5     . DA A 1 2 ? 4.052  -3.396 3.971  1.00 0.00 ? 2 DA A C5     7  
ATOM 802  C C6     . DA A 1 2 ? 4.325  -3.717 5.311  1.00 0.00 ? 2 DA A C6     7  
ATOM 803  N N6     . DA A 1 2 ? 5.446  -4.319 5.705  1.00 0.00 ? 2 DA A N6     7  
ATOM 804  N N1     . DA A 1 2 ? 3.392  -3.389 6.223  1.00 0.00 ? 2 DA A N1     7  
ATOM 805  C C2     . DA A 1 2 ? 2.276  -2.789 5.825  1.00 0.00 ? 2 DA A C2     7  
ATOM 806  N N3     . DA A 1 2 ? 1.906  -2.437 4.602  1.00 0.00 ? 2 DA A N3     7  
ATOM 807  C C4     . DA A 1 2 ? 2.860  -2.778 3.712  1.00 0.00 ? 2 DA A C4     7  
ATOM 808  H "H5'"  . DA A 1 2 ? 1.895  -3.416 -2.415 1.00 0.00 ? 2 DA A "H5'"  7  
ATOM 809  H "H5''" . DA A 1 2 ? 2.534  -4.175 -0.941 1.00 0.00 ? 2 DA A "H5''" 7  
ATOM 810  H "H4'"  . DA A 1 2 ? 0.114  -2.364 -0.887 1.00 0.00 ? 2 DA A "H4'"  7  
ATOM 811  H "H3'"  . DA A 1 2 ? 2.818  -1.698 -1.409 1.00 0.00 ? 2 DA A "H3'"  7  
ATOM 812  H "H2'"  . DA A 1 2 ? 3.536  -0.934 0.695  1.00 0.00 ? 2 DA A "H2'"  7  
ATOM 813  H "H2''" . DA A 1 2 ? 2.081  0.031  0.827  1.00 0.00 ? 2 DA A "H2''" 7  
ATOM 814  H "H1'"  . DA A 1 2 ? 1.102  -1.481 2.162  1.00 0.00 ? 2 DA A "H1'"  7  
ATOM 815  H H8     . DA A 1 2 ? 4.189  -3.023 0.829  1.00 0.00 ? 2 DA A H8     7  
ATOM 816  H H61    . DA A 1 2 ? 6.151  -4.569 5.025  1.00 0.00 ? 2 DA A H61    7  
ATOM 817  H H62    . DA A 1 2 ? 5.592  -4.526 6.682  1.00 0.00 ? 2 DA A H62    7  
ATOM 818  H H2     . DA A 1 2 ? 1.564  -2.551 6.615  1.00 0.00 ? 2 DA A H2     7  
ATOM 819  P P      . DC A 1 3 ? 0.210  -0.619 -2.634 1.00 0.00 ? 3 DC A P      7  
ATOM 820  O OP1    . DC A 1 3 ? -0.263 -2.021 -2.580 1.00 0.00 ? 3 DC A OP1    7  
ATOM 821  O OP2    . DC A 1 3 ? 0.833  -0.100 -3.872 1.00 0.00 ? 3 DC A OP2    7  
ATOM 822  O "O5'"  . DC A 1 3 ? -1.024 0.345  -2.249 1.00 0.00 ? 3 DC A "O5'"  7  
ATOM 823  C "C5'"  . DC A 1 3 ? -1.665 0.234  -0.970 1.00 0.00 ? 3 DC A "C5'"  7  
ATOM 824  C "C4'"  . DC A 1 3 ? -1.445 1.482  -0.110 1.00 0.00 ? 3 DC A "C4'"  7  
ATOM 825  O "O4'"  . DC A 1 3 ? -0.120 1.491  0.387  1.00 0.00 ? 3 DC A "O4'"  7  
ATOM 826  C "C3'"  . DC A 1 3 ? -1.633 2.713  -0.975 1.00 0.00 ? 3 DC A "C3'"  7  
ATOM 827  O "O3'"  . DC A 1 3 ? -2.801 3.416  -0.542 1.00 0.00 ? 3 DC A "O3'"  7  
ATOM 828  C "C2'"  . DC A 1 3 ? -0.403 3.588  -0.733 1.00 0.00 ? 3 DC A "C2'"  7  
ATOM 829  C "C1'"  . DC A 1 3 ? 0.453  2.792  0.264  1.00 0.00 ? 3 DC A "C1'"  7  
ATOM 830  N N1     . DC A 1 3 ? 1.803  2.657  -0.241 1.00 0.00 ? 3 DC A N1     7  
ATOM 831  C C2     . DC A 1 3 ? 2.866  3.197  0.461  1.00 0.00 ? 3 DC A C2     7  
ATOM 832  O O2     . DC A 1 3 ? 2.669  3.857  1.479  1.00 0.00 ? 3 DC A O2     7  
ATOM 833  N N3     . DC A 1 3 ? 4.121  2.966  -0.021 1.00 0.00 ? 3 DC A N3     7  
ATOM 834  C C4     . DC A 1 3 ? 4.300  2.236  -1.136 1.00 0.00 ? 3 DC A C4     7  
ATOM 835  N N4     . DC A 1 3 ? 5.535  2.020  -1.588 1.00 0.00 ? 3 DC A N4     7  
ATOM 836  C C5     . DC A 1 3 ? 3.177  1.694  -1.841 1.00 0.00 ? 3 DC A C5     7  
ATOM 837  C C6     . DC A 1 3 ? 1.967  1.945  -1.348 1.00 0.00 ? 3 DC A C6     7  
ATOM 838  H "H5'"  . DC A 1 3 ? -1.261 -0.633 -0.446 1.00 0.00 ? 3 DC A "H5'"  7  
ATOM 839  H "H5''" . DC A 1 3 ? -2.734 0.091  -1.121 1.00 0.00 ? 3 DC A "H5''" 7  
ATOM 840  H "H4'"  . DC A 1 3 ? -2.137 1.505  0.711  1.00 0.00 ? 3 DC A "H4'"  7  
ATOM 841  H "H3'"  . DC A 1 3 ? -1.722 2.430  -2.010 1.00 0.00 ? 3 DC A "H3'"  7  
ATOM 842  H "H2'"  . DC A 1 3 ? 0.180  3.760  -1.679 1.00 0.00 ? 3 DC A "H2'"  7  
ATOM 843  H "H2''" . DC A 1 3 ? -0.726 4.546  -0.292 1.00 0.00 ? 3 DC A "H2''" 7  
ATOM 844  H "H1'"  . DC A 1 3 ? 0.459  3.255  1.224  1.00 0.00 ? 3 DC A "H1'"  7  
ATOM 845  H H41    . DC A 1 3 ? 6.329  2.402  -1.093 1.00 0.00 ? 3 DC A H41    7  
ATOM 846  H H42    . DC A 1 3 ? 5.678  1.473  -2.425 1.00 0.00 ? 3 DC A H42    7  
ATOM 847  H H5     . DC A 1 3 ? 3.296  1.054  -2.708 1.00 0.00 ? 3 DC A H5     7  
ATOM 848  H H6     . DC A 1 3 ? 1.078  1.576  -1.851 1.00 0.00 ? 3 DC A H6     7  
ATOM 849  P P      . DG A 1 4 ? -4.160 3.353  -1.402 1.00 0.00 ? 4 DG A P      7  
ATOM 850  O OP1    . DG A 1 4 ? -5.273 3.011  -0.487 1.00 0.00 ? 4 DG A OP1    7  
ATOM 851  O OP2    . DG A 1 4 ? -3.910 2.523  -2.602 1.00 0.00 ? 4 DG A OP2    7  
ATOM 852  O "O5'"  . DG A 1 4 ? -4.347 4.880  -1.875 1.00 0.00 ? 4 DG A "O5'"  7  
ATOM 853  C "C5'"  . DG A 1 4 ? -5.648 5.477  -1.905 1.00 0.00 ? 4 DG A "C5'"  7  
ATOM 854  C "C4'"  . DG A 1 4 ? -5.914 6.176  -3.235 1.00 0.00 ? 4 DG A "C4'"  7  
ATOM 855  O "O4'"  . DG A 1 4 ? -5.249 7.427  -3.263 1.00 0.00 ? 4 DG A "O4'"  7  
ATOM 856  C "C3'"  . DG A 1 4 ? -5.377 5.318  -4.355 1.00 0.00 ? 4 DG A "C3'"  7  
ATOM 857  O "O3'"  . DG A 1 4 ? -6.444 4.661  -5.047 1.00 0.00 ? 4 DG A "O3'"  7  
ATOM 858  C "C2'"  . DG A 1 4 ? -4.654 6.293  -5.280 1.00 0.00 ? 4 DG A "C2'"  7  
ATOM 859  C "C1'"  . DG A 1 4 ? -4.574 7.607  -4.502 1.00 0.00 ? 4 DG A "C1'"  7  
ATOM 860  N N9     . DG A 1 4 ? -3.210 7.925  -4.250 1.00 0.00 ? 4 DG A N9     7  
ATOM 861  C C8     . DG A 1 4 ? -2.435 7.161  -3.554 1.00 0.00 ? 4 DG A C8     7  
ATOM 862  N N7     . DG A 1 4 ? -1.208 7.580  -3.407 1.00 0.00 ? 4 DG A N7     7  
ATOM 863  C C5     . DG A 1 4 ? -1.214 8.784  -4.116 1.00 0.00 ? 4 DG A C5     7  
ATOM 864  C C6     . DG A 1 4 ? -0.177 9.731  -4.339 1.00 0.00 ? 4 DG A C6     7  
ATOM 865  O O6     . DG A 1 4 ? 0.986  9.690  -3.941 1.00 0.00 ? 4 DG A O6     7  
ATOM 866  N N1     . DG A 1 4 ? -0.624 10.797 -5.106 1.00 0.00 ? 4 DG A N1     7  
ATOM 867  C C2     . DG A 1 4 ? -1.905 10.937 -5.598 1.00 0.00 ? 4 DG A C2     7  
ATOM 868  N N2     . DG A 1 4 ? -2.139 12.034 -6.318 1.00 0.00 ? 4 DG A N2     7  
ATOM 869  N N3     . DG A 1 4 ? -2.884 10.052 -5.394 1.00 0.00 ? 4 DG A N3     7  
ATOM 870  C C4     . DG A 1 4 ? -2.464 9.004  -4.644 1.00 0.00 ? 4 DG A C4     7  
ATOM 871  H "H5'"  . DG A 1 4 ? -5.722 6.207  -1.098 1.00 0.00 ? 4 DG A "H5'"  7  
ATOM 872  H "H5''" . DG A 1 4 ? -6.399 4.701  -1.753 1.00 0.00 ? 4 DG A "H5''" 7  
ATOM 873  H "H4'"  . DG A 1 4 ? -6.954 6.322  -3.382 1.00 0.00 ? 4 DG A "H4'"  7  
ATOM 874  H "H3'"  . DG A 1 4 ? -4.691 4.585  -3.948 1.00 0.00 ? 4 DG A "H3'"  7  
ATOM 875  H "HO3'" . DG A 1 4 ? -6.851 4.049  -4.428 1.00 0.00 ? 4 DG A "HO3'" 7  
ATOM 876  H "H2'"  . DG A 1 4 ? -3.619 5.938  -5.521 1.00 0.00 ? 4 DG A "H2'"  7  
ATOM 877  H "H2''" . DG A 1 4 ? -5.251 6.426  -6.192 1.00 0.00 ? 4 DG A "H2''" 7  
ATOM 878  H "H1'"  . DG A 1 4 ? -5.021 8.376  -5.026 1.00 0.00 ? 4 DG A "H1'"  7  
ATOM 879  H H8     . DG A 1 4 ? -2.842 6.259  -3.156 1.00 0.00 ? 4 DG A H8     7  
ATOM 880  H H1     . DG A 1 4 ? 0.052  11.520 -5.315 1.00 0.00 ? 4 DG A H1     7  
ATOM 881  H H21    . DG A 1 4 ? -1.398 12.703 -6.474 1.00 0.00 ? 4 DG A H21    7  
ATOM 882  H H22    . DG A 1 4 ? -3.057 12.196 -6.709 1.00 0.00 ? 4 DG A H22    7  
ATOM 883  O "O5'"  . DT A 1 1 ? 1.385  -7.942 3.541  1.00 0.00 ? 1 DT A "O5'"  8  
ATOM 884  C "C5'"  . DT A 1 1 ? 1.164  -8.625 2.303  1.00 0.00 ? 1 DT A "C5'"  8  
ATOM 885  C "C4'"  . DT A 1 1 ? 0.469  -7.726 1.282  1.00 0.00 ? 1 DT A "C4'"  8  
ATOM 886  O "O4'"  . DT A 1 1 ? -0.853 -7.431 1.737  1.00 0.00 ? 1 DT A "O4'"  8  
ATOM 887  C "C3'"  . DT A 1 1 ? 1.251  -6.421 1.182  1.00 0.00 ? 1 DT A "C3'"  8  
ATOM 888  O "O3'"  . DT A 1 1 ? 1.613  -6.212 -0.186 1.00 0.00 ? 1 DT A "O3'"  8  
ATOM 889  C "C2'"  . DT A 1 1 ? 0.270  -5.308 1.607  1.00 0.00 ? 1 DT A "C2'"  8  
ATOM 890  C "C1'"  . DT A 1 1 ? -1.114 -6.025 1.687  1.00 0.00 ? 1 DT A "C1'"  8  
ATOM 891  N N1     . DT A 1 1 ? -1.804 -5.619 2.893  1.00 0.00 ? 1 DT A N1     8  
ATOM 892  C C2     . DT A 1 1 ? -2.929 -4.826 2.812  1.00 0.00 ? 1 DT A C2     8  
ATOM 893  O O2     . DT A 1 1 ? -3.388 -4.440 1.739  1.00 0.00 ? 1 DT A O2     8  
ATOM 894  N N3     . DT A 1 1 ? -3.507 -4.494 4.024  1.00 0.00 ? 1 DT A N3     8  
ATOM 895  C C4     . DT A 1 1 ? -3.054 -4.888 5.275  1.00 0.00 ? 1 DT A C4     8  
ATOM 896  O O4     . DT A 1 1 ? -3.641 -4.539 6.296  1.00 0.00 ? 1 DT A O4     8  
ATOM 897  C C5     . DT A 1 1 ? -1.867 -5.717 5.229  1.00 0.00 ? 1 DT A C5     8  
ATOM 898  C C7     . DT A 1 1 ? -1.254 -6.227 6.530  1.00 0.00 ? 1 DT A C7     8  
ATOM 899  C C6     . DT A 1 1 ? -1.304 -6.040 4.046  1.00 0.00 ? 1 DT A C6     8  
ATOM 900  H "H5'"  . DT A 1 1 ? 0.541  -9.501 2.487  1.00 0.00 ? 1 DT A "H5'"  8  
ATOM 901  H "H5''" . DT A 1 1 ? 2.121  -8.949 1.898  1.00 0.00 ? 1 DT A "H5''" 8  
ATOM 902  H "H4'"  . DT A 1 1 ? 0.430  -8.208 0.316  1.00 0.00 ? 1 DT A "H4'"  8  
ATOM 903  H "H3'"  . DT A 1 1 ? 2.149  -6.464 1.811  1.00 0.00 ? 1 DT A "H3'"  8  
ATOM 904  H "H2'"  . DT A 1 1 ? 0.549  -4.870 2.634  1.00 0.00 ? 1 DT A "H2'"  8  
ATOM 905  H "H2''" . DT A 1 1 ? 0.265  -4.518 0.824  1.00 0.00 ? 1 DT A "H2''" 8  
ATOM 906  H "H1'"  . DT A 1 1 ? -1.750 -5.831 0.824  1.00 0.00 ? 1 DT A "H1'"  8  
ATOM 907  H H3     . DT A 1 1 ? -4.333 -3.913 3.996  1.00 0.00 ? 1 DT A H3     8  
ATOM 908  H H71    . DT A 1 1 ? -1.400 -7.305 6.604  1.00 0.00 ? 1 DT A H71    8  
ATOM 909  H H72    . DT A 1 1 ? -1.735 -5.738 7.376  1.00 0.00 ? 1 DT A H72    8  
ATOM 910  H H73    . DT A 1 1 ? -0.186 -6.005 6.542  1.00 0.00 ? 1 DT A H73    8  
ATOM 911  H H6     . DT A 1 1 ? -0.417 -6.657 3.989  1.00 0.00 ? 1 DT A H6     8  
ATOM 912  H "HO5'" . DT A 1 1 ? 1.836  -8.554 4.126  1.00 0.00 ? 1 DT A "HO5'" 8  
ATOM 913  P P      . DA A 1 2 ? 3.092  -5.705 -0.572 1.00 0.00 ? 2 DA A P      8  
ATOM 914  O OP1    . DA A 1 2 ? 3.592  -6.544 -1.684 1.00 0.00 ? 2 DA A OP1    8  
ATOM 915  O OP2    . DA A 1 2 ? 3.881  -5.589 0.676  1.00 0.00 ? 2 DA A OP2    8  
ATOM 916  O "O5'"  . DA A 1 2 ? 2.824  -4.223 -1.140 1.00 0.00 ? 2 DA A "O5'"  8  
ATOM 917  C "C5'"  . DA A 1 2 ? 1.520  -3.840 -1.588 1.00 0.00 ? 2 DA A "C5'"  8  
ATOM 918  C "C4'"  . DA A 1 2 ? 0.945  -2.705 -0.738 1.00 0.00 ? 2 DA A "C4'"  8  
ATOM 919  O "O4'"  . DA A 1 2 ? 0.977  -3.082 0.624  1.00 0.00 ? 2 DA A "O4'"  8  
ATOM 920  C "C3'"  . DA A 1 2 ? 1.799  -1.477 -0.922 1.00 0.00 ? 2 DA A "C3'"  8  
ATOM 921  O "O3'"  . DA A 1 2 ? 1.004  -0.426 -1.482 1.00 0.00 ? 2 DA A "O3'"  8  
ATOM 922  C "C2'"  . DA A 1 2 ? 2.267  -1.059 0.481  1.00 0.00 ? 2 DA A "C2'"  8  
ATOM 923  C "C1'"  . DA A 1 2 ? 1.651  -2.102 1.412  1.00 0.00 ? 2 DA A "C1'"  8  
ATOM 924  N N9     . DA A 1 2 ? 2.690  -2.724 2.189  1.00 0.00 ? 2 DA A N9     8  
ATOM 925  C C8     . DA A 1 2 ? 3.820  -3.200 1.688  1.00 0.00 ? 2 DA A C8     8  
ATOM 926  N N7     . DA A 1 2 ? 4.629  -3.733 2.560  1.00 0.00 ? 2 DA A N7     8  
ATOM 927  C C5     . DA A 1 2 ? 3.936  -3.578 3.761  1.00 0.00 ? 2 DA A C5     8  
ATOM 928  C C6     . DA A 1 2 ? 4.231  -3.928 5.089  1.00 0.00 ? 2 DA A C6     8  
ATOM 929  N N6     . DA A 1 2 ? 5.361  -4.540 5.448  1.00 0.00 ? 2 DA A N6     8  
ATOM 930  N N1     . DA A 1 2 ? 3.316  -3.624 6.025  1.00 0.00 ? 2 DA A N1     8  
ATOM 931  C C2     . DA A 1 2 ? 2.192  -3.015 5.660  1.00 0.00 ? 2 DA A C2     8  
ATOM 932  N N3     . DA A 1 2 ? 1.800  -2.636 4.451  1.00 0.00 ? 2 DA A N3     8  
ATOM 933  C C4     . DA A 1 2 ? 2.738  -2.955 3.538  1.00 0.00 ? 2 DA A C4     8  
ATOM 934  H "H5'"  . DA A 1 2 ? 0.857  -4.703 -1.528 1.00 0.00 ? 2 DA A "H5'"  8  
ATOM 935  H "H5''" . DA A 1 2 ? 1.585  -3.511 -2.626 1.00 0.00 ? 2 DA A "H5''" 8  
ATOM 936  H "H4'"  . DA A 1 2 ? -0.049 -2.482 -1.042 1.00 0.00 ? 2 DA A "H4'"  8  
ATOM 937  H "H3'"  . DA A 1 2 ? 2.620  -1.722 -1.558 1.00 0.00 ? 2 DA A "H3'"  8  
ATOM 938  H "H2'"  . DA A 1 2 ? 3.362  -1.037 0.562  1.00 0.00 ? 2 DA A "H2'"  8  
ATOM 939  H "H2''" . DA A 1 2 ? 1.906  -0.084 0.742  1.00 0.00 ? 2 DA A "H2''" 8  
ATOM 940  H "H1'"  . DA A 1 2 ? 0.945  -1.638 2.038  1.00 0.00 ? 2 DA A "H1'"  8  
ATOM 941  H H8     . DA A 1 2 ? 4.019  -3.133 0.626  1.00 0.00 ? 2 DA A H8     8  
ATOM 942  H H61    . DA A 1 2 ? 6.053  -4.773 4.750  1.00 0.00 ? 2 DA A H61    8  
ATOM 943  H H62    . DA A 1 2 ? 5.524  -4.770 6.418  1.00 0.00 ? 2 DA A H62    8  
ATOM 944  H H2     . DA A 1 2 ? 1.495  -2.796 6.468  1.00 0.00 ? 2 DA A H2     8  
ATOM 945  P P      . DC A 1 3 ? -0.021 -0.665 -2.708 1.00 0.00 ? 3 DC A P      8  
ATOM 946  O OP1    . DC A 1 3 ? -0.483 -2.070 -2.680 1.00 0.00 ? 3 DC A OP1    8  
ATOM 947  O OP2    . DC A 1 3 ? 0.592  -0.115 -3.936 1.00 0.00 ? 3 DC A OP2    8  
ATOM 948  O "O5'"  . DC A 1 3 ? -1.260 0.282  -2.293 1.00 0.00 ? 3 DC A "O5'"  8  
ATOM 949  C "C5'"  . DC A 1 3 ? -1.912 0.117  -1.028 1.00 0.00 ? 3 DC A "C5'"  8  
ATOM 950  C "C4'"  . DC A 1 3 ? -1.702 1.327  -0.112 1.00 0.00 ? 3 DC A "C4'"  8  
ATOM 951  O "O4'"  . DC A 1 3 ? -0.373 1.330  0.374  1.00 0.00 ? 3 DC A "O4'"  8  
ATOM 952  C "C3'"  . DC A 1 3 ? -1.912 2.593  -0.920 1.00 0.00 ? 3 DC A "C3'"  8  
ATOM 953  O "O3'"  . DC A 1 3 ? -3.084 3.262  -0.444 1.00 0.00 ? 3 DC A "O3'"  8  
ATOM 954  C "C2'"  . DC A 1 3 ? -0.690 3.472  -0.649 1.00 0.00 ? 3 DC A "C2'"  8  
ATOM 955  C "C1'"  . DC A 1 3 ? 0.183  2.642  0.304  1.00 0.00 ? 3 DC A "C1'"  8  
ATOM 956  N N1     . DC A 1 3 ? 1.531  2.548  -0.214 1.00 0.00 ? 3 DC A N1     8  
ATOM 957  C C2     . DC A 1 3 ? 2.592  3.070  0.502  1.00 0.00 ? 3 DC A C2     8  
ATOM 958  O O2     . DC A 1 3 ? 2.395  3.681  1.550  1.00 0.00 ? 3 DC A O2     8  
ATOM 959  N N3     . DC A 1 3 ? 3.846  2.878  0.002  1.00 0.00 ? 3 DC A N3     8  
ATOM 960  C C4     . DC A 1 3 ? 4.026  2.202  -1.147 1.00 0.00 ? 3 DC A C4     8  
ATOM 961  N N4     . DC A 1 3 ? 5.259  2.022  -1.617 1.00 0.00 ? 3 DC A N4     8  
ATOM 962  C C5     . DC A 1 3 ? 2.904  1.674  -1.866 1.00 0.00 ? 3 DC A C5     8  
ATOM 963  C C6     . DC A 1 3 ? 1.694  1.885  -1.353 1.00 0.00 ? 3 DC A C6     8  
ATOM 964  H "H5'"  . DC A 1 3 ? -1.515 -0.772 -0.538 1.00 0.00 ? 3 DC A "H5'"  8  
ATOM 965  H "H5''" . DC A 1 3 ? -2.981 -0.020 -1.195 1.00 0.00 ? 3 DC A "H5''" 8  
ATOM 966  H "H4'"  . DC A 1 3 ? -2.389 1.304  0.713  1.00 0.00 ? 3 DC A "H4'"  8  
ATOM 967  H "H3'"  . DC A 1 3 ? -2.008 2.356  -1.966 1.00 0.00 ? 3 DC A "H3'"  8  
ATOM 968  H "H2'"  . DC A 1 3 ? -0.116 3.690  -1.592 1.00 0.00 ? 3 DC A "H2'"  8  
ATOM 969  H "H2''" . DC A 1 3 ? -1.021 4.405  -0.166 1.00 0.00 ? 3 DC A "H2''" 8  
ATOM 970  H "H1'"  . DC A 1 3 ? 0.191  3.062  1.286  1.00 0.00 ? 3 DC A "H1'"  8  
ATOM 971  H H41    . DC A 1 3 ? 6.051  2.392  -1.111 1.00 0.00 ? 3 DC A H41    8  
ATOM 972  H H42    . DC A 1 3 ? 5.402  1.514  -2.478 1.00 0.00 ? 3 DC A H42    8  
ATOM 973  H H5     . DC A 1 3 ? 3.025  1.077  -2.766 1.00 0.00 ? 3 DC A H5     8  
ATOM 974  H H6     . DC A 1 3 ? 0.807  1.522  -1.863 1.00 0.00 ? 3 DC A H6     8  
ATOM 975  P P      . DG A 1 4 ? -4.486 3.106  -1.221 1.00 0.00 ? 4 DG A P      8  
ATOM 976  O OP1    . DG A 1 4 ? -5.133 1.858  -0.764 1.00 0.00 ? 4 DG A OP1    8  
ATOM 977  O OP2    . DG A 1 4 ? -4.241 3.325  -2.665 1.00 0.00 ? 4 DG A OP2    8  
ATOM 978  O "O5'"  . DG A 1 4 ? -5.339 4.351  -0.661 1.00 0.00 ? 4 DG A "O5'"  8  
ATOM 979  C "C5'"  . DG A 1 4 ? -5.525 5.523  -1.461 1.00 0.00 ? 4 DG A "C5'"  8  
ATOM 980  C "C4'"  . DG A 1 4 ? -4.903 6.753  -0.804 1.00 0.00 ? 4 DG A "C4'"  8  
ATOM 981  O "O4'"  . DG A 1 4 ? -3.541 6.501  -0.501 1.00 0.00 ? 4 DG A "O4'"  8  
ATOM 982  C "C3'"  . DG A 1 4 ? -4.977 7.913  -1.769 1.00 0.00 ? 4 DG A "C3'"  8  
ATOM 983  O "O3'"  . DG A 1 4 ? -6.004 8.831  -1.381 1.00 0.00 ? 4 DG A "O3'"  8  
ATOM 984  C "C2'"  . DG A 1 4 ? -3.604 8.575  -1.688 1.00 0.00 ? 4 DG A "C2'"  8  
ATOM 985  C "C1'"  . DG A 1 4 ? -2.729 7.599  -0.899 1.00 0.00 ? 4 DG A "C1'"  8  
ATOM 986  N N9     . DG A 1 4 ? -1.677 7.127  -1.735 1.00 0.00 ? 4 DG A N9     8  
ATOM 987  C C8     . DG A 1 4 ? -1.897 6.462  -2.820 1.00 0.00 ? 4 DG A C8     8  
ATOM 988  N N7     . DG A 1 4 ? -0.837 6.093  -3.484 1.00 0.00 ? 4 DG A N7     8  
ATOM 989  C C5     . DG A 1 4 ? 0.202  6.602  -2.701 1.00 0.00 ? 4 DG A C5     8  
ATOM 990  C C6     . DG A 1 4 ? 1.612  6.540  -2.876 1.00 0.00 ? 4 DG A C6     8  
ATOM 991  O O6     . DG A 1 4 ? 2.239  6.007  -3.789 1.00 0.00 ? 4 DG A O6     8  
ATOM 992  N N1     . DG A 1 4 ? 2.279  7.186  -1.844 1.00 0.00 ? 4 DG A N1     8  
ATOM 993  C C2     . DG A 1 4 ? 1.670  7.813  -0.778 1.00 0.00 ? 4 DG A C2     8  
ATOM 994  N N2     . DG A 1 4 ? 2.485  8.379  0.111  1.00 0.00 ? 4 DG A N2     8  
ATOM 995  N N3     . DG A 1 4 ? 0.346  7.876  -0.605 1.00 0.00 ? 4 DG A N3     8  
ATOM 996  C C4     . DG A 1 4 ? -0.320 7.249  -1.604 1.00 0.00 ? 4 DG A C4     8  
ATOM 997  H "H5'"  . DG A 1 4 ? -6.592 5.694  -1.599 1.00 0.00 ? 4 DG A "H5'"  8  
ATOM 998  H "H5''" . DG A 1 4 ? -5.060 5.366  -2.434 1.00 0.00 ? 4 DG A "H5''" 8  
ATOM 999  H "H4'"  . DG A 1 4 ? -5.422 7.010  0.083  1.00 0.00 ? 4 DG A "H4'"  8  
ATOM 1000 H "H3'"  . DG A 1 4 ? -5.172 7.539  -2.765 1.00 0.00 ? 4 DG A "H3'"  8  
ATOM 1001 H "HO3'" . DG A 1 4 ? -6.787 8.314  -1.175 1.00 0.00 ? 4 DG A "HO3'" 8  
ATOM 1002 H "H2'"  . DG A 1 4 ? -3.165 8.731  -2.708 1.00 0.00 ? 4 DG A "H2'"  8  
ATOM 1003 H "H2''" . DG A 1 4 ? -3.700 9.525  -1.148 1.00 0.00 ? 4 DG A "H2''" 8  
ATOM 1004 H "H1'"  . DG A 1 4 ? -2.333 8.053  -0.062 1.00 0.00 ? 4 DG A "H1'"  8  
ATOM 1005 H H8     . DG A 1 4 ? -2.909 6.265  -3.094 1.00 0.00 ? 4 DG A H8     8  
ATOM 1006 H H1     . DG A 1 4 ? 3.288  7.190  -1.891 1.00 0.00 ? 4 DG A H1     8  
ATOM 1007 H H21    . DG A 1 4 ? 3.485  8.332  -0.021 1.00 0.00 ? 4 DG A H21    8  
ATOM 1008 H H22    . DG A 1 4 ? 2.103  8.856  0.915  1.00 0.00 ? 4 DG A H22    8  
ATOM 1009 O "O5'"  . DT A 1 1 ? 2.407  -8.345 2.495  1.00 0.00 ? 1 DT A "O5'"  9  
ATOM 1010 C "C5'"  . DT A 1 1 ? 1.051  -8.724 2.242  1.00 0.00 ? 1 DT A "C5'"  9  
ATOM 1011 C "C4'"  . DT A 1 1 ? 0.383  -7.786 1.239  1.00 0.00 ? 1 DT A "C4'"  9  
ATOM 1012 O "O4'"  . DT A 1 1 ? -0.940 -7.485 1.684  1.00 0.00 ? 1 DT A "O4'"  9  
ATOM 1013 C "C3'"  . DT A 1 1 ? 1.184  -6.492 1.187  1.00 0.00 ? 1 DT A "C3'"  9  
ATOM 1014 O "O3'"  . DT A 1 1 ? 1.562  -6.247 -0.171 1.00 0.00 ? 1 DT A "O3'"  9  
ATOM 1015 C "C2'"  . DT A 1 1 ? 0.216  -5.378 1.639  1.00 0.00 ? 1 DT A "C2'"  9  
ATOM 1016 C "C1'"  . DT A 1 1 ? -1.180 -6.076 1.680  1.00 0.00 ? 1 DT A "C1'"  9  
ATOM 1017 N N1     . DT A 1 1 ? -1.876 -5.704 2.895  1.00 0.00 ? 1 DT A N1     9  
ATOM 1018 C C2     . DT A 1 1 ? -2.991 -4.896 2.832  1.00 0.00 ? 1 DT A C2     9  
ATOM 1019 O O2     . DT A 1 1 ? -3.435 -4.462 1.771  1.00 0.00 ? 1 DT A O2     9  
ATOM 1020 N N3     . DT A 1 1 ? -3.580 -4.604 4.050  1.00 0.00 ? 1 DT A N3     9  
ATOM 1021 C C4     . DT A 1 1 ? -3.144 -5.052 5.289  1.00 0.00 ? 1 DT A C4     9  
ATOM 1022 O O4     . DT A 1 1 ? -3.739 -4.736 6.318  1.00 0.00 ? 1 DT A O4     9  
ATOM 1023 C C5     . DT A 1 1 ? -1.965 -5.891 5.226  1.00 0.00 ? 1 DT A C5     9  
ATOM 1024 C C7     . DT A 1 1 ? -1.370 -6.455 6.511  1.00 0.00 ? 1 DT A C7     9  
ATOM 1025 C C6     . DT A 1 1 ? -1.393 -6.173 4.037  1.00 0.00 ? 1 DT A C6     9  
ATOM 1026 H "H5'"  . DT A 1 1 ? 0.495  -8.697 3.179  1.00 0.00 ? 1 DT A "H5'"  9  
ATOM 1027 H "H5''" . DT A 1 1 ? 1.032  -9.740 1.847  1.00 0.00 ? 1 DT A "H5''" 9  
ATOM 1028 H "H4'"  . DT A 1 1 ? 0.353  -8.241 0.258  1.00 0.00 ? 1 DT A "H4'"  9  
ATOM 1029 H "H3'"  . DT A 1 1 ? 2.077  -6.566 1.821  1.00 0.00 ? 1 DT A "H3'"  9  
ATOM 1030 H "H2'"  . DT A 1 1 ? 0.492  -4.978 2.682  1.00 0.00 ? 1 DT A "H2'"  9  
ATOM 1031 H "H2''" . DT A 1 1 ? 0.231  -4.563 0.881  1.00 0.00 ? 1 DT A "H2''" 9  
ATOM 1032 H "H1'"  . DT A 1 1 ? -1.805 -5.841 0.821  1.00 0.00 ? 1 DT A "H1'"  9  
ATOM 1033 H H3     . DT A 1 1 ? -4.399 -4.015 4.037  1.00 0.00 ? 1 DT A H3     9  
ATOM 1034 H H71    . DT A 1 1 ? -1.279 -7.539 6.426  1.00 0.00 ? 1 DT A H71    9  
ATOM 1035 H H72    . DT A 1 1 ? -2.022 -6.211 7.351  1.00 0.00 ? 1 DT A H72    9  
ATOM 1036 H H73    . DT A 1 1 ? -0.384 -6.020 6.679  1.00 0.00 ? 1 DT A H73    9  
ATOM 1037 H H6     . DT A 1 1 ? -0.512 -6.796 3.965  1.00 0.00 ? 1 DT A H6     9  
ATOM 1038 H "HO5'" . DT A 1 1 ? 2.653  -8.717 3.345  1.00 0.00 ? 1 DT A "HO5'" 9  
ATOM 1039 P P      . DA A 1 2 ? 3.037  -5.712 -0.525 1.00 0.00 ? 2 DA A P      9  
ATOM 1040 O OP1    . DA A 1 2 ? 3.591  -6.560 -1.605 1.00 0.00 ? 2 DA A OP1    9  
ATOM 1041 O OP2    . DA A 1 2 ? 3.786  -5.545 0.741  1.00 0.00 ? 2 DA A OP2    9  
ATOM 1042 O "O5'"  . DA A 1 2 ? 2.742  -4.251 -1.133 1.00 0.00 ? 2 DA A "O5'"  9  
ATOM 1043 C "C5'"  . DA A 1 2 ? 1.409  -3.864 -1.474 1.00 0.00 ? 2 DA A "C5'"  9  
ATOM 1044 C "C4'"  . DA A 1 2 ? 0.961  -2.631 -0.688 1.00 0.00 ? 2 DA A "C4'"  9  
ATOM 1045 O "O4'"  . DA A 1 2 ? 0.995  -2.920 0.699  1.00 0.00 ? 2 DA A "O4'"  9  
ATOM 1046 C "C3'"  . DA A 1 2 ? 1.922  -1.503 -0.969 1.00 0.00 ? 2 DA A "C3'"  9  
ATOM 1047 O "O3'"  . DA A 1 2 ? 1.221  -0.422 -1.595 1.00 0.00 ? 2 DA A "O3'"  9  
ATOM 1048 C "C2'"  . DA A 1 2 ? 2.454  -1.033 0.393  1.00 0.00 ? 2 DA A "C2'"  9  
ATOM 1049 C "C1'"  . DA A 1 2 ? 1.764  -1.947 1.405  1.00 0.00 ? 2 DA A "C1'"  9  
ATOM 1050 N N9     . DA A 1 2 ? 2.760  -2.597 2.213  1.00 0.00 ? 2 DA A N9     9  
ATOM 1051 C C8     . DA A 1 2 ? 3.830  -3.214 1.734  1.00 0.00 ? 2 DA A C8     9  
ATOM 1052 N N7     . DA A 1 2 ? 4.611  -3.742 2.634  1.00 0.00 ? 2 DA A N7     9  
ATOM 1053 C C5     . DA A 1 2 ? 3.966  -3.426 3.831  1.00 0.00 ? 2 DA A C5     9  
ATOM 1054 C C6     . DA A 1 2 ? 4.264  -3.688 5.178  1.00 0.00 ? 2 DA A C6     9  
ATOM 1055 N N6     . DA A 1 2 ? 5.343  -4.368 5.566  1.00 0.00 ? 2 DA A N6     9  
ATOM 1056 N N1     . DA A 1 2 ? 3.405  -3.225 6.100  1.00 0.00 ? 2 DA A N1     9  
ATOM 1057 C C2     . DA A 1 2 ? 2.329  -2.551 5.705  1.00 0.00 ? 2 DA A C2     9  
ATOM 1058 N N3     . DA A 1 2 ? 1.940  -2.241 4.477  1.00 0.00 ? 2 DA A N3     9  
ATOM 1059 C C4     . DA A 1 2 ? 2.822  -2.719 3.577  1.00 0.00 ? 2 DA A C4     9  
ATOM 1060 H "H5'"  . DA A 1 2 ? 0.732  -4.689 -1.255 1.00 0.00 ? 2 DA A "H5'"  9  
ATOM 1061 H "H5''" . DA A 1 2 ? 1.365  -3.642 -2.541 1.00 0.00 ? 2 DA A "H5''" 9  
ATOM 1062 H "H4'"  . DA A 1 2 ? -0.016 -2.334 -0.986 1.00 0.00 ? 2 DA A "H4'"  9  
ATOM 1063 H "H3'"  . DA A 1 2 ? 2.705  -1.870 -1.595 1.00 0.00 ? 2 DA A "H3'"  9  
ATOM 1064 H "H2'"  . DA A 1 2 ? 3.547  -1.107 0.458  1.00 0.00 ? 2 DA A "H2'"  9  
ATOM 1065 H "H2''" . DA A 1 2 ? 2.187  -0.011 0.588  1.00 0.00 ? 2 DA A "H2''" 9  
ATOM 1066 H "H1'"  . DA A 1 2 ? 1.112  -1.380 2.004  1.00 0.00 ? 2 DA A "H1'"  9  
ATOM 1067 H H8     . DA A 1 2 ? 4.006  -3.251 0.668  1.00 0.00 ? 2 DA A H8     9  
ATOM 1068 H H61    . DA A 1 2 ? 5.993  -4.721 4.878  1.00 0.00 ? 2 DA A H61    9  
ATOM 1069 H H62    . DA A 1 2 ? 5.512  -4.529 6.549  1.00 0.00 ? 2 DA A H62    9  
ATOM 1070 H H2     . DA A 1 2 ? 1.674  -2.203 6.505  1.00 0.00 ? 2 DA A H2     9  
ATOM 1071 P P      . DC A 1 3 ? 0.136  -0.645 -2.772 1.00 0.00 ? 3 DC A P      9  
ATOM 1072 O OP1    . DC A 1 3 ? -0.456 -1.994 -2.632 1.00 0.00 ? 3 DC A OP1    9  
ATOM 1073 O OP2    . DC A 1 3 ? 0.755  -0.242 -4.054 1.00 0.00 ? 3 DC A OP2    9  
ATOM 1074 O "O5'"  . DC A 1 3 ? -0.995 0.441  -2.394 1.00 0.00 ? 3 DC A "O5'"  9  
ATOM 1075 C "C5'"  . DC A 1 3 ? -1.605 0.439  -1.097 1.00 0.00 ? 3 DC A "C5'"  9  
ATOM 1076 C "C4'"  . DC A 1 3 ? -1.256 1.696  -0.296 1.00 0.00 ? 3 DC A "C4'"  9  
ATOM 1077 O "O4'"  . DC A 1 3 ? 0.082  1.613  0.158  1.00 0.00 ? 3 DC A "O4'"  9  
ATOM 1078 C "C3'"  . DC A 1 3 ? -1.371 2.904  -1.204 1.00 0.00 ? 3 DC A "C3'"  9  
ATOM 1079 O "O3'"  . DC A 1 3 ? -2.458 3.721  -0.757 1.00 0.00 ? 3 DC A "O3'"  9  
ATOM 1080 C "C2'"  . DC A 1 3 ? -0.063 3.680  -1.042 1.00 0.00 ? 3 DC A "C2'"  9  
ATOM 1081 C "C1'"  . DC A 1 3 ? 0.758  2.854  -0.039 1.00 0.00 ? 3 DC A "C1'"  9  
ATOM 1082 N N1     . DC A 1 3 ? 2.073  2.585  -0.580 1.00 0.00 ? 3 DC A N1     9  
ATOM 1083 C C2     . DC A 1 3 ? 3.201  3.061  0.063  1.00 0.00 ? 3 DC A C2     9  
ATOM 1084 O O2     . DC A 1 3 ? 3.096  3.775  1.058  1.00 0.00 ? 3 DC A O2     9  
ATOM 1085 N N3     . DC A 1 3 ? 4.415  2.707  -0.448 1.00 0.00 ? 3 DC A N3     9  
ATOM 1086 C C4     . DC A 1 3 ? 4.494  1.922  -1.536 1.00 0.00 ? 3 DC A C4     9  
ATOM 1087 N N4     . DC A 1 3 ? 5.690  1.581  -2.018 1.00 0.00 ? 3 DC A N4     9  
ATOM 1088 C C5     . DC A 1 3 ? 3.305  1.446  -2.181 1.00 0.00 ? 3 DC A C5     9  
ATOM 1089 C C6     . DC A 1 3 ? 2.138  1.817  -1.661 1.00 0.00 ? 3 DC A C6     9  
ATOM 1090 H "H5'"  . DC A 1 3 ? -1.264 -0.438 -0.546 1.00 0.00 ? 3 DC A "H5'"  9  
ATOM 1091 H "H5''" . DC A 1 3 ? -2.688 0.385  -1.214 1.00 0.00 ? 3 DC A "H5''" 9  
ATOM 1092 H "H4'"  . DC A 1 3 ? -1.915 1.809  0.542  1.00 0.00 ? 3 DC A "H4'"  9  
ATOM 1093 H "H3'"  . DC A 1 3 ? -1.525 2.592  -2.221 1.00 0.00 ? 3 DC A "H3'"  9  
ATOM 1094 H "H2'"  . DC A 1 3 ? 0.498  3.760  -2.013 1.00 0.00 ? 3 DC A "H2'"  9  
ATOM 1095 H "H2''" . DC A 1 3 ? -0.287 4.679  -0.635 1.00 0.00 ? 3 DC A "H2''" 9  
ATOM 1096 H "H1'"  . DC A 1 3 ? 0.837  3.354  0.899  1.00 0.00 ? 3 DC A "H1'"  9  
ATOM 1097 H H41    . DC A 1 3 ? 6.529  1.915  -1.566 1.00 0.00 ? 3 DC A H41    9  
ATOM 1098 H H42    . DC A 1 3 ? 5.757  0.991  -2.834 1.00 0.00 ? 3 DC A H42    9  
ATOM 1099 H H5     . DC A 1 3 ? 3.340  0.768  -3.028 1.00 0.00 ? 3 DC A H5     9  
ATOM 1100 H H6     . DC A 1 3 ? 1.203  1.500  -2.116 1.00 0.00 ? 3 DC A H6     9  
ATOM 1101 P P      . DG A 1 4 ? -3.763 3.920  -1.677 1.00 0.00 ? 4 DG A P      9  
ATOM 1102 O OP1    . DG A 1 4 ? -4.900 3.234  -1.022 1.00 0.00 ? 4 DG A OP1    9  
ATOM 1103 O OP2    . DG A 1 4 ? -3.403 3.584  -3.072 1.00 0.00 ? 4 DG A OP2    9  
ATOM 1104 O "O5'"  . DG A 1 4 ? -4.015 5.508  -1.589 1.00 0.00 ? 4 DG A "O5'"  9  
ATOM 1105 C "C5'"  . DG A 1 4 ? -3.826 6.204  -0.355 1.00 0.00 ? 4 DG A "C5'"  9  
ATOM 1106 C "C4'"  . DG A 1 4 ? -2.694 7.225  -0.454 1.00 0.00 ? 4 DG A "C4'"  9  
ATOM 1107 O "O4'"  . DG A 1 4 ? -1.537 6.608  -0.994 1.00 0.00 ? 4 DG A "O4'"  9  
ATOM 1108 C "C3'"  . DG A 1 4 ? -3.123 8.341  -1.375 1.00 0.00 ? 4 DG A "C3'"  9  
ATOM 1109 O "O3'"  . DG A 1 4 ? -3.457 9.515  -0.628 1.00 0.00 ? 4 DG A "O3'"  9  
ATOM 1110 C "C2'"  . DG A 1 4 ? -1.912 8.597  -2.267 1.00 0.00 ? 4 DG A "C2'"  9  
ATOM 1111 C "C1'"  . DG A 1 4 ? -0.959 7.428  -2.001 1.00 0.00 ? 4 DG A "C1'"  9  
ATOM 1112 N N9     . DG A 1 4 ? -0.803 6.667  -3.194 1.00 0.00 ? 4 DG A N9     9  
ATOM 1113 C C8     . DG A 1 4 ? -1.791 6.071  -3.774 1.00 0.00 ? 4 DG A C8     9  
ATOM 1114 N N7     . DG A 1 4 ? -1.499 5.408  -4.858 1.00 0.00 ? 4 DG A N7     9  
ATOM 1115 C C5     . DG A 1 4 ? -0.122 5.618  -4.976 1.00 0.00 ? 4 DG A C5     9  
ATOM 1116 C C6     . DG A 1 4 ? 0.804  5.159  -5.953 1.00 0.00 ? 4 DG A C6     9  
ATOM 1117 O O6     . DG A 1 4 ? 0.582  4.456  -6.936 1.00 0.00 ? 4 DG A O6     9  
ATOM 1118 N N1     . DG A 1 4 ? 2.089  5.610  -5.683 1.00 0.00 ? 4 DG A N1     9  
ATOM 1119 C C2     . DG A 1 4 ? 2.440  6.403  -4.609 1.00 0.00 ? 4 DG A C2     9  
ATOM 1120 N N2     . DG A 1 4 ? 3.729  6.733  -4.524 1.00 0.00 ? 4 DG A N2     9  
ATOM 1121 N N3     . DG A 1 4 ? 1.576  6.837  -3.688 1.00 0.00 ? 4 DG A N3     9  
ATOM 1122 C C4     . DG A 1 4 ? 0.319  6.405  -3.938 1.00 0.00 ? 4 DG A C4     9  
ATOM 1123 H "H5'"  . DG A 1 4 ? -3.587 5.484  0.429  1.00 0.00 ? 4 DG A "H5'"  9  
ATOM 1124 H "H5''" . DG A 1 4 ? -4.749 6.721  -0.093 1.00 0.00 ? 4 DG A "H5''" 9  
ATOM 1125 H "H4'"  . DG A 1 4 ? -2.468 7.632  0.499  1.00 0.00 ? 4 DG A "H4'"  9  
ATOM 1126 H "H3'"  . DG A 1 4 ? -3.975 8.018  -1.957 1.00 0.00 ? 4 DG A "H3'"  9  
ATOM 1127 H "HO3'" . DG A 1 4 ? -4.396 9.674  -0.750 1.00 0.00 ? 4 DG A "HO3'" 9  
ATOM 1128 H "H2'"  . DG A 1 4 ? -2.195 8.608  -3.350 1.00 0.00 ? 4 DG A "H2'"  9  
ATOM 1129 H "H2''" . DG A 1 4 ? -1.444 9.545  -1.967 1.00 0.00 ? 4 DG A "H2''" 9  
ATOM 1130 H "H1'"  . DG A 1 4 ? -0.039 7.767  -1.680 1.00 0.00 ? 4 DG A "H1'"  9  
ATOM 1131 H H8     . DG A 1 4 ? -2.760 6.161  -3.336 1.00 0.00 ? 4 DG A H8     9  
ATOM 1132 H H1     . DG A 1 4 ? 2.812  5.329  -6.329 1.00 0.00 ? 4 DG A H1     9  
ATOM 1133 H H21    . DG A 1 4 ? 4.381  6.404  -5.221 1.00 0.00 ? 4 DG A H21    9  
ATOM 1134 H H22    . DG A 1 4 ? 4.052  7.312  -3.762 1.00 0.00 ? 4 DG A H22    9  
ATOM 1135 O "O5'"  . DT A 1 1 ? 1.332  -8.046 3.539  1.00 0.00 ? 1 DT A "O5'"  10 
ATOM 1136 C "C5'"  . DT A 1 1 ? 1.209  -8.713 2.281  1.00 0.00 ? 1 DT A "C5'"  10 
ATOM 1137 C "C4'"  . DT A 1 1 ? 0.487  -7.844 1.254  1.00 0.00 ? 1 DT A "C4'"  10 
ATOM 1138 O "O4'"  . DT A 1 1 ? -0.816 -7.525 1.740  1.00 0.00 ? 1 DT A "O4'"  10 
ATOM 1139 C "C3'"  . DT A 1 1 ? 1.274  -6.552 1.082  1.00 0.00 ? 1 DT A "C3'"  10 
ATOM 1140 O "O3'"  . DT A 1 1 ? 1.592  -6.390 -0.304 1.00 0.00 ? 1 DT A "O3'"  10 
ATOM 1141 C "C2'"  . DT A 1 1 ? 0.314  -5.418 1.502  1.00 0.00 ? 1 DT A "C2'"  10 
ATOM 1142 C "C1'"  . DT A 1 1 ? -1.071 -6.120 1.653  1.00 0.00 ? 1 DT A "C1'"  10 
ATOM 1143 N N1     . DT A 1 1 ? -1.715 -5.670 2.868  1.00 0.00 ? 1 DT A N1     10 
ATOM 1144 C C2     . DT A 1 1 ? -2.839 -4.874 2.800  1.00 0.00 ? 1 DT A C2     10 
ATOM 1145 O O2     . DT A 1 1 ? -3.333 -4.520 1.732  1.00 0.00 ? 1 DT A O2     10 
ATOM 1146 N N3     . DT A 1 1 ? -3.375 -4.500 4.019  1.00 0.00 ? 1 DT A N3     10 
ATOM 1147 C C4     . DT A 1 1 ? -2.879 -4.856 5.266  1.00 0.00 ? 1 DT A C4     10 
ATOM 1148 O O4     . DT A 1 1 ? -3.430 -4.470 6.296  1.00 0.00 ? 1 DT A O4     10 
ATOM 1149 C C5     . DT A 1 1 ? -1.699 -5.692 5.207  1.00 0.00 ? 1 DT A C5     10 
ATOM 1150 C C7     . DT A 1 1 ? -1.042 -6.164 6.503  1.00 0.00 ? 1 DT A C7     10 
ATOM 1151 C C6     . DT A 1 1 ? -1.178 -6.055 4.017  1.00 0.00 ? 1 DT A C6     10 
ATOM 1152 H "H5'"  . DT A 1 1 ? 0.650  -9.638 2.422  1.00 0.00 ? 1 DT A "H5'"  10 
ATOM 1153 H "H5''" . DT A 1 1 ? 2.205  -8.954 1.907  1.00 0.00 ? 1 DT A "H5''" 10 
ATOM 1154 H "H4'"  . DT A 1 1 ? 0.414  -8.360 0.305  1.00 0.00 ? 1 DT A "H4'"  10 
ATOM 1155 H "H3'"  . DT A 1 1 ? 2.193  -6.578 1.682  1.00 0.00 ? 1 DT A "H3'"  10 
ATOM 1156 H "H2'"  . DT A 1 1 ? 0.632  -4.946 2.503  1.00 0.00 ? 1 DT A "H2'"  10 
ATOM 1157 H "H2''" . DT A 1 1 ? 0.287  -4.654 0.692  1.00 0.00 ? 1 DT A "H2''" 10 
ATOM 1158 H "H1'"  . DT A 1 1 ? -1.735 -5.949 0.808  1.00 0.00 ? 1 DT A "H1'"  10 
ATOM 1159 H H3     . DT A 1 1 ? -4.198 -3.915 4.002  1.00 0.00 ? 1 DT A H3     10 
ATOM 1160 H H71    . DT A 1 1 ? -0.621 -5.307 7.030  1.00 0.00 ? 1 DT A H71    10 
ATOM 1161 H H72    . DT A 1 1 ? -0.248 -6.873 6.272  1.00 0.00 ? 1 DT A H72    10 
ATOM 1162 H H73    . DT A 1 1 ? -1.789 -6.647 7.135  1.00 0.00 ? 1 DT A H73    10 
ATOM 1163 H H6     . DT A 1 1 ? -0.297 -6.679 3.950  1.00 0.00 ? 1 DT A H6     10 
ATOM 1164 H "HO5'" . DT A 1 1 ? 1.571  -7.135 3.358  1.00 0.00 ? 1 DT A "HO5'" 10 
ATOM 1165 P P      . DA A 1 2 ? 3.039  -5.846 -0.753 1.00 0.00 ? 2 DA A P      10 
ATOM 1166 O OP1    . DA A 1 2 ? 3.386  -6.469 -2.050 1.00 0.00 ? 2 DA A OP1    10 
ATOM 1167 O OP2    . DA A 1 2 ? 3.960  -5.976 0.398  1.00 0.00 ? 2 DA A OP2    10 
ATOM 1168 O "O5'"  . DA A 1 2 ? 2.766  -4.280 -1.005 1.00 0.00 ? 2 DA A "O5'"  10 
ATOM 1169 C "C5'"  . DA A 1 2 ? 1.508  -3.834 -1.521 1.00 0.00 ? 2 DA A "C5'"  10 
ATOM 1170 C "C4'"  . DA A 1 2 ? 0.932  -2.690 -0.686 1.00 0.00 ? 2 DA A "C4'"  10 
ATOM 1171 O "O4'"  . DA A 1 2 ? 0.934  -3.063 0.679  1.00 0.00 ? 2 DA A "O4'"  10 
ATOM 1172 C "C3'"  . DA A 1 2 ? 1.805  -1.474 -0.857 1.00 0.00 ? 2 DA A "C3'"  10 
ATOM 1173 O "O3'"  . DA A 1 2 ? 1.041  -0.418 -1.450 1.00 0.00 ? 2 DA A "O3'"  10 
ATOM 1174 C "C2'"  . DA A 1 2 ? 2.237  -1.047 0.555  1.00 0.00 ? 2 DA A "C2'"  10 
ATOM 1175 C "C1'"  . DA A 1 2 ? 1.593  -2.082 1.478  1.00 0.00 ? 2 DA A "C1'"  10 
ATOM 1176 N N9     . DA A 1 2 ? 2.610  -2.705 2.283  1.00 0.00 ? 2 DA A N9     10 
ATOM 1177 C C8     . DA A 1 2 ? 3.753  -3.185 1.815  1.00 0.00 ? 2 DA A C8     10 
ATOM 1178 N N7     . DA A 1 2 ? 4.537  -3.714 2.713  1.00 0.00 ? 2 DA A N7     10 
ATOM 1179 C C5     . DA A 1 2 ? 3.810  -3.554 3.894  1.00 0.00 ? 2 DA A C5     10 
ATOM 1180 C C6     . DA A 1 2 ? 4.069  -3.900 5.231  1.00 0.00 ? 2 DA A C6     10 
ATOM 1181 N N6     . DA A 1 2 ? 5.188  -4.510 5.624  1.00 0.00 ? 2 DA A N6     10 
ATOM 1182 N N1     . DA A 1 2 ? 3.129  -3.590 6.139  1.00 0.00 ? 2 DA A N1     10 
ATOM 1183 C C2     . DA A 1 2 ? 2.015  -2.981 5.740  1.00 0.00 ? 2 DA A C2     10 
ATOM 1184 N N3     . DA A 1 2 ? 1.658  -2.607 4.520  1.00 0.00 ? 2 DA A N3     10 
ATOM 1185 C C4     . DA A 1 2 ? 2.621  -2.931 3.635  1.00 0.00 ? 2 DA A C4     10 
ATOM 1186 H "H5'"  . DA A 1 2 ? 0.806  -4.669 -1.515 1.00 0.00 ? 2 DA A "H5'"  10 
ATOM 1187 H "H5''" . DA A 1 2 ? 1.646  -3.493 -2.546 1.00 0.00 ? 2 DA A "H5''" 10 
ATOM 1188 H "H4'"  . DA A 1 2 ? -0.054 -2.456 -1.007 1.00 0.00 ? 2 DA A "H4'"  10 
ATOM 1189 H "H3'"  . DA A 1 2 ? 2.642  -1.736 -1.467 1.00 0.00 ? 2 DA A "H3'"  10 
ATOM 1190 H "H2'"  . DA A 1 2 ? 3.330  -1.027 0.665  1.00 0.00 ? 2 DA A "H2'"  10 
ATOM 1191 H "H2''" . DA A 1 2 ? 1.871  -0.068 0.800  1.00 0.00 ? 2 DA A "H2''" 10 
ATOM 1192 H "H1'"  . DA A 1 2 ? 0.876  -1.612 2.085  1.00 0.00 ? 2 DA A "H1'"  10 
ATOM 1193 H H8     . DA A 1 2 ? 3.980  -3.122 0.760  1.00 0.00 ? 2 DA A H8     10 
ATOM 1194 H H61    . DA A 1 2 ? 5.899  -4.746 4.947  1.00 0.00 ? 2 DA A H61    10 
ATOM 1195 H H62    . DA A 1 2 ? 5.323  -4.735 6.599  1.00 0.00 ? 2 DA A H62    10 
ATOM 1196 H H2     . DA A 1 2 ? 1.295  -2.759 6.527  1.00 0.00 ? 2 DA A H2     10 
ATOM 1197 P P      . DC A 1 3 ? 0.037  -0.657 -2.693 1.00 0.00 ? 3 DC A P      10 
ATOM 1198 O OP1    . DC A 1 3 ? -0.441 -2.058 -2.663 1.00 0.00 ? 3 DC A OP1    10 
ATOM 1199 O OP2    . DC A 1 3 ? 0.678  -0.123 -3.914 1.00 0.00 ? 3 DC A OP2    10 
ATOM 1200 O "O5'"  . DC A 1 3 ? -1.200 0.305  -2.310 1.00 0.00 ? 3 DC A "O5'"  10 
ATOM 1201 C "C5'"  . DC A 1 3 ? -1.877 0.158  -1.054 1.00 0.00 ? 3 DC A "C5'"  10 
ATOM 1202 C "C4'"  . DC A 1 3 ? -1.681 1.378  -0.150 1.00 0.00 ? 3 DC A "C4'"  10 
ATOM 1203 O "O4'"  . DC A 1 3 ? -0.362 1.386  0.362  1.00 0.00 ? 3 DC A "O4'"  10 
ATOM 1204 C "C3'"  . DC A 1 3 ? -1.874 2.636  -0.976 1.00 0.00 ? 3 DC A "C3'"  10 
ATOM 1205 O "O3'"  . DC A 1 3 ? -3.043 3.318  -0.514 1.00 0.00 ? 3 DC A "O3'"  10 
ATOM 1206 C "C2'"  . DC A 1 3 ? -0.648 3.509  -0.708 1.00 0.00 ? 3 DC A "C2'"  10 
ATOM 1207 C "C1'"  . DC A 1 3 ? 0.201  2.694  0.280  1.00 0.00 ? 3 DC A "C1'"  10 
ATOM 1208 N N1     . DC A 1 3 ? 1.559  2.584  -0.207 1.00 0.00 ? 3 DC A N1     10 
ATOM 1209 C C2     . DC A 1 3 ? 2.606  3.119  0.520  1.00 0.00 ? 3 DC A C2     10 
ATOM 1210 O O2     . DC A 1 3 ? 2.389  3.754  1.549  1.00 0.00 ? 3 DC A O2     10 
ATOM 1211 N N3     . DC A 1 3 ? 3.871  2.909  0.052  1.00 0.00 ? 3 DC A N3     10 
ATOM 1212 C C4     . DC A 1 3 ? 4.072  2.206  -1.077 1.00 0.00 ? 3 DC A C4     10 
ATOM 1213 N N4     . DC A 1 3 ? 5.316  2.010  -1.516 1.00 0.00 ? 3 DC A N4     10 
ATOM 1214 C C5     . DC A 1 3 ? 2.964  1.667  -1.810 1.00 0.00 ? 3 DC A C5     10 
ATOM 1215 C C6     . DC A 1 3 ? 1.744  1.896  -1.328 1.00 0.00 ? 3 DC A C6     10 
ATOM 1216 H "H5'"  . DC A 1 3 ? -1.489 -0.725 -0.545 1.00 0.00 ? 3 DC A "H5'"  10 
ATOM 1217 H "H5''" . DC A 1 3 ? -2.943 0.021  -1.239 1.00 0.00 ? 3 DC A "H5''" 10 
ATOM 1218 H "H4'"  . DC A 1 3 ? -2.383 1.366  0.662  1.00 0.00 ? 3 DC A "H4'"  10 
ATOM 1219 H "H3'"  . DC A 1 3 ? -1.965 2.386  -2.019 1.00 0.00 ? 3 DC A "H3'"  10 
ATOM 1220 H "H2'"  . DC A 1 3 ? -0.057 3.695  -1.647 1.00 0.00 ? 3 DC A "H2'"  10 
ATOM 1221 H "H2''" . DC A 1 3 ? -0.975 4.459  -0.256 1.00 0.00 ? 3 DC A "H2''" 10 
ATOM 1222 H "H1'"  . DC A 1 3 ? 0.189  3.134  1.252  1.00 0.00 ? 3 DC A "H1'"  10 
ATOM 1223 H H41    . DC A 1 3 ? 6.097  2.389  -1.001 1.00 0.00 ? 3 DC A H41    10 
ATOM 1224 H H42    . DC A 1 3 ? 5.476  1.482  -2.360 1.00 0.00 ? 3 DC A H42    10 
ATOM 1225 H H5     . DC A 1 3 ? 3.102  1.050  -2.692 1.00 0.00 ? 3 DC A H5     10 
ATOM 1226 H H6     . DC A 1 3 ? 0.866  1.527  -1.849 1.00 0.00 ? 3 DC A H6     10 
ATOM 1227 P P      . DG A 1 4 ? -3.446 4.753  -1.123 1.00 0.00 ? 4 DG A P      10 
ATOM 1228 O OP1    . DG A 1 4 ? -2.203 5.451  -1.523 1.00 0.00 ? 4 DG A OP1    10 
ATOM 1229 O OP2    . DG A 1 4 ? -4.391 5.405  -0.188 1.00 0.00 ? 4 DG A OP2    10 
ATOM 1230 O "O5'"  . DG A 1 4 ? -4.253 4.354  -2.457 1.00 0.00 ? 4 DG A "O5'"  10 
ATOM 1231 C "C5'"  . DG A 1 4 ? -5.663 4.566  -2.542 1.00 0.00 ? 4 DG A "C5'"  10 
ATOM 1232 C "C4'"  . DG A 1 4 ? -6.010 5.613  -3.598 1.00 0.00 ? 4 DG A "C4'"  10 
ATOM 1233 O "O4'"  . DG A 1 4 ? -5.667 6.905  -3.122 1.00 0.00 ? 4 DG A "O4'"  10 
ATOM 1234 C "C3'"  . DG A 1 4 ? -5.211 5.329  -4.847 1.00 0.00 ? 4 DG A "C3'"  10 
ATOM 1235 O "O3'"  . DG A 1 4 ? -6.041 4.742  -5.856 1.00 0.00 ? 4 DG A "O3'"  10 
ATOM 1236 C "C2'"  . DG A 1 4 ? -4.696 6.693  -5.297 1.00 0.00 ? 4 DG A "C2'"  10 
ATOM 1237 C "C1'"  . DG A 1 4 ? -4.990 7.642  -4.133 1.00 0.00 ? 4 DG A "C1'"  10 
ATOM 1238 N N9     . DG A 1 4 ? -3.762 8.137  -3.608 1.00 0.00 ? 4 DG A N9     10 
ATOM 1239 C C8     . DG A 1 4 ? -2.863 7.364  -3.096 1.00 0.00 ? 4 DG A C8     10 
ATOM 1240 N N7     . DG A 1 4 ? -1.787 7.957  -2.657 1.00 0.00 ? 4 DG A N7     10 
ATOM 1241 C C5     . DG A 1 4 ? -2.050 9.302  -2.936 1.00 0.00 ? 4 DG A C5     10 
ATOM 1242 C C6     . DG A 1 4 ? -1.269 10.466 -2.702 1.00 0.00 ? 4 DG A C6     10 
ATOM 1243 O O6     . DG A 1 4 ? -0.156 10.542 -2.187 1.00 0.00 ? 4 DG A O6     10 
ATOM 1244 N N1     . DG A 1 4 ? -1.922 11.610 -3.142 1.00 0.00 ? 4 DG A N1     10 
ATOM 1245 C C2     . DG A 1 4 ? -3.168 11.633 -3.733 1.00 0.00 ? 4 DG A C2     10 
ATOM 1246 N N2     . DG A 1 4 ? -3.626 12.833 -4.086 1.00 0.00 ? 4 DG A N2     10 
ATOM 1247 N N3     . DG A 1 4 ? -3.908 10.542 -3.955 1.00 0.00 ? 4 DG A N3     10 
ATOM 1248 C C4     . DG A 1 4 ? -3.284 9.418  -3.532 1.00 0.00 ? 4 DG A C4     10 
ATOM 1249 H "H5'"  . DG A 1 4 ? -6.032 4.900  -1.573 1.00 0.00 ? 4 DG A "H5'"  10 
ATOM 1250 H "H5''" . DG A 1 4 ? -6.149 3.625  -2.802 1.00 0.00 ? 4 DG A "H5''" 10 
ATOM 1251 H "H4'"  . DG A 1 4 ? -7.043 5.584  -3.834 1.00 0.00 ? 4 DG A "H4'"  10 
ATOM 1252 H "H3'"  . DG A 1 4 ? -4.394 4.664  -4.606 1.00 0.00 ? 4 DG A "H3'"  10 
ATOM 1253 H "HO3'" . DG A 1 4 ? -6.156 3.817  -5.628 1.00 0.00 ? 4 DG A "HO3'" 10 
ATOM 1254 H "H2'"  . DG A 1 4 ? -3.593 6.671  -5.493 1.00 0.00 ? 4 DG A "H2'"  10 
ATOM 1255 H "H2''" . DG A 1 4 ? -5.252 7.006  -6.192 1.00 0.00 ? 4 DG A "H2''" 10 
ATOM 1256 H "H1'"  . DG A 1 4 ? -5.580 8.431  -4.437 1.00 0.00 ? 4 DG A "H1'"  10 
ATOM 1257 H H8     . DG A 1 4 ? -3.057 6.314  -3.066 1.00 0.00 ? 4 DG A H8     10 
ATOM 1258 H H1     . DG A 1 4 ? -1.436 12.486 -3.014 1.00 0.00 ? 4 DG A H1     10 
ATOM 1259 H H21    . DG A 1 4 ? -3.067 13.658 -3.917 1.00 0.00 ? 4 DG A H21    10 
ATOM 1260 H H22    . DG A 1 4 ? -4.533 12.919 -4.524 1.00 0.00 ? 4 DG A H22    10 
# 
